data_8P1S
#
_entry.id   8P1S
#
_cell.length_a   89.058
_cell.length_b   142.765
_cell.length_c   167.202
_cell.angle_alpha   90.000
_cell.angle_beta   90.000
_cell.angle_gamma   90.000
#
_symmetry.space_group_name_H-M   'P 21 21 21'
#
loop_
_entity.id
_entity.type
_entity.pdbx_description
1 polymer 'Bifidobacterium asteroides alpha-L-fucosidase (TT1819)'
2 non-polymer 1,2-ETHANEDIOL
3 non-polymer alpha-L-fucopyranose
4 non-polymer 2-AMINO-2-HYDROXYMETHYL-PROPANE-1,3-DIOL
5 non-polymer IMIDAZOLE
6 non-polymer GLYCEROL
7 water water
#
_entity_poly.entity_id   1
_entity_poly.type   'polypeptide(L)'
_entity_poly.pdbx_seq_one_letter_code
;MSDTVEWFKQAKYGMMIHWGLYSLLGGEYQGKSSSNYAEWVQSKLQIPNKEYERLTQAFNPIYFDADAIIDLAKRCGMQY
LVVTTKHHDGFAMYRSLVDPYNVYDATPFHRDVIGELSLACRKAGLRFGLYYSQDLDWHEPDGGGYLSNDIETAGTTWDN
SWDFTGEKNYDRAFKHKIMPQIEEIMSNYGEISVAWFDVPMTLSDEQSQTIYDTVKRLQPDCLINSRLGNGRYDYVSLGD
NEIPEDSDASDKATSDGNVDYNSIEGFKPSKLGLYETAGTINDSWGFAYHDQNWKSPQTIHDYKAHLNKYGINYLLNVGL
DGLGRVPMAAEQALLGARALEA
;
_entity_poly.pdbx_strand_id   A,B,C,D,E,F
#
loop_
_chem_comp.id
_chem_comp.type
_chem_comp.name
_chem_comp.formula
EDO non-polymer 1,2-ETHANEDIOL 'C2 H6 O2'
FUC L-saccharide, alpha linking alpha-L-fucopyranose 'C6 H12 O5'
GOL non-polymer GLYCEROL 'C3 H8 O3'
IMD non-polymer IMIDAZOLE 'C3 H5 N2 1'
TRS non-polymer 2-AMINO-2-HYDROXYMETHYL-PROPANE-1,3-DIOL 'C4 H12 N O3 1'
#
# COMPACT_ATOMS: atom_id res chain seq x y z
N SER A 2 -25.02 44.49 -4.88
CA SER A 2 -24.01 43.43 -5.13
C SER A 2 -24.25 42.71 -6.47
N ASP A 3 -23.14 42.25 -7.08
CA ASP A 3 -23.23 41.46 -8.29
C ASP A 3 -23.85 40.11 -7.95
N THR A 4 -23.44 39.50 -6.84
CA THR A 4 -23.91 38.19 -6.43
C THR A 4 -25.42 38.24 -6.23
N VAL A 5 -25.94 39.32 -5.64
CA VAL A 5 -27.37 39.42 -5.38
C VAL A 5 -28.13 39.45 -6.71
N GLU A 6 -27.72 40.30 -7.66
CA GLU A 6 -28.40 40.35 -8.96
C GLU A 6 -28.25 38.99 -9.68
N TRP A 7 -27.06 38.39 -9.61
CA TRP A 7 -26.84 37.11 -10.28
C TRP A 7 -27.79 36.03 -9.70
N PHE A 8 -27.92 35.94 -8.39
CA PHE A 8 -28.67 34.85 -7.76
C PHE A 8 -30.15 34.96 -8.06
N LYS A 9 -30.63 36.18 -8.10
CA LYS A 9 -32.03 36.45 -8.37
C LYS A 9 -32.38 35.90 -9.74
N GLN A 10 -31.46 35.88 -10.71
CA GLN A 10 -31.81 35.46 -12.07
C GLN A 10 -31.22 34.06 -12.31
N ALA A 11 -30.54 33.45 -11.32
CA ALA A 11 -29.83 32.19 -11.54
C ALA A 11 -30.81 31.04 -11.83
N LYS A 12 -31.93 30.98 -11.08
CA LYS A 12 -33.05 30.06 -11.38
C LYS A 12 -32.83 28.61 -10.95
N TYR A 13 -31.66 28.04 -11.25
CA TYR A 13 -31.48 26.59 -11.32
C TYR A 13 -30.04 26.26 -10.98
N GLY A 14 -29.86 25.46 -9.94
CA GLY A 14 -28.55 24.94 -9.60
C GLY A 14 -28.58 23.44 -9.30
N MET A 15 -27.36 22.86 -9.22
CA MET A 15 -27.18 21.47 -8.85
C MET A 15 -26.63 21.44 -7.42
N MET A 16 -27.22 20.59 -6.59
CA MET A 16 -26.68 20.25 -5.31
C MET A 16 -26.07 18.84 -5.36
N ILE A 17 -25.00 18.61 -4.57
CA ILE A 17 -24.36 17.28 -4.50
C ILE A 17 -24.26 16.92 -3.03
N HIS A 18 -24.84 15.76 -2.72
CA HIS A 18 -24.58 15.08 -1.44
C HIS A 18 -23.72 13.87 -1.76
N TRP A 19 -22.58 13.78 -1.08
CA TRP A 19 -21.69 12.64 -1.26
C TRP A 19 -20.82 12.49 0.00
N GLY A 20 -20.78 11.27 0.50
CA GLY A 20 -19.96 10.94 1.66
C GLY A 20 -19.86 9.43 1.88
N LEU A 21 -19.39 9.08 3.11
CA LEU A 21 -19.31 7.70 3.49
C LEU A 21 -20.69 7.04 3.42
N TYR A 22 -21.71 7.83 3.77
CA TYR A 22 -23.09 7.30 3.82
C TYR A 22 -23.51 6.77 2.45
N SER A 23 -22.97 7.34 1.36
CA SER A 23 -23.32 6.97 0.01
C SER A 23 -22.95 5.49 -0.29
N LEU A 24 -21.88 4.96 0.35
CA LEU A 24 -21.50 3.57 0.21
C LEU A 24 -22.58 2.69 0.83
N LEU A 25 -23.11 3.06 2.03
CA LEU A 25 -24.09 2.20 2.65
C LEU A 25 -25.42 2.22 1.88
N GLY A 26 -25.69 3.36 1.26
CA GLY A 26 -26.82 3.46 0.37
C GLY A 26 -28.16 3.19 1.02
N GLY A 27 -28.32 3.44 2.31
CA GLY A 27 -29.61 3.38 2.94
C GLY A 27 -29.80 2.15 3.79
N GLU A 28 -28.76 1.31 3.91
CA GLU A 28 -28.87 0.06 4.65
C GLU A 28 -27.61 -0.21 5.42
N TYR A 29 -27.73 -0.88 6.58
CA TYR A 29 -26.59 -1.23 7.39
C TYR A 29 -26.96 -2.43 8.23
N GLN A 30 -26.18 -3.50 8.05
CA GLN A 30 -26.39 -4.74 8.79
C GLN A 30 -27.83 -5.21 8.78
N GLY A 31 -28.43 -5.18 7.61
CA GLY A 31 -29.73 -5.78 7.45
C GLY A 31 -30.88 -4.83 7.83
N LYS A 32 -30.60 -3.57 8.19
CA LYS A 32 -31.59 -2.62 8.63
C LYS A 32 -31.51 -1.36 7.78
N SER A 33 -32.62 -0.67 7.75
CA SER A 33 -32.92 0.39 6.84
C SER A 33 -32.70 1.78 7.46
N SER A 34 -32.15 2.74 6.68
N SER A 34 -32.16 2.73 6.68
CA SER A 34 -32.40 4.12 7.08
CA SER A 34 -32.35 4.14 6.95
C SER A 34 -33.77 4.52 6.57
C SER A 34 -33.79 4.50 6.60
N SER A 35 -34.23 5.71 6.92
CA SER A 35 -35.52 6.21 6.41
C SER A 35 -35.35 6.54 4.89
N ASN A 36 -36.12 7.45 4.32
CA ASN A 36 -35.73 7.81 2.96
C ASN A 36 -34.55 8.77 2.99
N TYR A 37 -33.94 8.94 4.17
CA TYR A 37 -32.79 9.78 4.39
C TYR A 37 -31.55 8.90 4.62
N ALA A 38 -30.91 8.48 3.53
CA ALA A 38 -29.76 7.58 3.61
C ALA A 38 -28.56 8.21 4.29
N GLU A 39 -28.42 9.54 4.15
CA GLU A 39 -27.36 10.30 4.80
C GLU A 39 -27.51 10.34 6.33
N TRP A 40 -28.69 9.98 6.86
CA TRP A 40 -28.94 9.92 8.30
C TRP A 40 -28.70 8.54 8.90
N VAL A 41 -28.18 7.58 8.09
CA VAL A 41 -28.11 6.18 8.54
C VAL A 41 -27.30 6.08 9.86
N GLN A 42 -26.24 6.86 10.03
CA GLN A 42 -25.47 6.71 11.27
C GLN A 42 -26.32 6.98 12.53
N SER A 43 -27.22 7.99 12.44
CA SER A 43 -28.07 8.29 13.59
C SER A 43 -29.20 7.27 13.67
N LYS A 44 -29.83 7.03 12.52
CA LYS A 44 -30.96 6.11 12.47
C LYS A 44 -30.64 4.76 13.08
N LEU A 45 -29.40 4.25 12.86
CA LEU A 45 -29.06 2.95 13.40
C LEU A 45 -28.01 3.06 14.48
N GLN A 46 -27.70 4.26 14.98
CA GLN A 46 -26.71 4.44 16.05
C GLN A 46 -25.42 3.66 15.78
N ILE A 47 -24.81 3.92 14.63
CA ILE A 47 -23.58 3.21 14.23
C ILE A 47 -22.45 3.85 15.03
N PRO A 48 -21.74 3.10 15.89
CA PRO A 48 -20.60 3.68 16.59
C PRO A 48 -19.62 4.25 15.56
N ASN A 49 -18.99 5.39 15.93
CA ASN A 49 -17.94 5.98 15.11
C ASN A 49 -16.89 4.94 14.70
N LYS A 50 -16.49 4.10 15.63
CA LYS A 50 -15.45 3.12 15.37
C LYS A 50 -15.85 2.19 14.21
N GLU A 51 -17.14 1.85 14.09
CA GLU A 51 -17.63 0.99 13.01
C GLU A 51 -17.80 1.80 11.72
N TYR A 52 -18.34 3.01 11.84
CA TYR A 52 -18.67 3.81 10.69
C TYR A 52 -17.39 4.20 9.97
N GLU A 53 -16.34 4.46 10.72
CA GLU A 53 -15.05 4.84 10.14
C GLU A 53 -14.47 3.76 9.20
N ARG A 54 -14.88 2.50 9.36
CA ARG A 54 -14.38 1.43 8.51
C ARG A 54 -14.72 1.73 7.04
N LEU A 55 -15.76 2.53 6.78
CA LEU A 55 -16.18 2.84 5.43
C LEU A 55 -15.07 3.55 4.65
N THR A 56 -14.17 4.25 5.35
CA THR A 56 -13.10 4.95 4.67
C THR A 56 -12.29 3.95 3.83
N GLN A 57 -12.18 2.70 4.29
CA GLN A 57 -11.35 1.74 3.60
C GLN A 57 -11.99 1.27 2.28
N ALA A 58 -13.31 1.44 2.16
CA ALA A 58 -14.01 1.03 0.96
C ALA A 58 -14.19 2.21 0.01
N PHE A 59 -13.72 3.43 0.38
CA PHE A 59 -13.98 4.63 -0.41
C PHE A 59 -12.90 4.84 -1.48
N ASN A 60 -13.17 4.27 -2.66
CA ASN A 60 -12.27 4.38 -3.81
C ASN A 60 -13.10 4.53 -5.09
N PRO A 61 -13.76 5.69 -5.22
CA PRO A 61 -14.71 5.91 -6.30
C PRO A 61 -14.04 6.22 -7.63
N ILE A 62 -13.73 5.13 -8.33
CA ILE A 62 -12.91 5.24 -9.53
C ILE A 62 -13.62 6.00 -10.64
N TYR A 63 -14.94 6.17 -10.63
CA TYR A 63 -15.66 6.85 -11.70
C TYR A 63 -15.94 8.30 -11.38
N PHE A 64 -15.48 8.81 -10.24
CA PHE A 64 -15.69 10.23 -9.93
C PHE A 64 -15.00 11.10 -10.97
N ASP A 65 -15.76 12.01 -11.57
CA ASP A 65 -15.18 12.90 -12.57
C ASP A 65 -15.84 14.29 -12.45
N ALA A 66 -15.15 15.22 -11.79
CA ALA A 66 -15.75 16.52 -11.47
C ALA A 66 -16.08 17.28 -12.76
N ASP A 67 -15.20 17.21 -13.78
CA ASP A 67 -15.53 17.85 -15.04
C ASP A 67 -16.81 17.31 -15.64
N ALA A 68 -17.01 15.98 -15.58
CA ALA A 68 -18.20 15.43 -16.25
C ALA A 68 -19.46 15.80 -15.47
N ILE A 69 -19.36 15.87 -14.13
CA ILE A 69 -20.51 16.31 -13.35
C ILE A 69 -20.90 17.74 -13.66
N ILE A 70 -19.91 18.63 -13.68
CA ILE A 70 -20.15 20.02 -13.99
C ILE A 70 -20.71 20.16 -15.40
N ASP A 71 -20.22 19.36 -16.33
CA ASP A 71 -20.66 19.48 -17.72
C ASP A 71 -22.13 19.08 -17.83
N LEU A 72 -22.55 18.08 -17.05
CA LEU A 72 -23.98 17.73 -17.03
C LEU A 72 -24.79 18.92 -16.50
N ALA A 73 -24.40 19.46 -15.35
CA ALA A 73 -25.02 20.64 -14.78
C ALA A 73 -25.17 21.73 -15.84
N LYS A 74 -24.06 21.99 -16.52
CA LYS A 74 -24.03 23.08 -17.49
C LYS A 74 -24.98 22.81 -18.64
N ARG A 75 -24.99 21.58 -19.18
CA ARG A 75 -25.88 21.27 -20.29
C ARG A 75 -27.36 21.36 -19.86
N CYS A 76 -27.67 21.20 -18.57
CA CYS A 76 -29.06 21.35 -18.11
C CYS A 76 -29.42 22.82 -17.83
N GLY A 77 -28.48 23.73 -18.01
CA GLY A 77 -28.72 25.16 -17.76
C GLY A 77 -28.55 25.53 -16.29
N MET A 78 -27.94 24.68 -15.47
CA MET A 78 -27.74 25.02 -14.09
C MET A 78 -26.60 26.03 -14.00
N GLN A 79 -26.72 27.05 -13.13
CA GLN A 79 -25.79 28.17 -13.09
C GLN A 79 -24.85 28.08 -11.91
N TYR A 80 -25.08 27.12 -11.01
CA TYR A 80 -24.27 27.03 -9.83
C TYR A 80 -24.36 25.61 -9.31
N LEU A 81 -23.38 25.27 -8.48
CA LEU A 81 -23.32 23.94 -7.88
C LEU A 81 -22.95 24.11 -6.41
N VAL A 82 -23.70 23.44 -5.53
CA VAL A 82 -23.49 23.48 -4.09
C VAL A 82 -23.16 22.05 -3.67
N VAL A 83 -22.03 21.84 -2.98
CA VAL A 83 -21.63 20.50 -2.59
C VAL A 83 -21.42 20.40 -1.07
N THR A 84 -21.78 19.24 -0.54
CA THR A 84 -21.51 18.90 0.85
C THR A 84 -19.99 18.81 1.16
N THR A 85 -19.44 19.79 1.89
CA THR A 85 -18.09 19.73 2.37
C THR A 85 -17.97 18.84 3.60
N LYS A 86 -19.05 18.79 4.37
CA LYS A 86 -19.09 18.00 5.61
C LYS A 86 -20.54 17.89 6.05
N HIS A 87 -21.07 16.69 6.14
CA HIS A 87 -22.48 16.52 6.51
C HIS A 87 -22.54 16.19 8.00
N HIS A 88 -23.69 15.71 8.50
CA HIS A 88 -23.89 15.54 9.91
C HIS A 88 -22.94 14.54 10.50
N ASP A 89 -22.50 13.54 9.71
CA ASP A 89 -21.60 12.49 10.21
C ASP A 89 -20.23 13.06 10.55
N GLY A 90 -19.92 14.29 10.11
CA GLY A 90 -18.70 15.00 10.50
C GLY A 90 -17.49 14.70 9.61
N PHE A 91 -17.69 13.87 8.58
CA PHE A 91 -16.64 13.48 7.67
C PHE A 91 -16.48 14.56 6.59
N ALA A 92 -15.25 15.12 6.53
CA ALA A 92 -15.00 16.17 5.56
C ALA A 92 -14.66 15.59 4.20
N MET A 93 -15.18 16.21 3.14
CA MET A 93 -14.91 15.82 1.75
C MET A 93 -13.86 16.69 1.10
N TYR A 94 -12.96 17.25 1.91
CA TYR A 94 -11.87 18.09 1.46
C TYR A 94 -10.68 17.82 2.38
N ARG A 95 -9.50 18.32 2.01
CA ARG A 95 -8.31 18.17 2.86
C ARG A 95 -8.38 19.19 4.00
N SER A 96 -8.73 18.74 5.20
CA SER A 96 -8.83 19.52 6.40
C SER A 96 -7.60 19.29 7.24
N LEU A 97 -6.84 20.35 7.54
CA LEU A 97 -5.70 20.28 8.44
C LEU A 97 -6.19 20.19 9.90
N VAL A 98 -7.38 20.73 10.14
CA VAL A 98 -8.02 20.70 11.45
C VAL A 98 -8.39 19.30 11.87
N ASP A 99 -8.86 18.49 10.92
CA ASP A 99 -9.39 17.18 11.26
C ASP A 99 -9.06 16.15 10.17
N PRO A 100 -8.25 15.12 10.49
CA PRO A 100 -7.89 14.06 9.54
C PRO A 100 -9.00 13.09 9.16
N TYR A 101 -10.17 13.25 9.76
CA TYR A 101 -11.36 12.50 9.37
C TYR A 101 -11.95 13.15 8.13
N ASN A 102 -11.29 12.89 7.01
CA ASN A 102 -11.57 13.52 5.74
C ASN A 102 -11.16 12.61 4.59
N VAL A 103 -11.72 12.87 3.41
CA VAL A 103 -11.62 12.03 2.23
C VAL A 103 -10.19 11.99 1.66
N TYR A 104 -9.40 13.04 1.93
CA TYR A 104 -8.02 13.07 1.45
C TYR A 104 -7.10 12.19 2.31
N ASP A 105 -7.10 12.40 3.63
CA ASP A 105 -6.20 11.71 4.53
C ASP A 105 -6.64 10.27 4.84
N ALA A 106 -7.97 9.99 4.88
CA ALA A 106 -8.43 8.79 5.58
C ALA A 106 -8.83 7.66 4.60
N THR A 107 -8.83 7.90 3.30
CA THR A 107 -9.27 6.93 2.31
C THR A 107 -8.19 6.66 1.29
N PRO A 108 -8.26 5.49 0.62
CA PRO A 108 -7.31 5.19 -0.45
C PRO A 108 -7.51 6.15 -1.62
N PHE A 109 -8.65 6.82 -1.73
CA PHE A 109 -8.85 7.74 -2.84
C PHE A 109 -7.84 8.89 -2.76
N HIS A 110 -7.56 9.40 -1.57
CA HIS A 110 -6.49 10.40 -1.32
C HIS A 110 -6.58 11.57 -2.30
N ARG A 111 -7.78 12.11 -2.48
CA ARG A 111 -8.02 13.24 -3.34
C ARG A 111 -9.00 14.19 -2.68
N ASP A 112 -8.83 15.48 -2.98
CA ASP A 112 -9.64 16.57 -2.46
C ASP A 112 -10.83 16.78 -3.38
N VAL A 113 -11.98 16.20 -3.00
CA VAL A 113 -13.17 16.24 -3.83
C VAL A 113 -13.68 17.67 -4.04
N ILE A 114 -13.66 18.44 -2.93
CA ILE A 114 -14.08 19.83 -3.01
C ILE A 114 -13.18 20.62 -3.98
N GLY A 115 -11.86 20.42 -3.86
CA GLY A 115 -10.90 21.05 -4.74
C GLY A 115 -11.14 20.74 -6.20
N GLU A 116 -11.46 19.47 -6.50
CA GLU A 116 -11.67 19.08 -7.89
C GLU A 116 -12.97 19.71 -8.41
N LEU A 117 -14.00 19.76 -7.57
CA LEU A 117 -15.25 20.36 -8.04
C LEU A 117 -15.11 21.88 -8.25
N SER A 118 -14.35 22.53 -7.36
CA SER A 118 -14.10 23.97 -7.47
C SER A 118 -13.44 24.31 -8.80
N LEU A 119 -12.39 23.57 -9.11
CA LEU A 119 -11.65 23.81 -10.34
C LEU A 119 -12.52 23.55 -11.56
N ALA A 120 -13.35 22.48 -11.49
CA ALA A 120 -14.27 22.16 -12.59
C ALA A 120 -15.31 23.29 -12.80
N CYS A 121 -15.89 23.79 -11.70
CA CYS A 121 -16.85 24.89 -11.84
C CYS A 121 -16.22 26.11 -12.47
N ARG A 122 -15.02 26.44 -11.99
CA ARG A 122 -14.37 27.63 -12.50
C ARG A 122 -14.13 27.48 -14.02
N LYS A 123 -13.64 26.33 -14.49
CA LYS A 123 -13.34 26.30 -15.93
C LYS A 123 -14.61 26.38 -16.75
N ALA A 124 -15.72 25.83 -16.28
CA ALA A 124 -16.95 25.78 -17.07
C ALA A 124 -17.80 27.03 -16.90
N GLY A 125 -17.42 27.93 -15.99
CA GLY A 125 -18.18 29.16 -15.77
C GLY A 125 -19.33 28.97 -14.78
N LEU A 126 -19.38 27.94 -13.94
CA LEU A 126 -20.43 27.82 -12.96
C LEU A 126 -19.99 28.43 -11.65
N ARG A 127 -20.93 29.04 -10.92
CA ARG A 127 -20.61 29.49 -9.58
C ARG A 127 -20.63 28.29 -8.63
N PHE A 128 -19.88 28.45 -7.57
CA PHE A 128 -19.57 27.41 -6.63
C PHE A 128 -20.09 27.75 -5.24
N GLY A 129 -20.71 26.75 -4.60
CA GLY A 129 -21.23 26.88 -3.26
C GLY A 129 -20.94 25.66 -2.42
N LEU A 130 -20.95 25.88 -1.11
CA LEU A 130 -20.49 24.92 -0.15
C LEU A 130 -21.58 24.72 0.89
N TYR A 131 -21.95 23.45 1.09
CA TYR A 131 -22.76 23.01 2.21
C TYR A 131 -21.85 22.63 3.36
N TYR A 132 -22.21 23.02 4.59
CA TYR A 132 -21.45 22.63 5.76
C TYR A 132 -22.39 22.47 6.94
N SER A 133 -22.34 21.32 7.60
CA SER A 133 -23.14 21.07 8.82
C SER A 133 -22.48 21.74 10.01
N GLN A 134 -22.90 23.01 10.34
CA GLN A 134 -22.29 23.80 11.38
C GLN A 134 -22.72 23.38 12.78
N ASP A 135 -23.87 22.74 12.89
CA ASP A 135 -24.47 22.44 14.20
C ASP A 135 -24.28 20.96 14.55
N LEU A 136 -24.93 20.05 13.76
CA LEU A 136 -24.76 18.63 13.98
C LEU A 136 -23.38 18.14 13.51
N ASP A 137 -22.76 17.32 14.36
CA ASP A 137 -21.50 16.64 14.00
C ASP A 137 -21.37 15.41 14.88
N TRP A 138 -21.69 14.24 14.28
CA TRP A 138 -21.78 12.98 15.00
C TRP A 138 -20.39 12.43 15.35
N HIS A 139 -19.35 13.00 14.76
CA HIS A 139 -18.00 12.61 15.03
C HIS A 139 -17.43 13.39 16.21
N GLU A 140 -18.18 14.35 16.80
CA GLU A 140 -17.65 15.21 17.88
C GLU A 140 -18.50 15.04 19.14
N PRO A 141 -17.89 14.80 20.31
CA PRO A 141 -18.64 14.65 21.55
C PRO A 141 -19.50 15.87 21.87
N ASP A 142 -19.05 17.05 21.46
CA ASP A 142 -19.78 18.30 21.68
C ASP A 142 -20.55 18.76 20.45
N GLY A 143 -20.80 17.85 19.51
CA GLY A 143 -21.59 18.24 18.35
C GLY A 143 -23.00 18.60 18.78
N GLY A 144 -23.68 19.39 17.95
CA GLY A 144 -25.00 19.91 18.33
C GLY A 144 -26.10 18.84 18.29
N GLY A 145 -27.26 19.22 18.81
CA GLY A 145 -28.46 18.44 18.70
C GLY A 145 -28.99 17.94 20.04
N TYR A 146 -28.16 17.99 21.08
CA TYR A 146 -28.50 17.37 22.36
C TYR A 146 -29.59 18.12 23.10
N LEU A 147 -30.01 19.30 22.63
CA LEU A 147 -31.12 20.00 23.28
C LEU A 147 -32.43 19.76 22.53
N SER A 148 -32.44 18.97 21.46
CA SER A 148 -33.55 18.97 20.50
C SER A 148 -34.24 17.61 20.40
N ASN A 149 -33.96 16.66 21.29
CA ASN A 149 -34.37 15.28 21.08
C ASN A 149 -35.85 15.04 21.43
N ASP A 150 -36.59 16.09 21.78
CA ASP A 150 -38.04 16.02 21.83
C ASP A 150 -38.63 16.19 20.41
N ILE A 151 -37.84 16.61 19.42
CA ILE A 151 -38.34 16.84 18.05
C ILE A 151 -37.89 15.64 17.21
N GLU A 152 -38.81 14.99 16.47
CA GLU A 152 -38.56 13.78 15.68
C GLU A 152 -37.55 14.09 14.57
N THR A 153 -36.65 13.11 14.25
CA THR A 153 -35.67 13.30 13.20
C THR A 153 -35.81 12.18 12.15
N ALA A 154 -35.04 12.28 11.07
CA ALA A 154 -34.88 11.16 10.13
C ALA A 154 -34.06 9.99 10.69
N GLY A 155 -33.45 10.22 11.87
CA GLY A 155 -32.56 9.30 12.55
C GLY A 155 -33.18 8.89 13.88
N THR A 156 -32.37 8.81 14.93
CA THR A 156 -32.86 8.67 16.31
C THR A 156 -32.78 10.07 16.96
N THR A 157 -31.64 10.36 17.59
CA THR A 157 -31.34 11.68 18.14
C THR A 157 -30.63 12.55 17.10
N TRP A 158 -30.70 13.85 17.33
CA TRP A 158 -30.04 14.80 16.45
C TRP A 158 -28.51 14.74 16.64
N ASP A 159 -28.07 14.50 17.91
CA ASP A 159 -26.66 14.35 18.23
C ASP A 159 -26.26 12.88 18.19
N ASN A 160 -24.94 12.69 18.27
CA ASN A 160 -24.42 11.36 18.57
C ASN A 160 -24.56 11.15 20.08
N SER A 161 -25.63 10.44 20.46
CA SER A 161 -25.95 10.13 21.83
C SER A 161 -25.58 8.72 22.21
N TRP A 162 -24.88 7.97 21.32
CA TRP A 162 -24.60 6.55 21.60
C TRP A 162 -23.12 6.41 21.90
N ASP A 163 -22.22 7.02 21.14
CA ASP A 163 -20.81 7.04 21.53
C ASP A 163 -20.50 8.03 22.65
N PHE A 164 -21.27 9.12 22.74
CA PHE A 164 -21.02 10.23 23.66
C PHE A 164 -22.26 10.44 24.54
N THR A 165 -22.14 10.05 25.79
CA THR A 165 -23.30 10.06 26.66
C THR A 165 -23.09 10.97 27.86
N GLY A 166 -22.03 11.80 27.88
CA GLY A 166 -21.71 12.61 29.05
C GLY A 166 -22.23 14.05 28.94
N GLU A 167 -21.66 14.95 29.75
CA GLU A 167 -21.92 16.37 29.66
C GLU A 167 -21.39 16.88 28.29
N LYS A 168 -22.17 17.76 27.67
CA LYS A 168 -21.98 18.22 26.32
C LYS A 168 -22.07 19.74 26.31
N ASN A 169 -21.20 20.37 25.50
CA ASN A 169 -21.24 21.80 25.35
C ASN A 169 -20.79 22.15 23.96
N TYR A 170 -21.76 22.53 23.11
CA TYR A 170 -21.50 22.90 21.73
C TYR A 170 -20.39 23.93 21.58
N ASP A 171 -20.26 24.83 22.56
CA ASP A 171 -19.24 25.88 22.50
C ASP A 171 -17.86 25.29 22.16
N ARG A 172 -17.54 24.09 22.67
CA ARG A 172 -16.21 23.52 22.45
C ARG A 172 -16.04 23.07 21.01
N ALA A 173 -17.05 22.41 20.44
CA ALA A 173 -16.96 21.97 19.06
C ALA A 173 -16.98 23.18 18.13
N PHE A 174 -17.75 24.21 18.53
CA PHE A 174 -17.82 25.42 17.74
C PHE A 174 -16.41 25.98 17.60
N LYS A 175 -15.71 26.05 18.72
CA LYS A 175 -14.40 26.69 18.73
C LYS A 175 -13.34 25.81 18.03
N HIS A 176 -13.32 24.50 18.28
CA HIS A 176 -12.21 23.63 17.90
C HIS A 176 -12.43 22.96 16.55
N LYS A 177 -13.67 22.80 16.09
CA LYS A 177 -13.86 22.21 14.76
C LYS A 177 -14.67 23.07 13.79
N ILE A 178 -15.84 23.58 14.23
CA ILE A 178 -16.75 24.21 13.29
C ILE A 178 -16.10 25.46 12.69
N MET A 179 -15.66 26.40 13.55
CA MET A 179 -15.13 27.65 13.05
C MET A 179 -13.85 27.38 12.25
N PRO A 180 -12.87 26.57 12.73
CA PRO A 180 -11.65 26.31 11.95
C PRO A 180 -11.96 25.71 10.58
N GLN A 181 -12.95 24.83 10.50
CA GLN A 181 -13.23 24.21 9.21
C GLN A 181 -13.91 25.19 8.28
N ILE A 182 -14.81 26.05 8.81
CA ILE A 182 -15.46 27.04 7.94
C ILE A 182 -14.39 27.98 7.38
N GLU A 183 -13.36 28.28 8.21
CA GLU A 183 -12.27 29.07 7.70
C GLU A 183 -11.51 28.36 6.58
N GLU A 184 -11.24 27.05 6.75
CA GLU A 184 -10.61 26.28 5.68
C GLU A 184 -11.39 26.37 4.36
N ILE A 185 -12.70 26.07 4.39
CA ILE A 185 -13.43 25.90 3.15
C ILE A 185 -13.64 27.26 2.51
N MET A 186 -13.70 28.35 3.30
CA MET A 186 -13.92 29.69 2.77
C MET A 186 -12.60 30.37 2.38
N SER A 187 -11.45 29.71 2.59
CA SER A 187 -10.14 30.20 2.23
C SER A 187 -9.48 29.47 1.08
N ASN A 188 -9.76 28.16 0.91
CA ASN A 188 -8.89 27.34 0.09
C ASN A 188 -9.47 26.91 -1.25
N TYR A 189 -10.69 27.35 -1.62
CA TYR A 189 -11.37 26.81 -2.78
C TYR A 189 -11.83 27.90 -3.72
N GLY A 190 -11.16 29.07 -3.68
CA GLY A 190 -11.50 30.19 -4.55
C GLY A 190 -12.79 30.91 -4.08
N GLU A 191 -13.40 31.63 -4.98
CA GLU A 191 -14.59 32.41 -4.71
C GLU A 191 -15.79 31.54 -4.47
N ILE A 192 -16.47 31.79 -3.33
CA ILE A 192 -17.64 30.99 -2.96
C ILE A 192 -18.86 31.89 -3.08
N SER A 193 -19.88 31.47 -3.85
CA SER A 193 -21.05 32.31 -4.13
C SER A 193 -22.19 31.96 -3.18
N VAL A 194 -22.23 30.74 -2.66
CA VAL A 194 -23.29 30.34 -1.78
C VAL A 194 -22.71 29.58 -0.59
N ALA A 195 -23.20 29.88 0.63
CA ALA A 195 -22.91 29.10 1.81
C ALA A 195 -24.20 28.51 2.34
N TRP A 196 -24.26 27.16 2.37
CA TRP A 196 -25.46 26.43 2.67
C TRP A 196 -25.22 25.71 3.99
N PHE A 197 -25.78 26.28 5.03
CA PHE A 197 -25.73 25.74 6.39
C PHE A 197 -27.00 24.97 6.62
N ASP A 198 -27.15 24.34 7.80
CA ASP A 198 -28.26 23.42 7.97
C ASP A 198 -28.59 23.21 9.44
N VAL A 199 -29.85 22.83 9.65
CA VAL A 199 -30.43 22.41 10.93
C VAL A 199 -29.73 23.10 12.10
N PRO A 200 -30.07 24.41 12.31
CA PRO A 200 -29.48 25.18 13.43
C PRO A 200 -30.19 24.86 14.74
N MET A 201 -29.97 23.65 15.23
CA MET A 201 -30.71 23.15 16.40
C MET A 201 -30.13 23.70 17.70
N THR A 202 -28.87 24.15 17.74
CA THR A 202 -28.18 24.39 19.01
C THR A 202 -27.52 25.76 19.06
N LEU A 203 -26.88 26.24 17.97
CA LEU A 203 -25.99 27.37 18.07
C LEU A 203 -26.76 28.64 18.42
N SER A 204 -26.07 29.51 19.17
CA SER A 204 -26.65 30.76 19.65
C SER A 204 -26.66 31.79 18.52
N ASP A 205 -27.41 32.85 18.77
CA ASP A 205 -27.41 34.03 17.93
C ASP A 205 -25.98 34.52 17.69
N GLU A 206 -25.20 34.60 18.75
CA GLU A 206 -23.83 35.06 18.66
C GLU A 206 -22.98 34.13 17.80
N GLN A 207 -23.15 32.80 17.98
CA GLN A 207 -22.46 31.83 17.16
C GLN A 207 -22.86 31.97 15.69
N SER A 208 -24.17 32.10 15.40
CA SER A 208 -24.62 32.32 14.03
C SER A 208 -23.95 33.55 13.46
N GLN A 209 -23.92 34.62 14.25
CA GLN A 209 -23.35 35.88 13.80
C GLN A 209 -21.85 35.73 13.54
N THR A 210 -21.13 35.06 14.44
CA THR A 210 -19.70 34.86 14.28
C THR A 210 -19.43 34.11 12.97
N ILE A 211 -20.22 33.08 12.66
CA ILE A 211 -20.07 32.39 11.39
C ILE A 211 -20.33 33.35 10.21
N TYR A 212 -21.42 34.10 10.30
CA TYR A 212 -21.81 35.00 9.21
C TYR A 212 -20.66 35.96 8.93
N ASP A 213 -20.12 36.57 10.00
CA ASP A 213 -19.06 37.56 9.87
C ASP A 213 -17.75 36.93 9.37
N THR A 214 -17.45 35.69 9.77
CA THR A 214 -16.25 35.04 9.24
C THR A 214 -16.41 34.78 7.74
N VAL A 215 -17.57 34.28 7.36
CA VAL A 215 -17.78 33.98 5.96
C VAL A 215 -17.61 35.27 5.17
N LYS A 216 -18.18 36.39 5.64
CA LYS A 216 -18.10 37.63 4.88
C LYS A 216 -16.68 38.18 4.83
N ARG A 217 -15.94 38.07 5.93
CA ARG A 217 -14.56 38.50 5.93
C ARG A 217 -13.80 37.72 4.87
N LEU A 218 -13.97 36.40 4.75
CA LEU A 218 -13.19 35.59 3.81
C LEU A 218 -13.79 35.63 2.40
N GLN A 219 -15.13 35.79 2.30
CA GLN A 219 -15.85 35.68 1.04
C GLN A 219 -16.89 36.79 0.98
N PRO A 220 -16.47 38.04 0.73
CA PRO A 220 -17.36 39.19 0.81
C PRO A 220 -18.62 39.06 -0.06
N ASP A 221 -18.57 38.30 -1.17
CA ASP A 221 -19.75 38.23 -2.02
C ASP A 221 -20.50 36.91 -1.86
N CYS A 222 -20.23 36.13 -0.84
CA CYS A 222 -20.92 34.89 -0.62
C CYS A 222 -22.29 35.13 -0.03
N LEU A 223 -23.33 34.51 -0.59
CA LEU A 223 -24.68 34.61 -0.07
C LEU A 223 -24.95 33.48 0.92
N ILE A 224 -25.42 33.82 2.12
CA ILE A 224 -25.58 32.81 3.17
C ILE A 224 -27.05 32.47 3.35
N ASN A 225 -27.39 31.20 3.45
CA ASN A 225 -28.81 30.79 3.54
C ASN A 225 -29.31 30.86 5.00
N SER A 226 -30.62 30.80 5.15
CA SER A 226 -31.36 31.06 6.37
C SER A 226 -31.10 30.01 7.44
N ARG A 227 -30.60 28.82 7.06
CA ARG A 227 -30.38 27.76 8.00
C ARG A 227 -29.09 27.90 8.81
N LEU A 228 -28.34 28.98 8.61
CA LEU A 228 -27.29 29.36 9.55
C LEU A 228 -27.93 29.67 10.91
N GLY A 229 -29.23 30.04 10.86
CA GLY A 229 -30.03 30.22 12.04
C GLY A 229 -29.98 31.65 12.60
N ASN A 230 -30.93 31.89 13.49
CA ASN A 230 -31.05 33.10 14.32
C ASN A 230 -31.15 34.37 13.46
N GLY A 231 -31.66 34.24 12.24
CA GLY A 231 -31.86 35.39 11.36
C GLY A 231 -30.56 35.90 10.73
N ARG A 232 -29.45 35.11 10.75
CA ARG A 232 -28.19 35.63 10.23
C ARG A 232 -27.97 35.10 8.81
N TYR A 233 -28.52 35.82 7.80
CA TYR A 233 -28.57 35.20 6.47
C TYR A 233 -28.80 36.25 5.39
N ASP A 234 -28.46 35.92 4.15
CA ASP A 234 -28.79 36.81 3.04
C ASP A 234 -29.97 36.28 2.20
N TYR A 235 -30.25 34.96 2.20
CA TYR A 235 -31.38 34.45 1.46
C TYR A 235 -32.08 33.33 2.23
N VAL A 236 -33.34 33.08 1.81
CA VAL A 236 -34.22 32.15 2.50
C VAL A 236 -34.15 30.80 1.78
N SER A 237 -33.82 29.75 2.54
CA SER A 237 -34.02 28.39 2.08
C SER A 237 -35.38 27.97 2.57
N LEU A 238 -36.22 27.47 1.67
CA LEU A 238 -37.43 26.80 2.10
C LEU A 238 -37.12 25.42 2.69
N GLY A 239 -38.19 24.71 3.08
CA GLY A 239 -38.10 23.34 3.58
C GLY A 239 -37.57 22.35 2.52
N ASP A 240 -37.06 21.21 2.99
CA ASP A 240 -36.64 20.13 2.09
C ASP A 240 -37.73 19.78 1.10
N ASN A 241 -37.48 19.89 -0.21
CA ASN A 241 -38.50 19.53 -1.19
C ASN A 241 -39.75 20.38 -1.04
N GLU A 242 -39.67 21.56 -0.41
CA GLU A 242 -40.86 22.37 -0.26
C GLU A 242 -41.12 23.15 -1.54
N ILE A 243 -42.20 22.79 -2.20
CA ILE A 243 -42.70 23.46 -3.37
C ILE A 243 -43.96 24.17 -2.90
N PRO A 244 -43.92 25.50 -2.61
CA PRO A 244 -45.09 26.15 -2.01
C PRO A 244 -46.21 26.30 -3.04
N GLU A 245 -47.45 26.14 -2.54
CA GLU A 245 -48.66 26.52 -3.25
C GLU A 245 -48.50 27.88 -3.86
N ASP A 246 -49.24 28.15 -4.94
CA ASP A 246 -49.14 29.41 -5.69
C ASP A 246 -49.31 30.58 -4.74
N SER A 247 -50.34 30.62 -3.87
CA SER A 247 -50.57 31.84 -3.14
C SER A 247 -49.50 32.07 -2.06
N ASP A 248 -48.89 31.02 -1.50
CA ASP A 248 -47.79 31.24 -0.57
C ASP A 248 -46.54 31.71 -1.33
N ALA A 249 -46.28 31.15 -2.50
CA ALA A 249 -45.15 31.54 -3.35
C ALA A 249 -45.28 33.00 -3.79
N SER A 250 -46.52 33.44 -4.00
CA SER A 250 -46.88 34.76 -4.49
C SER A 250 -46.58 35.83 -3.45
N ASP A 251 -47.02 35.68 -2.17
CA ASP A 251 -46.76 36.74 -1.18
C ASP A 251 -45.70 36.40 -0.11
N LYS A 252 -45.37 35.15 0.30
CA LYS A 252 -44.18 34.80 1.09
C LYS A 252 -44.37 35.20 2.58
N VAL A 259 -42.59 33.98 13.38
CA VAL A 259 -41.45 33.32 12.65
C VAL A 259 -40.46 32.69 13.62
N ASP A 260 -40.20 31.40 13.46
CA ASP A 260 -39.08 30.76 14.14
C ASP A 260 -37.87 30.71 13.22
N TYR A 261 -36.84 31.51 13.49
CA TYR A 261 -35.66 31.65 12.63
C TYR A 261 -34.82 30.36 12.57
N ASN A 262 -35.06 29.46 13.53
CA ASN A 262 -34.38 28.20 13.61
C ASN A 262 -35.23 27.02 13.14
N SER A 263 -36.44 27.22 12.63
CA SER A 263 -37.13 26.13 11.92
C SER A 263 -36.67 26.12 10.44
N ILE A 264 -36.93 25.02 9.76
CA ILE A 264 -36.39 24.83 8.41
C ILE A 264 -37.49 24.92 7.35
N GLU A 265 -38.76 24.94 7.76
CA GLU A 265 -39.91 24.94 6.89
C GLU A 265 -40.49 26.34 6.75
N GLY A 266 -41.14 26.61 5.60
CA GLY A 266 -41.89 27.83 5.37
C GLY A 266 -41.02 29.03 5.03
N PHE A 267 -41.64 30.10 4.61
CA PHE A 267 -41.02 31.38 4.28
C PHE A 267 -40.50 32.08 5.54
N LYS A 268 -39.56 33.00 5.35
CA LYS A 268 -39.06 33.89 6.39
C LYS A 268 -38.81 35.18 5.62
N PRO A 269 -38.60 36.34 6.28
CA PRO A 269 -38.29 37.57 5.57
C PRO A 269 -36.99 37.48 4.76
N SER A 270 -37.01 38.14 3.59
CA SER A 270 -35.85 38.25 2.76
C SER A 270 -35.82 39.65 2.19
N LYS A 271 -35.09 40.53 2.87
CA LYS A 271 -35.02 41.93 2.49
C LYS A 271 -34.46 42.06 1.07
N LEU A 272 -33.63 41.15 0.57
CA LEU A 272 -33.13 41.33 -0.79
C LEU A 272 -34.00 40.56 -1.81
N GLY A 273 -35.09 39.93 -1.36
CA GLY A 273 -35.98 39.20 -2.27
C GLY A 273 -35.35 37.90 -2.82
N LEU A 274 -34.51 37.21 -2.05
CA LEU A 274 -33.89 35.99 -2.52
C LEU A 274 -34.46 34.77 -1.78
N TYR A 275 -34.80 33.75 -2.59
CA TYR A 275 -35.37 32.51 -2.09
C TYR A 275 -34.87 31.33 -2.93
N GLU A 276 -34.83 30.17 -2.28
CA GLU A 276 -34.39 28.94 -2.94
C GLU A 276 -35.04 27.74 -2.27
N THR A 277 -35.55 26.83 -3.11
CA THR A 277 -35.94 25.52 -2.67
C THR A 277 -34.91 24.51 -3.12
N ALA A 278 -34.36 23.79 -2.15
CA ALA A 278 -33.57 22.61 -2.47
C ALA A 278 -34.51 21.41 -2.49
N GLY A 279 -34.36 20.62 -3.55
CA GLY A 279 -35.12 19.39 -3.73
C GLY A 279 -34.23 18.21 -4.22
N THR A 280 -34.88 17.08 -4.33
CA THR A 280 -34.30 15.83 -4.78
C THR A 280 -35.05 15.32 -5.98
N ILE A 281 -34.33 14.51 -6.79
CA ILE A 281 -34.89 13.91 -8.00
C ILE A 281 -35.70 12.69 -7.59
N ASN A 282 -35.15 11.82 -6.76
CA ASN A 282 -35.97 10.85 -6.07
C ASN A 282 -36.36 11.48 -4.73
N ASP A 283 -36.37 10.72 -3.64
CA ASP A 283 -36.79 11.21 -2.32
C ASP A 283 -35.64 11.21 -1.32
N SER A 284 -34.38 11.01 -1.76
N SER A 284 -34.39 11.02 -1.76
CA SER A 284 -33.27 10.95 -0.81
CA SER A 284 -33.27 10.95 -0.86
C SER A 284 -32.25 11.99 -1.25
C SER A 284 -32.25 11.99 -1.26
N TRP A 285 -31.49 12.44 -0.27
CA TRP A 285 -30.43 13.39 -0.47
C TRP A 285 -29.19 12.59 -0.80
N GLY A 286 -28.75 11.81 0.18
CA GLY A 286 -27.70 10.85 -0.11
C GLY A 286 -28.22 9.68 -0.98
N PHE A 287 -27.30 9.09 -1.75
CA PHE A 287 -27.60 7.91 -2.54
C PHE A 287 -28.24 6.81 -1.68
N ALA A 288 -29.33 6.25 -2.20
CA ALA A 288 -30.06 5.17 -1.55
C ALA A 288 -30.42 4.09 -2.58
N TYR A 289 -29.87 2.86 -2.38
CA TYR A 289 -30.09 1.73 -3.32
C TYR A 289 -31.57 1.60 -3.63
N HIS A 290 -32.40 1.59 -2.56
CA HIS A 290 -33.79 1.17 -2.65
C HIS A 290 -34.60 2.22 -3.43
N ASP A 291 -34.16 3.49 -3.47
CA ASP A 291 -35.07 4.57 -3.87
C ASP A 291 -34.94 4.78 -5.38
N GLN A 292 -35.94 4.23 -6.05
CA GLN A 292 -36.12 4.31 -7.47
C GLN A 292 -37.37 5.15 -7.75
N ASN A 293 -37.83 5.97 -6.82
CA ASN A 293 -38.95 6.85 -7.10
C ASN A 293 -38.51 8.20 -7.75
N TRP A 294 -37.91 8.13 -8.92
CA TRP A 294 -37.35 9.26 -9.64
C TRP A 294 -38.44 10.10 -10.25
N LYS A 295 -38.44 11.40 -10.03
CA LYS A 295 -39.41 12.25 -10.72
C LYS A 295 -39.10 12.23 -12.20
N SER A 296 -40.14 12.39 -13.00
CA SER A 296 -40.09 12.44 -14.44
C SER A 296 -39.49 13.75 -14.91
N PRO A 297 -39.00 13.81 -16.17
CA PRO A 297 -38.64 15.06 -16.81
C PRO A 297 -39.72 16.12 -16.69
N GLN A 298 -40.97 15.73 -16.92
CA GLN A 298 -42.09 16.65 -16.87
C GLN A 298 -42.23 17.26 -15.48
N THR A 299 -42.15 16.43 -14.42
CA THR A 299 -42.30 16.94 -13.07
C THR A 299 -41.16 17.93 -12.75
N ILE A 300 -39.94 17.57 -13.10
CA ILE A 300 -38.80 18.42 -12.85
C ILE A 300 -39.00 19.75 -13.57
N HIS A 301 -39.39 19.71 -14.84
CA HIS A 301 -39.62 20.90 -15.64
C HIS A 301 -40.68 21.80 -14.99
N ASP A 302 -41.77 21.18 -14.53
CA ASP A 302 -42.90 21.92 -14.00
C ASP A 302 -42.55 22.51 -12.64
N TYR A 303 -41.80 21.77 -11.80
CA TYR A 303 -41.32 22.29 -10.55
C TYR A 303 -40.46 23.52 -10.76
N LYS A 304 -39.49 23.40 -11.67
CA LYS A 304 -38.62 24.52 -11.96
C LYS A 304 -39.41 25.74 -12.46
N ALA A 305 -40.33 25.56 -13.38
CA ALA A 305 -41.12 26.65 -13.92
C ALA A 305 -41.94 27.36 -12.84
N HIS A 306 -42.51 26.55 -11.91
CA HIS A 306 -43.39 27.07 -10.87
C HIS A 306 -42.56 27.91 -9.89
N LEU A 307 -41.48 27.30 -9.37
CA LEU A 307 -40.60 28.02 -8.47
C LEU A 307 -40.12 29.32 -9.12
N ASN A 308 -39.63 29.23 -10.36
CA ASN A 308 -38.99 30.34 -11.01
C ASN A 308 -39.97 31.47 -11.28
N LYS A 309 -41.20 31.16 -11.69
CA LYS A 309 -42.07 32.26 -12.01
C LYS A 309 -42.51 32.98 -10.74
N TYR A 310 -42.33 32.43 -9.55
CA TYR A 310 -42.54 33.20 -8.34
C TYR A 310 -41.22 33.75 -7.74
N GLY A 311 -40.13 33.83 -8.54
CA GLY A 311 -38.83 34.29 -8.05
C GLY A 311 -38.14 33.41 -6.99
N ILE A 312 -38.32 32.08 -7.05
CA ILE A 312 -37.60 31.15 -6.21
C ILE A 312 -36.67 30.30 -7.10
N ASN A 313 -35.40 30.20 -6.68
CA ASN A 313 -34.45 29.32 -7.31
C ASN A 313 -34.71 27.85 -6.96
N TYR A 314 -34.38 26.96 -7.91
CA TYR A 314 -34.52 25.53 -7.74
C TYR A 314 -33.13 24.91 -7.66
N LEU A 315 -32.79 24.41 -6.47
CA LEU A 315 -31.51 23.78 -6.24
C LEU A 315 -31.77 22.27 -6.19
N LEU A 316 -31.42 21.57 -7.29
CA LEU A 316 -31.81 20.18 -7.45
C LEU A 316 -30.62 19.25 -7.23
N ASN A 317 -30.81 18.40 -6.22
CA ASN A 317 -29.76 17.56 -5.69
C ASN A 317 -29.57 16.25 -6.47
N VAL A 318 -28.29 15.90 -6.61
CA VAL A 318 -27.83 14.58 -7.05
C VAL A 318 -27.08 13.95 -5.88
N GLY A 319 -27.46 12.74 -5.51
CA GLY A 319 -26.71 11.95 -4.54
C GLY A 319 -25.83 10.94 -5.29
N LEU A 320 -24.52 11.24 -5.36
CA LEU A 320 -23.60 10.41 -6.08
C LEU A 320 -23.50 9.04 -5.38
N ASP A 321 -23.28 7.98 -6.19
CA ASP A 321 -23.12 6.63 -5.62
C ASP A 321 -21.70 6.41 -5.11
N GLY A 322 -21.46 5.19 -4.62
CA GLY A 322 -20.22 4.79 -3.99
C GLY A 322 -19.04 4.83 -4.93
N LEU A 323 -19.30 4.80 -6.25
CA LEU A 323 -18.26 4.85 -7.25
C LEU A 323 -18.07 6.26 -7.82
N GLY A 324 -18.82 7.21 -7.28
CA GLY A 324 -18.68 8.63 -7.62
C GLY A 324 -19.52 9.05 -8.81
N ARG A 325 -20.53 8.24 -9.15
CA ARG A 325 -21.33 8.48 -10.33
C ARG A 325 -22.62 9.20 -9.97
N VAL A 326 -23.09 9.96 -10.93
CA VAL A 326 -24.47 10.41 -11.01
C VAL A 326 -25.25 9.16 -11.42
N PRO A 327 -26.27 8.74 -10.66
CA PRO A 327 -27.06 7.60 -11.08
C PRO A 327 -27.62 7.89 -12.47
N MET A 328 -27.71 6.82 -13.22
CA MET A 328 -28.18 6.96 -14.60
C MET A 328 -29.60 7.57 -14.61
N ALA A 329 -30.50 7.09 -13.73
CA ALA A 329 -31.87 7.61 -13.76
C ALA A 329 -31.90 9.12 -13.42
N ALA A 330 -30.95 9.61 -12.66
CA ALA A 330 -30.93 11.05 -12.32
C ALA A 330 -30.48 11.83 -13.55
N GLU A 331 -29.45 11.32 -14.22
CA GLU A 331 -28.95 11.97 -15.42
C GLU A 331 -30.04 12.03 -16.48
N GLN A 332 -30.72 10.90 -16.67
CA GLN A 332 -31.80 10.82 -17.62
C GLN A 332 -32.94 11.79 -17.28
N ALA A 333 -33.31 11.88 -16.01
CA ALA A 333 -34.34 12.82 -15.60
C ALA A 333 -33.93 14.28 -15.90
N LEU A 334 -32.70 14.64 -15.55
CA LEU A 334 -32.24 16.01 -15.77
C LEU A 334 -32.15 16.32 -17.26
N LEU A 335 -31.62 15.40 -18.07
CA LEU A 335 -31.46 15.70 -19.50
C LEU A 335 -32.82 15.77 -20.18
N GLY A 336 -33.75 14.96 -19.68
CA GLY A 336 -35.11 14.99 -20.22
C GLY A 336 -35.82 16.29 -19.88
N ALA A 337 -35.67 16.78 -18.63
CA ALA A 337 -36.26 18.08 -18.26
C ALA A 337 -35.71 19.19 -19.15
N ARG A 338 -34.39 19.21 -19.36
CA ARG A 338 -33.75 20.16 -20.25
C ARG A 338 -34.38 20.12 -21.64
N ALA A 339 -34.61 18.91 -22.17
CA ALA A 339 -35.16 18.76 -23.51
C ALA A 339 -36.56 19.34 -23.60
N LEU A 340 -37.29 19.45 -22.47
CA LEU A 340 -38.63 20.04 -22.50
C LEU A 340 -38.59 21.57 -22.54
N GLU A 341 -37.43 22.21 -22.53
CA GLU A 341 -37.41 23.65 -22.65
C GLU A 341 -37.33 24.04 -24.13
N ALA A 342 -38.43 24.62 -24.62
CA ALA A 342 -38.45 25.27 -25.93
C ALA A 342 -37.70 26.61 -25.82
N SER B 2 6.31 -26.52 -43.08
CA SER B 2 5.70 -25.70 -41.99
C SER B 2 5.29 -24.30 -42.49
N ASP B 3 4.24 -23.78 -41.84
CA ASP B 3 3.75 -22.45 -42.15
C ASP B 3 4.80 -21.46 -41.63
N THR B 4 5.29 -21.70 -40.37
CA THR B 4 6.22 -20.79 -39.74
C THR B 4 7.48 -20.68 -40.60
N VAL B 5 7.93 -21.76 -41.24
CA VAL B 5 9.15 -21.72 -42.02
C VAL B 5 8.99 -20.79 -43.20
N GLU B 6 7.90 -20.98 -43.98
CA GLU B 6 7.62 -20.12 -45.14
C GLU B 6 7.46 -18.67 -44.68
N TRP B 7 6.75 -18.47 -43.57
CA TRP B 7 6.53 -17.14 -43.07
C TRP B 7 7.85 -16.43 -42.72
N PHE B 8 8.77 -17.12 -42.01
CA PHE B 8 9.96 -16.49 -41.50
C PHE B 8 10.88 -16.06 -42.64
N LYS B 9 10.93 -16.91 -43.65
CA LYS B 9 11.77 -16.66 -44.80
C LYS B 9 11.38 -15.34 -45.45
N GLN B 10 10.10 -14.95 -45.41
CA GLN B 10 9.68 -13.74 -46.12
C GLN B 10 9.39 -12.64 -45.09
N ALA B 11 9.58 -12.87 -43.79
CA ALA B 11 9.15 -11.93 -42.77
C ALA B 11 9.94 -10.62 -42.83
N LYS B 12 11.27 -10.69 -43.02
CA LYS B 12 12.14 -9.58 -43.35
C LYS B 12 12.53 -8.73 -42.14
N TYR B 13 11.56 -8.35 -41.30
CA TYR B 13 11.71 -7.23 -40.38
C TYR B 13 10.89 -7.51 -39.12
N GLY B 14 11.54 -7.48 -37.98
CA GLY B 14 10.86 -7.59 -36.70
C GLY B 14 11.40 -6.58 -35.70
N MET B 15 10.68 -6.47 -34.58
CA MET B 15 11.05 -5.62 -33.48
C MET B 15 11.49 -6.53 -32.33
N MET B 16 12.63 -6.17 -31.73
CA MET B 16 13.06 -6.81 -30.49
C MET B 16 12.84 -5.80 -29.34
N ILE B 17 12.56 -6.32 -28.13
CA ILE B 17 12.40 -5.49 -26.96
C ILE B 17 13.30 -6.06 -25.87
N HIS B 18 14.16 -5.20 -25.35
CA HIS B 18 14.87 -5.42 -24.12
C HIS B 18 14.28 -4.47 -23.08
N TRP B 19 13.88 -5.06 -21.96
CA TRP B 19 13.31 -4.30 -20.88
C TRP B 19 13.41 -5.10 -19.57
N GLY B 20 13.90 -4.41 -18.55
CA GLY B 20 14.08 -4.99 -17.22
C GLY B 20 14.54 -3.98 -16.20
N LEU B 21 14.92 -4.48 -14.98
CA LEU B 21 15.37 -3.58 -13.94
C LEU B 21 16.57 -2.76 -14.41
N TYR B 22 17.43 -3.36 -15.22
CA TYR B 22 18.59 -2.67 -15.80
C TYR B 22 18.22 -1.36 -16.53
N SER B 23 17.03 -1.31 -17.10
CA SER B 23 16.57 -0.15 -17.86
C SER B 23 16.42 1.09 -16.97
N LEU B 24 16.13 0.89 -15.65
CA LEU B 24 16.04 2.00 -14.73
C LEU B 24 17.42 2.59 -14.53
N LEU B 25 18.46 1.75 -14.34
CA LEU B 25 19.79 2.28 -14.10
C LEU B 25 20.34 2.98 -15.35
N GLY B 26 19.95 2.45 -16.50
CA GLY B 26 20.24 3.18 -17.74
C GLY B 26 21.72 3.30 -18.03
N GLY B 27 22.54 2.36 -17.55
CA GLY B 27 23.93 2.34 -17.90
C GLY B 27 24.85 2.95 -16.85
N GLU B 28 24.31 3.34 -15.70
CA GLU B 28 25.14 3.90 -14.63
C GLU B 28 24.67 3.46 -13.27
N TYR B 29 25.62 3.31 -12.35
CA TYR B 29 25.29 2.81 -11.00
C TYR B 29 26.36 3.32 -10.05
N GLN B 30 25.88 4.11 -9.06
CA GLN B 30 26.75 4.71 -8.08
C GLN B 30 27.92 5.45 -8.71
N GLY B 31 27.65 6.19 -9.80
CA GLY B 31 28.68 7.05 -10.31
C GLY B 31 29.64 6.32 -11.26
N LYS B 32 29.35 5.06 -11.60
CA LYS B 32 30.19 4.26 -12.48
C LYS B 32 29.37 3.77 -13.64
N SER B 33 30.10 3.52 -14.73
CA SER B 33 29.51 3.29 -16.04
C SER B 33 29.38 1.80 -16.38
N SER B 34 28.31 1.38 -17.05
CA SER B 34 28.29 0.13 -17.78
C SER B 34 29.09 0.35 -19.06
N SER B 35 29.34 -0.72 -19.82
CA SER B 35 29.94 -0.53 -21.16
C SER B 35 28.87 0.06 -22.13
N ASN B 36 28.95 -0.23 -23.43
CA ASN B 36 27.79 0.19 -24.21
C ASN B 36 26.62 -0.76 -23.98
N TYR B 37 26.78 -1.69 -23.03
CA TYR B 37 25.84 -2.75 -22.74
C TYR B 37 25.21 -2.48 -21.37
N ALA B 38 24.13 -1.67 -21.38
CA ALA B 38 23.50 -1.26 -20.12
C ALA B 38 22.84 -2.42 -19.38
N GLU B 39 22.38 -3.43 -20.16
CA GLU B 39 21.77 -4.61 -19.56
C GLU B 39 22.79 -5.48 -18.81
N TRP B 40 24.10 -5.25 -19.03
CA TRP B 40 25.19 -5.96 -18.36
C TRP B 40 25.69 -5.28 -17.09
N VAL B 41 25.03 -4.15 -16.68
CA VAL B 41 25.53 -3.33 -15.61
C VAL B 41 25.75 -4.16 -14.32
N GLN B 42 24.87 -5.10 -14.01
CA GLN B 42 25.02 -5.88 -12.79
C GLN B 42 26.37 -6.61 -12.72
N SER B 43 26.79 -7.18 -13.85
CA SER B 43 28.07 -7.87 -13.89
C SER B 43 29.22 -6.86 -13.96
N LYS B 44 29.06 -5.89 -14.86
CA LYS B 44 30.11 -4.88 -15.06
C LYS B 44 30.52 -4.24 -13.71
N LEU B 45 29.57 -3.98 -12.82
CA LEU B 45 29.90 -3.31 -11.57
C LEU B 45 29.66 -4.23 -10.38
N GLN B 46 29.47 -5.53 -10.60
CA GLN B 46 29.34 -6.53 -9.53
C GLN B 46 28.38 -6.06 -8.44
N ILE B 47 27.15 -5.76 -8.84
CA ILE B 47 26.14 -5.24 -7.93
C ILE B 47 25.58 -6.46 -7.20
N PRO B 48 25.72 -6.53 -5.87
CA PRO B 48 25.14 -7.64 -5.14
C PRO B 48 23.65 -7.75 -5.44
N ASN B 49 23.15 -8.98 -5.58
CA ASN B 49 21.72 -9.24 -5.69
C ASN B 49 20.88 -8.45 -4.69
N LYS B 50 21.29 -8.43 -3.46
CA LYS B 50 20.49 -7.75 -2.43
C LYS B 50 20.34 -6.24 -2.77
N GLU B 51 21.32 -5.63 -3.39
CA GLU B 51 21.27 -4.23 -3.79
C GLU B 51 20.48 -4.09 -5.08
N TYR B 52 20.73 -4.97 -6.05
CA TYR B 52 20.08 -4.85 -7.34
C TYR B 52 18.57 -5.02 -7.21
N GLU B 53 18.15 -5.87 -6.29
CA GLU B 53 16.73 -6.13 -6.08
C GLU B 53 15.96 -4.88 -5.63
N ARG B 54 16.63 -3.90 -5.04
CA ARG B 54 15.98 -2.69 -4.58
C ARG B 54 15.31 -2.00 -5.77
N LEU B 55 15.83 -2.19 -7.01
CA LEU B 55 15.23 -1.59 -8.19
C LEU B 55 13.75 -1.98 -8.39
N THR B 56 13.33 -3.14 -7.85
CA THR B 56 11.93 -3.53 -7.99
C THR B 56 11.01 -2.45 -7.42
N GLN B 57 11.47 -1.77 -6.37
N GLN B 57 11.47 -1.77 -6.37
CA GLN B 57 10.63 -0.80 -5.67
CA GLN B 57 10.60 -0.82 -5.68
C GLN B 57 10.48 0.49 -6.51
C GLN B 57 10.48 0.48 -6.50
N ALA B 58 11.35 0.70 -7.48
CA ALA B 58 11.26 1.87 -8.35
C ALA B 58 10.58 1.54 -9.66
N PHE B 59 10.17 0.28 -9.88
CA PHE B 59 9.66 -0.16 -11.18
C PHE B 59 8.13 0.04 -11.25
N ASN B 60 7.74 1.23 -11.70
CA ASN B 60 6.34 1.60 -11.90
C ASN B 60 6.18 2.40 -13.21
N PRO B 61 6.39 1.72 -14.33
CA PRO B 61 6.39 2.37 -15.64
C PRO B 61 5.02 2.73 -16.17
N ILE B 62 4.56 3.92 -15.75
CA ILE B 62 3.21 4.35 -15.97
C ILE B 62 2.94 4.56 -17.46
N TYR B 63 3.94 4.71 -18.34
CA TYR B 63 3.66 4.99 -19.75
C TYR B 63 3.75 3.70 -20.59
N PHE B 64 3.95 2.53 -19.97
CA PHE B 64 4.00 1.29 -20.76
C PHE B 64 2.64 1.05 -21.39
N ASP B 65 2.64 0.86 -22.71
CA ASP B 65 1.42 0.58 -23.43
C ASP B 65 1.69 -0.45 -24.55
N ALA B 66 1.35 -1.72 -24.29
CA ALA B 66 1.70 -2.80 -25.24
C ALA B 66 1.03 -2.55 -26.60
N ASP B 67 -0.25 -2.12 -26.60
CA ASP B 67 -0.88 -1.81 -27.89
C ASP B 67 -0.15 -0.73 -28.67
N ALA B 68 0.36 0.32 -28.00
CA ALA B 68 0.99 1.42 -28.70
C ALA B 68 2.32 0.94 -29.26
N ILE B 69 3.03 0.11 -28.51
CA ILE B 69 4.30 -0.44 -29.00
C ILE B 69 4.10 -1.32 -30.24
N ILE B 70 3.14 -2.22 -30.18
CA ILE B 70 2.84 -3.10 -31.30
C ILE B 70 2.39 -2.28 -32.52
N ASP B 71 1.63 -1.20 -32.29
CA ASP B 71 1.11 -0.39 -33.35
C ASP B 71 2.28 0.28 -34.09
N LEU B 72 3.28 0.75 -33.32
CA LEU B 72 4.48 1.28 -33.94
C LEU B 72 5.15 0.24 -34.82
N ALA B 73 5.40 -0.92 -34.26
CA ALA B 73 6.01 -2.04 -35.01
C ALA B 73 5.22 -2.27 -36.30
N LYS B 74 3.89 -2.36 -36.17
CA LYS B 74 3.06 -2.69 -37.30
C LYS B 74 3.13 -1.59 -38.35
N ARG B 75 3.10 -0.31 -37.96
CA ARG B 75 3.17 0.76 -38.95
C ARG B 75 4.50 0.75 -39.69
N CYS B 76 5.57 0.26 -39.04
CA CYS B 76 6.88 0.19 -39.70
C CYS B 76 7.02 -1.07 -40.58
N GLY B 77 5.99 -1.90 -40.62
CA GLY B 77 6.00 -3.11 -41.42
C GLY B 77 6.74 -4.26 -40.73
N MET B 78 6.96 -4.18 -39.41
CA MET B 78 7.57 -5.30 -38.70
C MET B 78 6.49 -6.41 -38.58
N GLN B 79 6.87 -7.68 -38.81
CA GLN B 79 5.93 -8.77 -38.89
C GLN B 79 5.98 -9.61 -37.61
N TYR B 80 6.89 -9.32 -36.69
CA TYR B 80 6.99 -10.07 -35.47
C TYR B 80 7.67 -9.23 -34.42
N LEU B 81 7.49 -9.64 -33.15
CA LEU B 81 8.10 -8.96 -32.03
C LEU B 81 8.65 -10.02 -31.07
N VAL B 82 9.90 -9.85 -30.66
CA VAL B 82 10.63 -10.73 -29.76
C VAL B 82 10.96 -9.94 -28.52
N VAL B 83 10.60 -10.46 -27.32
CA VAL B 83 10.78 -9.70 -26.11
C VAL B 83 11.51 -10.51 -25.05
N THR B 84 12.35 -9.83 -24.26
CA THR B 84 13.05 -10.41 -23.15
C THR B 84 12.08 -10.87 -22.04
N THR B 85 11.92 -12.14 -21.87
CA THR B 85 11.14 -12.70 -20.76
C THR B 85 11.98 -12.77 -19.49
N LYS B 86 13.29 -12.93 -19.67
CA LYS B 86 14.27 -13.02 -18.60
C LYS B 86 15.66 -12.85 -19.20
N HIS B 87 16.41 -11.84 -18.77
CA HIS B 87 17.72 -11.58 -19.30
C HIS B 87 18.73 -12.15 -18.28
N HIS B 88 20.01 -11.80 -18.43
CA HIS B 88 21.06 -12.47 -17.67
C HIS B 88 20.89 -12.24 -16.17
N ASP B 89 20.32 -11.06 -15.77
CA ASP B 89 20.16 -10.73 -14.37
C ASP B 89 19.18 -11.71 -13.67
N GLY B 90 18.40 -12.47 -14.45
CA GLY B 90 17.54 -13.51 -13.92
C GLY B 90 16.13 -13.03 -13.52
N PHE B 91 15.85 -11.73 -13.75
CA PHE B 91 14.58 -11.15 -13.38
C PHE B 91 13.58 -11.41 -14.48
N ALA B 92 12.47 -12.08 -14.11
CA ALA B 92 11.48 -12.44 -15.11
C ALA B 92 10.50 -11.28 -15.32
N MET B 93 10.13 -11.05 -16.59
CA MET B 93 9.22 -10.00 -16.98
C MET B 93 7.81 -10.55 -17.23
N TYR B 94 7.49 -11.69 -16.60
CA TYR B 94 6.21 -12.36 -16.70
C TYR B 94 5.91 -12.95 -15.32
N ARG B 95 4.65 -13.33 -15.09
N ARG B 95 4.65 -13.33 -15.09
CA ARG B 95 4.29 -13.94 -13.82
CA ARG B 95 4.28 -13.95 -13.82
C ARG B 95 4.79 -15.39 -13.79
C ARG B 95 4.79 -15.39 -13.79
N SER B 96 5.91 -15.60 -13.09
CA SER B 96 6.53 -16.90 -12.93
C SER B 96 6.12 -17.48 -11.58
N LEU B 97 5.49 -18.64 -11.59
CA LEU B 97 5.17 -19.38 -10.37
C LEU B 97 6.41 -20.06 -9.81
N VAL B 98 7.42 -20.30 -10.68
CA VAL B 98 8.67 -20.91 -10.33
C VAL B 98 9.49 -19.97 -9.47
N ASP B 99 9.47 -18.69 -9.82
CA ASP B 99 10.37 -17.72 -9.21
C ASP B 99 9.67 -16.37 -8.96
N PRO B 100 9.50 -15.94 -7.69
CA PRO B 100 8.88 -14.67 -7.37
C PRO B 100 9.69 -13.40 -7.69
N TYR B 101 10.92 -13.58 -8.12
CA TYR B 101 11.74 -12.50 -8.64
C TYR B 101 11.30 -12.20 -10.07
N ASN B 102 10.17 -11.50 -10.14
CA ASN B 102 9.52 -11.22 -11.42
C ASN B 102 8.71 -9.93 -11.29
N VAL B 103 8.37 -9.35 -12.46
CA VAL B 103 7.76 -8.05 -12.58
C VAL B 103 6.35 -8.02 -12.00
N TYR B 104 5.66 -9.14 -12.00
CA TYR B 104 4.30 -9.21 -11.49
C TYR B 104 4.29 -9.22 -9.95
N ASP B 105 5.02 -10.16 -9.34
CA ASP B 105 5.00 -10.32 -7.88
C ASP B 105 5.80 -9.27 -7.13
N ALA B 106 6.92 -8.76 -7.71
CA ALA B 106 7.94 -8.10 -6.87
C ALA B 106 7.91 -6.58 -6.99
N THR B 107 7.11 -6.05 -7.92
CA THR B 107 7.08 -4.62 -8.19
C THR B 107 5.71 -4.05 -7.92
N PRO B 108 5.62 -2.74 -7.67
CA PRO B 108 4.34 -2.08 -7.52
C PRO B 108 3.58 -2.15 -8.86
N PHE B 109 4.26 -2.30 -10.00
CA PHE B 109 3.54 -2.33 -11.27
C PHE B 109 2.56 -3.51 -11.32
N HIS B 110 2.96 -4.68 -10.79
CA HIS B 110 2.05 -5.82 -10.57
C HIS B 110 1.26 -6.16 -11.84
N ARG B 111 1.97 -6.24 -12.96
CA ARG B 111 1.40 -6.59 -14.24
C ARG B 111 2.36 -7.53 -14.98
N ASP B 112 1.81 -8.43 -15.79
CA ASP B 112 2.53 -9.40 -16.59
C ASP B 112 2.83 -8.78 -17.96
N VAL B 113 4.03 -8.27 -18.11
CA VAL B 113 4.39 -7.53 -19.32
C VAL B 113 4.36 -8.42 -20.56
N ILE B 114 4.88 -9.64 -20.41
CA ILE B 114 4.84 -10.60 -21.51
C ILE B 114 3.41 -10.90 -21.93
N GLY B 115 2.52 -11.11 -20.93
CA GLY B 115 1.09 -11.32 -21.24
C GLY B 115 0.47 -10.16 -22.02
N GLU B 116 0.80 -8.90 -21.63
CA GLU B 116 0.20 -7.78 -22.31
C GLU B 116 0.76 -7.67 -23.75
N LEU B 117 2.06 -7.96 -23.95
CA LEU B 117 2.61 -7.87 -25.31
C LEU B 117 2.05 -8.99 -26.20
N SER B 118 1.87 -10.19 -25.61
CA SER B 118 1.29 -11.32 -26.33
C SER B 118 -0.09 -10.97 -26.88
N LEU B 119 -0.94 -10.46 -25.97
CA LEU B 119 -2.28 -10.09 -26.36
C LEU B 119 -2.30 -8.98 -27.43
N ALA B 120 -1.41 -8.02 -27.29
CA ALA B 120 -1.29 -6.93 -28.24
C ALA B 120 -0.87 -7.44 -29.62
N CYS B 121 0.12 -8.33 -29.66
CA CYS B 121 0.54 -8.89 -30.94
C CYS B 121 -0.59 -9.66 -31.62
N ARG B 122 -1.29 -10.46 -30.82
CA ARG B 122 -2.38 -11.23 -31.37
C ARG B 122 -3.42 -10.29 -31.98
N LYS B 123 -3.84 -9.21 -31.30
CA LYS B 123 -4.92 -8.42 -31.91
C LYS B 123 -4.44 -7.76 -33.20
N ALA B 124 -3.18 -7.37 -33.29
CA ALA B 124 -2.68 -6.61 -34.42
C ALA B 124 -2.24 -7.54 -35.58
N GLY B 125 -2.17 -8.85 -35.34
CA GLY B 125 -1.73 -9.79 -36.33
C GLY B 125 -0.22 -9.89 -36.44
N LEU B 126 0.55 -9.58 -35.45
CA LEU B 126 1.97 -9.80 -35.47
C LEU B 126 2.30 -11.12 -34.79
N ARG B 127 3.36 -11.78 -35.27
CA ARG B 127 3.79 -12.98 -34.59
C ARG B 127 4.64 -12.59 -33.38
N PHE B 128 4.61 -13.48 -32.40
CA PHE B 128 5.21 -13.27 -31.11
C PHE B 128 6.37 -14.21 -30.86
N GLY B 129 7.48 -13.64 -30.34
CA GLY B 129 8.67 -14.39 -30.00
C GLY B 129 9.17 -14.02 -28.59
N LEU B 130 9.95 -14.92 -28.01
CA LEU B 130 10.37 -14.82 -26.64
C LEU B 130 11.87 -15.01 -26.54
N TYR B 131 12.54 -14.04 -25.91
CA TYR B 131 13.96 -14.14 -25.54
C TYR B 131 14.02 -14.72 -24.12
N TYR B 132 14.91 -15.67 -23.92
CA TYR B 132 15.11 -16.24 -22.58
C TYR B 132 16.58 -16.59 -22.42
N SER B 133 17.23 -16.05 -21.39
CA SER B 133 18.60 -16.37 -21.05
C SER B 133 18.68 -17.73 -20.36
N GLN B 134 18.89 -18.82 -21.15
CA GLN B 134 18.88 -20.18 -20.66
C GLN B 134 20.15 -20.55 -19.89
N ASP B 135 21.26 -19.81 -20.15
CA ASP B 135 22.55 -20.19 -19.61
C ASP B 135 22.92 -19.27 -18.43
N LEU B 136 23.11 -17.99 -18.71
CA LEU B 136 23.48 -17.02 -17.66
C LEU B 136 22.24 -16.66 -16.84
N ASP B 137 22.43 -16.67 -15.52
CA ASP B 137 21.43 -16.19 -14.58
C ASP B 137 22.15 -15.76 -13.29
N TRP B 138 22.32 -14.44 -13.14
CA TRP B 138 23.12 -13.85 -12.08
C TRP B 138 22.39 -13.92 -10.73
N HIS B 139 21.08 -14.23 -10.77
CA HIS B 139 20.30 -14.38 -9.55
C HIS B 139 20.39 -15.78 -9.00
N GLU B 140 21.12 -16.71 -9.68
CA GLU B 140 21.17 -18.11 -9.28
C GLU B 140 22.61 -18.52 -9.01
N PRO B 141 22.90 -19.15 -7.84
CA PRO B 141 24.24 -19.57 -7.55
C PRO B 141 24.80 -20.52 -8.59
N ASP B 142 23.93 -21.32 -9.23
CA ASP B 142 24.38 -22.27 -10.25
C ASP B 142 24.16 -21.76 -11.69
N GLY B 143 23.92 -20.43 -11.81
CA GLY B 143 23.78 -19.89 -13.16
C GLY B 143 25.05 -20.07 -13.97
N GLY B 144 24.90 -20.10 -15.29
CA GLY B 144 26.01 -20.40 -16.17
C GLY B 144 27.07 -19.31 -16.23
N GLY B 145 28.21 -19.65 -16.86
CA GLY B 145 29.23 -18.71 -17.19
C GLY B 145 30.54 -18.97 -16.46
N TYR B 146 30.49 -19.79 -15.38
CA TYR B 146 31.64 -19.96 -14.52
C TYR B 146 32.78 -20.73 -15.17
N LEU B 147 32.59 -21.32 -16.36
CA LEU B 147 33.71 -21.98 -17.02
C LEU B 147 34.31 -21.07 -18.09
N SER B 148 33.82 -19.84 -18.28
CA SER B 148 34.11 -19.05 -19.47
C SER B 148 34.90 -17.77 -19.17
N ASN B 149 35.41 -17.60 -17.94
CA ASN B 149 35.89 -16.29 -17.51
C ASN B 149 37.30 -16.00 -18.01
N ASP B 150 37.86 -16.86 -18.88
CA ASP B 150 39.05 -16.49 -19.63
C ASP B 150 38.65 -15.65 -20.86
N ILE B 151 37.34 -15.59 -21.21
CA ILE B 151 36.87 -14.81 -22.34
C ILE B 151 36.28 -13.51 -21.80
N GLU B 152 36.68 -12.36 -22.37
CA GLU B 152 36.22 -11.03 -21.98
C GLU B 152 34.72 -10.88 -22.29
N THR B 153 34.02 -10.09 -21.46
CA THR B 153 32.59 -9.88 -21.57
C THR B 153 32.31 -8.37 -21.57
N ALA B 154 31.04 -8.03 -21.76
CA ALA B 154 30.61 -6.66 -21.60
C ALA B 154 30.49 -6.25 -20.13
N GLY B 155 30.72 -7.21 -19.23
CA GLY B 155 30.66 -7.07 -17.80
C GLY B 155 32.03 -7.35 -17.20
N THR B 156 32.07 -8.08 -16.07
CA THR B 156 33.30 -8.63 -15.53
C THR B 156 33.34 -10.13 -15.91
N THR B 157 32.77 -11.00 -15.05
CA THR B 157 32.58 -12.41 -15.30
C THR B 157 31.24 -12.65 -15.99
N TRP B 158 31.17 -13.82 -16.64
CA TRP B 158 29.92 -14.23 -17.27
C TRP B 158 28.87 -14.60 -16.22
N ASP B 159 29.32 -15.21 -15.13
CA ASP B 159 28.46 -15.60 -14.01
C ASP B 159 28.48 -14.52 -12.93
N ASN B 160 27.56 -14.71 -11.98
CA ASN B 160 27.67 -13.98 -10.73
C ASN B 160 28.73 -14.63 -9.86
N SER B 161 29.92 -14.03 -9.89
CA SER B 161 31.06 -14.48 -9.13
C SER B 161 31.30 -13.66 -7.87
N TRP B 162 30.45 -12.69 -7.53
CA TRP B 162 30.67 -11.81 -6.37
C TRP B 162 29.71 -12.22 -5.25
N ASP B 163 28.42 -12.49 -5.51
CA ASP B 163 27.56 -13.07 -4.47
C ASP B 163 27.82 -14.56 -4.23
N PHE B 164 28.25 -15.29 -5.29
CA PHE B 164 28.33 -16.76 -5.24
C PHE B 164 29.74 -17.22 -5.57
N THR B 165 30.44 -17.67 -4.53
CA THR B 165 31.86 -17.86 -4.68
C THR B 165 32.23 -19.31 -4.42
N GLY B 166 31.30 -20.24 -4.22
CA GLY B 166 31.71 -21.61 -3.95
C GLY B 166 31.52 -22.50 -5.19
N GLU B 167 31.35 -23.81 -4.94
CA GLU B 167 31.07 -24.84 -5.92
C GLU B 167 29.77 -24.52 -6.67
N LYS B 168 29.80 -24.75 -7.96
CA LYS B 168 28.76 -24.36 -8.91
C LYS B 168 28.53 -25.52 -9.86
N ASN B 169 27.27 -25.76 -10.16
CA ASN B 169 26.92 -26.82 -11.08
C ASN B 169 25.65 -26.40 -11.79
N TYR B 170 25.80 -25.96 -13.04
CA TYR B 170 24.68 -25.48 -13.85
C TYR B 170 23.52 -26.48 -13.88
N ASP B 171 23.80 -27.80 -13.79
CA ASP B 171 22.76 -28.82 -13.83
C ASP B 171 21.63 -28.51 -12.84
N ARG B 172 21.95 -27.95 -11.66
CA ARG B 172 20.92 -27.66 -10.67
C ARG B 172 20.01 -26.50 -11.09
N ALA B 173 20.59 -25.45 -11.64
CA ALA B 173 19.80 -24.31 -12.11
C ALA B 173 18.99 -24.73 -13.31
N PHE B 174 19.58 -25.59 -14.14
CA PHE B 174 18.92 -26.09 -15.34
C PHE B 174 17.62 -26.77 -14.91
N LYS B 175 17.74 -27.60 -13.91
CA LYS B 175 16.60 -28.43 -13.48
C LYS B 175 15.56 -27.59 -12.76
N HIS B 176 15.98 -26.68 -11.84
CA HIS B 176 15.07 -26.05 -10.89
C HIS B 176 14.59 -24.70 -11.39
N LYS B 177 15.26 -24.04 -12.35
CA LYS B 177 14.77 -22.78 -12.82
C LYS B 177 14.64 -22.71 -14.34
N ILE B 178 15.69 -23.06 -15.08
CA ILE B 178 15.72 -22.82 -16.53
C ILE B 178 14.58 -23.60 -17.19
N MET B 179 14.55 -24.94 -16.99
CA MET B 179 13.55 -25.77 -17.67
C MET B 179 12.15 -25.37 -17.18
N PRO B 180 11.86 -25.25 -15.88
CA PRO B 180 10.51 -24.88 -15.46
C PRO B 180 10.07 -23.53 -16.02
N GLN B 181 10.98 -22.56 -16.15
CA GLN B 181 10.56 -21.25 -16.66
C GLN B 181 10.31 -21.33 -18.18
N ILE B 182 11.13 -22.11 -18.90
CA ILE B 182 10.90 -22.26 -20.36
C ILE B 182 9.53 -22.93 -20.54
N GLU B 183 9.19 -23.88 -19.65
CA GLU B 183 7.85 -24.44 -19.68
C GLU B 183 6.75 -23.42 -19.48
N GLU B 184 6.92 -22.54 -18.49
CA GLU B 184 5.92 -21.48 -18.28
C GLU B 184 5.74 -20.61 -19.55
N ILE B 185 6.84 -20.07 -20.09
CA ILE B 185 6.70 -19.11 -21.17
C ILE B 185 6.18 -19.77 -22.45
N MET B 186 6.46 -21.09 -22.63
CA MET B 186 6.03 -21.80 -23.83
C MET B 186 4.63 -22.40 -23.66
N SER B 187 4.02 -22.23 -22.47
CA SER B 187 2.68 -22.71 -22.15
C SER B 187 1.64 -21.59 -22.02
N ASN B 188 2.02 -20.43 -21.51
CA ASN B 188 1.02 -19.50 -20.97
C ASN B 188 0.78 -18.24 -21.81
N TYR B 189 1.37 -18.09 -23.00
CA TYR B 189 1.38 -16.85 -23.73
C TYR B 189 0.95 -17.06 -25.18
N GLY B 190 0.19 -18.16 -25.41
CA GLY B 190 -0.31 -18.59 -26.71
C GLY B 190 0.82 -18.99 -27.66
N GLU B 191 0.56 -18.91 -28.97
CA GLU B 191 1.42 -19.49 -29.94
C GLU B 191 2.70 -18.66 -30.05
N ILE B 192 3.85 -19.33 -29.94
CA ILE B 192 5.14 -18.66 -30.01
C ILE B 192 5.82 -19.03 -31.33
N SER B 193 6.23 -18.03 -32.14
CA SER B 193 6.81 -18.28 -33.43
C SER B 193 8.32 -18.33 -33.38
N VAL B 194 8.93 -17.62 -32.43
CA VAL B 194 10.37 -17.53 -32.37
C VAL B 194 10.80 -17.71 -30.93
N ALA B 195 11.85 -18.55 -30.69
CA ALA B 195 12.47 -18.67 -29.40
C ALA B 195 13.93 -18.23 -29.54
N TRP B 196 14.30 -17.21 -28.78
CA TRP B 196 15.56 -16.51 -28.89
C TRP B 196 16.31 -16.78 -27.59
N PHE B 197 17.27 -17.71 -27.70
CA PHE B 197 18.15 -18.08 -26.61
C PHE B 197 19.43 -17.28 -26.78
N ASP B 198 20.38 -17.44 -25.85
CA ASP B 198 21.53 -16.54 -25.90
C ASP B 198 22.73 -17.14 -25.16
N VAL B 199 23.91 -16.68 -25.57
CA VAL B 199 25.21 -16.98 -24.98
C VAL B 199 25.23 -18.35 -24.29
N PRO B 200 25.31 -19.43 -25.11
CA PRO B 200 25.37 -20.79 -24.60
C PRO B 200 26.75 -21.17 -24.08
N MET B 201 27.14 -20.55 -22.95
CA MET B 201 28.52 -20.62 -22.47
C MET B 201 28.75 -21.94 -21.73
N THR B 202 27.71 -22.62 -21.24
CA THR B 202 27.87 -23.66 -20.22
C THR B 202 27.07 -24.91 -20.57
N LEU B 203 25.85 -24.82 -21.10
CA LEU B 203 24.97 -25.96 -21.20
C LEU B 203 25.52 -26.99 -22.19
N SER B 204 25.26 -28.26 -21.85
CA SER B 204 25.74 -29.39 -22.65
C SER B 204 24.86 -29.55 -23.89
N ASP B 205 25.36 -30.41 -24.78
CA ASP B 205 24.59 -30.86 -25.93
C ASP B 205 23.22 -31.41 -25.51
N GLU B 206 23.23 -32.25 -24.50
CA GLU B 206 22.01 -32.85 -24.00
C GLU B 206 21.07 -31.78 -23.43
N GLN B 207 21.60 -30.80 -22.69
CA GLN B 207 20.76 -29.73 -22.17
C GLN B 207 20.17 -28.90 -23.31
N SER B 208 20.98 -28.55 -24.33
CA SER B 208 20.44 -27.84 -25.48
C SER B 208 19.31 -28.66 -26.11
N GLN B 209 19.54 -29.96 -26.26
CA GLN B 209 18.57 -30.83 -26.88
C GLN B 209 17.27 -30.90 -26.03
N THR B 210 17.43 -31.03 -24.69
CA THR B 210 16.26 -31.11 -23.82
C THR B 210 15.42 -29.83 -23.98
N ILE B 211 16.07 -28.66 -24.04
CA ILE B 211 15.33 -27.43 -24.28
C ILE B 211 14.61 -27.46 -25.63
N TYR B 212 15.34 -27.86 -26.67
CA TYR B 212 14.80 -27.88 -28.02
C TYR B 212 13.54 -28.75 -28.03
N ASP B 213 13.63 -29.95 -27.44
CA ASP B 213 12.50 -30.89 -27.44
C ASP B 213 11.34 -30.38 -26.59
N THR B 214 11.61 -29.68 -25.48
CA THR B 214 10.54 -29.14 -24.68
C THR B 214 9.79 -28.04 -25.45
N VAL B 215 10.57 -27.14 -26.07
CA VAL B 215 9.95 -26.08 -26.84
C VAL B 215 9.08 -26.69 -27.91
N LYS B 216 9.56 -27.72 -28.62
CA LYS B 216 8.78 -28.29 -29.70
C LYS B 216 7.55 -29.03 -29.20
N ARG B 217 7.66 -29.74 -28.08
CA ARG B 217 6.51 -30.37 -27.47
C ARG B 217 5.44 -29.32 -27.17
N LEU B 218 5.79 -28.15 -26.58
CA LEU B 218 4.79 -27.16 -26.20
C LEU B 218 4.40 -26.25 -27.38
N GLN B 219 5.31 -26.02 -28.34
CA GLN B 219 5.12 -25.06 -29.41
C GLN B 219 5.66 -25.66 -30.71
N PRO B 220 4.96 -26.60 -31.33
CA PRO B 220 5.48 -27.37 -32.45
C PRO B 220 5.96 -26.50 -33.60
N ASP B 221 5.43 -25.29 -33.77
CA ASP B 221 5.81 -24.44 -34.89
C ASP B 221 6.79 -23.35 -34.51
N CYS B 222 7.36 -23.39 -33.30
CA CYS B 222 8.25 -22.34 -32.87
C CYS B 222 9.63 -22.56 -33.51
N LEU B 223 10.22 -21.54 -34.12
CA LEU B 223 11.56 -21.62 -34.70
C LEU B 223 12.59 -21.19 -33.66
N ILE B 224 13.61 -22.04 -33.45
CA ILE B 224 14.58 -21.82 -32.39
C ILE B 224 15.89 -21.31 -32.99
N ASN B 225 16.47 -20.26 -32.40
CA ASN B 225 17.71 -19.70 -32.93
C ASN B 225 18.94 -20.49 -32.50
N SER B 226 20.06 -20.21 -33.18
CA SER B 226 21.30 -20.98 -33.07
C SER B 226 21.97 -20.81 -31.70
N ARG B 227 21.63 -19.76 -30.96
CA ARG B 227 22.27 -19.49 -29.67
C ARG B 227 21.72 -20.36 -28.52
N LEU B 228 20.79 -21.28 -28.83
CA LEU B 228 20.47 -22.35 -27.89
C LEU B 228 21.71 -23.21 -27.68
N GLY B 229 22.60 -23.19 -28.69
CA GLY B 229 23.89 -23.82 -28.63
C GLY B 229 23.85 -25.28 -29.11
N ASN B 230 25.11 -25.79 -29.32
CA ASN B 230 25.40 -27.18 -29.62
C ASN B 230 24.70 -27.65 -30.88
N GLY B 231 24.38 -26.72 -31.80
CA GLY B 231 23.78 -27.09 -33.06
C GLY B 231 22.29 -27.48 -32.95
N ARG B 232 21.60 -27.23 -31.84
CA ARG B 232 20.20 -27.58 -31.69
C ARG B 232 19.32 -26.34 -32.01
N TYR B 233 18.98 -26.16 -33.31
CA TYR B 233 18.36 -24.93 -33.73
C TYR B 233 17.66 -25.05 -35.06
N ASP B 234 16.73 -24.14 -35.36
CA ASP B 234 16.09 -24.15 -36.67
C ASP B 234 16.61 -23.01 -37.54
N TYR B 235 17.11 -21.90 -36.96
CA TYR B 235 17.67 -20.85 -37.79
C TYR B 235 18.90 -20.24 -37.13
N VAL B 236 19.70 -19.59 -37.99
CA VAL B 236 20.97 -19.00 -37.58
C VAL B 236 20.79 -17.55 -37.17
N SER B 237 21.19 -17.23 -35.93
CA SER B 237 21.35 -15.84 -35.50
C SER B 237 22.78 -15.45 -35.83
N LEU B 238 22.97 -14.34 -36.53
CA LEU B 238 24.31 -13.81 -36.67
C LEU B 238 24.72 -13.11 -35.37
N GLY B 239 25.92 -12.54 -35.38
CA GLY B 239 26.44 -11.77 -34.26
C GLY B 239 25.63 -10.51 -33.99
N ASP B 240 25.76 -9.94 -32.79
CA ASP B 240 25.18 -8.64 -32.41
C ASP B 240 25.50 -7.59 -33.49
N ASN B 241 24.48 -7.02 -34.12
CA ASN B 241 24.70 -5.99 -35.14
C ASN B 241 25.62 -6.44 -36.27
N GLU B 242 25.69 -7.75 -36.53
CA GLU B 242 26.53 -8.23 -37.63
C GLU B 242 25.84 -8.05 -38.98
N ILE B 243 26.40 -7.15 -39.78
CA ILE B 243 25.89 -6.87 -41.10
C ILE B 243 26.97 -7.34 -42.05
N PRO B 244 26.91 -8.54 -42.65
CA PRO B 244 28.04 -9.04 -43.44
C PRO B 244 28.22 -8.30 -44.76
N GLU B 245 29.49 -8.10 -45.13
CA GLU B 245 29.90 -7.67 -46.46
C GLU B 245 29.16 -8.45 -47.52
N ASP B 246 29.08 -7.90 -48.73
CA ASP B 246 28.46 -8.52 -49.88
C ASP B 246 28.92 -9.98 -50.07
N SER B 247 30.25 -10.20 -50.11
CA SER B 247 30.80 -11.51 -50.40
C SER B 247 30.41 -12.56 -49.36
N ASP B 248 30.45 -12.16 -48.10
CA ASP B 248 30.14 -13.07 -47.00
C ASP B 248 28.64 -13.40 -47.01
N ALA B 249 27.80 -12.36 -47.29
CA ALA B 249 26.35 -12.49 -47.32
C ALA B 249 25.94 -13.41 -48.47
N SER B 250 26.70 -13.36 -49.58
CA SER B 250 26.52 -14.24 -50.74
C SER B 250 26.83 -15.71 -50.38
N ASP B 251 27.96 -16.03 -49.72
CA ASP B 251 28.40 -17.40 -49.46
C ASP B 251 27.86 -18.07 -48.18
N LYS B 252 27.99 -17.47 -46.99
CA LYS B 252 27.42 -18.07 -45.78
C LYS B 252 28.14 -19.35 -45.28
N VAL B 259 33.32 -24.82 -37.67
CA VAL B 259 32.27 -24.01 -36.97
C VAL B 259 32.24 -24.32 -35.48
N ASP B 260 32.24 -23.29 -34.65
CA ASP B 260 31.97 -23.44 -33.22
C ASP B 260 30.50 -23.15 -32.97
N TYR B 261 29.72 -24.18 -32.63
CA TYR B 261 28.26 -24.08 -32.47
C TYR B 261 27.83 -23.22 -31.28
N ASN B 262 28.80 -22.97 -30.40
CA ASN B 262 28.57 -22.18 -29.22
C ASN B 262 29.15 -20.78 -29.33
N SER B 263 29.73 -20.38 -30.46
CA SER B 263 30.06 -18.97 -30.63
C SER B 263 28.82 -18.23 -31.14
N ILE B 264 28.86 -16.89 -31.05
CA ILE B 264 27.69 -16.08 -31.36
C ILE B 264 27.90 -15.32 -32.68
N GLU B 265 29.12 -15.31 -33.24
CA GLU B 265 29.49 -14.53 -34.40
C GLU B 265 29.53 -15.40 -35.65
N GLY B 266 29.32 -14.80 -36.85
CA GLY B 266 29.49 -15.50 -38.12
C GLY B 266 28.32 -16.41 -38.51
N PHE B 267 28.39 -16.89 -39.74
CA PHE B 267 27.46 -17.85 -40.29
C PHE B 267 27.68 -19.24 -39.67
N LYS B 268 26.64 -20.06 -39.77
CA LYS B 268 26.66 -21.46 -39.37
C LYS B 268 25.75 -22.12 -40.38
N PRO B 269 25.76 -23.46 -40.52
CA PRO B 269 24.85 -24.12 -41.44
C PRO B 269 23.37 -23.91 -41.06
N SER B 270 22.55 -23.82 -42.11
CA SER B 270 21.13 -23.58 -41.94
C SER B 270 20.41 -24.37 -43.00
N LYS B 271 20.01 -25.58 -42.63
CA LYS B 271 19.38 -26.52 -43.53
C LYS B 271 18.18 -25.87 -44.21
N LEU B 272 17.43 -25.03 -43.49
CA LEU B 272 16.20 -24.49 -44.03
C LEU B 272 16.45 -23.14 -44.70
N GLY B 273 17.70 -22.67 -44.75
CA GLY B 273 18.03 -21.38 -45.36
C GLY B 273 17.49 -20.18 -44.52
N LEU B 274 17.43 -20.28 -43.20
CA LEU B 274 16.88 -19.22 -42.37
C LEU B 274 18.00 -18.53 -41.58
N TYR B 275 17.96 -17.18 -41.64
CA TYR B 275 18.95 -16.36 -40.98
C TYR B 275 18.30 -15.07 -40.49
N GLU B 276 18.91 -14.51 -39.44
CA GLU B 276 18.46 -13.28 -38.82
C GLU B 276 19.63 -12.58 -38.15
N THR B 277 19.74 -11.28 -38.39
CA THR B 277 20.61 -10.40 -37.65
C THR B 277 19.76 -9.58 -36.69
N ALA B 278 20.08 -9.70 -35.41
CA ALA B 278 19.54 -8.81 -34.43
C ALA B 278 20.51 -7.63 -34.31
N GLY B 279 19.92 -6.43 -34.30
CA GLY B 279 20.66 -5.19 -34.16
C GLY B 279 19.95 -4.17 -33.28
N THR B 280 20.63 -3.06 -33.08
CA THR B 280 20.19 -1.97 -32.23
C THR B 280 20.13 -0.69 -33.06
N ILE B 281 19.29 0.25 -32.59
CA ILE B 281 19.09 1.51 -33.24
C ILE B 281 20.22 2.44 -32.83
N ASN B 282 20.48 2.52 -31.51
CA ASN B 282 21.75 3.10 -31.07
C ASN B 282 22.72 1.93 -30.93
N ASP B 283 23.55 1.92 -29.88
CA ASP B 283 24.56 0.89 -29.70
C ASP B 283 24.26 0.01 -28.48
N SER B 284 23.09 0.14 -27.86
CA SER B 284 22.81 -0.59 -26.62
C SER B 284 21.53 -1.38 -26.85
N TRP B 285 21.46 -2.48 -26.11
CA TRP B 285 20.32 -3.33 -26.11
C TRP B 285 19.34 -2.79 -25.09
N GLY B 286 19.75 -2.82 -23.84
CA GLY B 286 19.02 -2.13 -22.80
C GLY B 286 19.13 -0.61 -22.95
N PHE B 287 18.11 0.09 -22.49
CA PHE B 287 18.15 1.55 -22.48
C PHE B 287 19.37 2.06 -21.71
N ALA B 288 20.10 2.99 -22.36
CA ALA B 288 21.26 3.63 -21.76
C ALA B 288 21.14 5.16 -21.92
N TYR B 289 21.12 5.90 -20.78
CA TYR B 289 20.90 7.36 -20.78
C TYR B 289 21.85 8.01 -21.78
N HIS B 290 23.14 7.62 -21.66
CA HIS B 290 24.25 8.27 -22.30
C HIS B 290 24.18 8.07 -23.81
N ASP B 291 23.55 6.99 -24.31
CA ASP B 291 23.79 6.58 -25.70
C ASP B 291 22.75 7.27 -26.61
N GLN B 292 23.22 8.31 -27.30
CA GLN B 292 22.43 9.04 -28.27
C GLN B 292 23.00 8.82 -29.66
N ASN B 293 23.73 7.73 -29.90
CA ASN B 293 24.27 7.48 -31.24
C ASN B 293 23.26 6.71 -32.10
N TRP B 294 22.10 7.33 -32.37
CA TRP B 294 20.97 6.71 -33.03
C TRP B 294 21.25 6.63 -34.53
N LYS B 295 21.07 5.47 -35.14
CA LYS B 295 21.20 5.39 -36.60
C LYS B 295 20.14 6.24 -37.26
N SER B 296 20.46 6.78 -38.43
CA SER B 296 19.53 7.61 -39.18
C SER B 296 18.48 6.72 -39.85
N PRO B 297 17.33 7.28 -40.27
CA PRO B 297 16.38 6.59 -41.13
C PRO B 297 17.05 5.91 -42.33
N GLN B 298 17.94 6.65 -42.98
CA GLN B 298 18.60 6.14 -44.17
C GLN B 298 19.43 4.90 -43.83
N THR B 299 20.20 4.93 -42.74
CA THR B 299 21.04 3.79 -42.36
C THR B 299 20.15 2.58 -42.08
N ILE B 300 19.08 2.78 -41.33
CA ILE B 300 18.18 1.71 -40.99
C ILE B 300 17.59 1.11 -42.26
N HIS B 301 17.13 1.99 -43.16
CA HIS B 301 16.55 1.55 -44.41
C HIS B 301 17.56 0.69 -45.19
N ASP B 302 18.81 1.18 -45.27
CA ASP B 302 19.83 0.55 -46.07
C ASP B 302 20.24 -0.78 -45.45
N TYR B 303 20.39 -0.83 -44.12
CA TYR B 303 20.71 -2.09 -43.46
C TYR B 303 19.63 -3.14 -43.71
N LYS B 304 18.37 -2.75 -43.57
CA LYS B 304 17.28 -3.68 -43.84
C LYS B 304 17.32 -4.18 -45.27
N ALA B 305 17.47 -3.27 -46.26
CA ALA B 305 17.50 -3.65 -47.65
C ALA B 305 18.62 -4.69 -47.91
N HIS B 306 19.80 -4.41 -47.34
CA HIS B 306 20.99 -5.21 -47.57
C HIS B 306 20.83 -6.61 -46.98
N LEU B 307 20.47 -6.68 -45.70
CA LEU B 307 20.21 -7.96 -45.06
C LEU B 307 19.15 -8.73 -45.84
N ASN B 308 18.03 -8.08 -46.17
CA ASN B 308 16.91 -8.77 -46.76
C ASN B 308 17.27 -9.29 -48.16
N LYS B 309 18.02 -8.54 -48.95
CA LYS B 309 18.26 -9.03 -50.28
C LYS B 309 19.23 -10.22 -50.24
N TYR B 310 19.96 -10.48 -49.16
CA TYR B 310 20.70 -11.72 -49.05
C TYR B 310 19.94 -12.75 -48.19
N GLY B 311 18.62 -12.63 -48.01
CA GLY B 311 17.79 -13.60 -47.33
C GLY B 311 18.00 -13.64 -45.81
N ILE B 312 18.37 -12.52 -45.19
CA ILE B 312 18.55 -12.39 -43.75
C ILE B 312 17.47 -11.44 -43.24
N ASN B 313 16.75 -11.88 -42.21
CA ASN B 313 15.81 -11.03 -41.49
C ASN B 313 16.54 -10.03 -40.60
N TYR B 314 15.91 -8.86 -40.42
CA TYR B 314 16.46 -7.81 -39.57
C TYR B 314 15.55 -7.69 -38.36
N LEU B 315 16.11 -8.03 -37.20
CA LEU B 315 15.39 -7.98 -35.96
C LEU B 315 15.96 -6.78 -35.20
N LEU B 316 15.19 -5.66 -35.18
CA LEU B 316 15.75 -4.38 -34.73
C LEU B 316 15.17 -4.04 -33.37
N ASN B 317 16.09 -3.89 -32.44
CA ASN B 317 15.79 -3.77 -31.02
C ASN B 317 15.46 -2.32 -30.58
N VAL B 318 14.49 -2.26 -29.69
CA VAL B 318 14.17 -1.10 -28.89
C VAL B 318 14.39 -1.46 -27.40
N GLY B 319 15.11 -0.58 -26.71
CA GLY B 319 15.30 -0.72 -25.28
C GLY B 319 14.38 0.30 -24.62
N LEU B 320 13.30 -0.19 -24.01
CA LEU B 320 12.34 0.66 -23.37
C LEU B 320 13.01 1.32 -22.16
N ASP B 321 12.55 2.56 -21.88
CA ASP B 321 13.09 3.30 -20.74
C ASP B 321 12.36 2.85 -19.45
N GLY B 322 12.74 3.47 -18.35
CA GLY B 322 12.26 3.15 -17.01
C GLY B 322 10.78 3.42 -16.84
N LEU B 323 10.20 4.24 -17.75
CA LEU B 323 8.78 4.53 -17.71
C LEU B 323 7.98 3.67 -18.70
N GLY B 324 8.67 2.77 -19.38
CA GLY B 324 8.06 1.83 -20.31
C GLY B 324 7.91 2.40 -21.72
N ARG B 325 8.68 3.41 -22.03
CA ARG B 325 8.54 4.12 -23.30
C ARG B 325 9.56 3.64 -24.31
N VAL B 326 9.14 3.71 -25.57
CA VAL B 326 10.05 3.72 -26.70
C VAL B 326 10.70 5.08 -26.69
N PRO B 327 12.03 5.20 -26.61
CA PRO B 327 12.66 6.48 -26.69
C PRO B 327 12.18 7.19 -27.94
N MET B 328 11.93 8.49 -27.81
CA MET B 328 11.51 9.33 -28.87
C MET B 328 12.45 9.20 -30.07
N ALA B 329 13.77 9.21 -29.84
CA ALA B 329 14.67 9.19 -31.01
C ALA B 329 14.59 7.82 -31.71
N ALA B 330 14.19 6.76 -31.01
CA ALA B 330 14.09 5.44 -31.61
C ALA B 330 12.85 5.41 -32.48
N GLU B 331 11.74 5.93 -31.94
CA GLU B 331 10.49 6.01 -32.65
C GLU B 331 10.66 6.84 -33.91
N GLN B 332 11.32 7.98 -33.79
CA GLN B 332 11.56 8.86 -34.93
C GLN B 332 12.41 8.16 -35.97
N ALA B 333 13.45 7.43 -35.56
CA ALA B 333 14.30 6.72 -36.51
C ALA B 333 13.49 5.66 -37.27
N LEU B 334 12.68 4.91 -36.55
CA LEU B 334 11.89 3.85 -37.14
C LEU B 334 10.85 4.41 -38.10
N LEU B 335 10.17 5.52 -37.70
CA LEU B 335 9.12 6.04 -38.54
C LEU B 335 9.74 6.71 -39.79
N GLY B 336 10.93 7.25 -39.62
CA GLY B 336 11.68 7.83 -40.73
C GLY B 336 12.11 6.77 -41.76
N ALA B 337 12.63 5.62 -41.29
CA ALA B 337 12.95 4.51 -42.18
C ALA B 337 11.71 4.03 -42.95
N ARG B 338 10.57 3.86 -42.25
CA ARG B 338 9.30 3.53 -42.91
C ARG B 338 8.97 4.53 -44.04
N ALA B 339 9.16 5.83 -43.79
CA ALA B 339 8.81 6.85 -44.76
C ALA B 339 9.70 6.73 -46.00
N LEU B 340 10.89 6.12 -45.91
CA LEU B 340 11.78 5.96 -47.06
C LEU B 340 11.35 4.79 -47.95
N GLU B 341 10.34 4.00 -47.59
CA GLU B 341 10.14 2.80 -48.36
C GLU B 341 9.08 3.01 -49.41
N ALA B 342 9.58 3.06 -50.66
CA ALA B 342 8.75 3.10 -51.85
C ALA B 342 8.08 1.73 -52.04
N SER C 2 -25.84 -43.81 -4.74
CA SER C 2 -25.00 -42.75 -4.10
C SER C 2 -25.73 -42.01 -2.96
N ASP C 3 -24.92 -41.51 -2.01
CA ASP C 3 -25.46 -40.71 -0.93
C ASP C 3 -25.97 -39.38 -1.49
N THR C 4 -25.16 -38.76 -2.37
CA THR C 4 -25.45 -37.45 -2.91
C THR C 4 -26.78 -37.53 -3.66
N VAL C 5 -27.03 -38.61 -4.39
CA VAL C 5 -28.26 -38.71 -5.17
C VAL C 5 -29.49 -38.71 -4.27
N GLU C 6 -29.48 -39.53 -3.21
CA GLU C 6 -30.58 -39.58 -2.26
C GLU C 6 -30.74 -38.23 -1.58
N TRP C 7 -29.61 -37.63 -1.19
CA TRP C 7 -29.65 -36.35 -0.52
C TRP C 7 -30.31 -35.27 -1.41
N PHE C 8 -29.92 -35.19 -2.68
CA PHE C 8 -30.36 -34.13 -3.56
C PHE C 8 -31.86 -34.23 -3.82
N LYS C 9 -32.34 -35.46 -3.94
CA LYS C 9 -33.75 -35.68 -4.20
C LYS C 9 -34.58 -35.08 -3.07
N GLN C 10 -34.10 -35.08 -1.82
CA GLN C 10 -34.90 -34.60 -0.71
C GLN C 10 -34.41 -33.20 -0.29
N ALA C 11 -33.41 -32.63 -0.96
CA ALA C 11 -32.76 -31.40 -0.49
C ALA C 11 -33.73 -30.20 -0.57
N LYS C 12 -34.50 -30.09 -1.65
CA LYS C 12 -35.64 -29.19 -1.77
C LYS C 12 -35.28 -27.74 -2.07
N TYR C 13 -34.27 -27.19 -1.37
CA TYR C 13 -34.08 -25.74 -1.26
C TYR C 13 -32.60 -25.48 -1.07
N GLY C 14 -32.04 -24.64 -1.92
CA GLY C 14 -30.69 -24.14 -1.74
C GLY C 14 -30.60 -22.65 -2.07
N MET C 15 -29.42 -22.08 -1.71
CA MET C 15 -29.10 -20.71 -2.01
C MET C 15 -28.07 -20.69 -3.14
N MET C 16 -28.30 -19.83 -4.11
CA MET C 16 -27.29 -19.52 -5.10
C MET C 16 -26.72 -18.13 -4.82
N ILE C 17 -25.42 -17.93 -5.13
CA ILE C 17 -24.80 -16.61 -5.00
C ILE C 17 -24.16 -16.26 -6.34
N HIS C 18 -24.54 -15.09 -6.84
CA HIS C 18 -23.83 -14.41 -7.91
C HIS C 18 -23.12 -13.21 -7.30
N TRP C 19 -21.82 -13.15 -7.54
CA TRP C 19 -21.02 -12.03 -7.04
C TRP C 19 -19.77 -11.89 -7.89
N GLY C 20 -19.51 -10.67 -8.31
CA GLY C 20 -18.33 -10.37 -9.10
C GLY C 20 -18.10 -8.87 -9.29
N LEU C 21 -17.20 -8.57 -10.25
CA LEU C 21 -16.96 -7.16 -10.55
C LEU C 21 -18.24 -6.46 -11.01
N TYR C 22 -19.09 -7.20 -11.76
CA TYR C 22 -20.35 -6.68 -12.24
C TYR C 22 -21.25 -6.14 -11.10
N SER C 23 -21.12 -6.71 -9.88
CA SER C 23 -21.91 -6.31 -8.76
C SER C 23 -21.64 -4.83 -8.34
N LEU C 24 -20.43 -4.34 -8.58
CA LEU C 24 -20.05 -2.94 -8.32
C LEU C 24 -20.77 -2.03 -9.27
N LEU C 25 -20.90 -2.40 -10.54
CA LEU C 25 -21.57 -1.50 -11.49
C LEU C 25 -23.08 -1.49 -11.24
N GLY C 26 -23.58 -2.64 -10.77
CA GLY C 26 -24.97 -2.72 -10.32
C GLY C 26 -25.98 -2.39 -11.42
N GLY C 27 -25.66 -2.70 -12.67
CA GLY C 27 -26.65 -2.58 -13.72
C GLY C 27 -26.50 -1.33 -14.55
N GLU C 28 -25.44 -0.55 -14.30
CA GLU C 28 -25.24 0.62 -15.14
C GLU C 28 -23.73 0.83 -15.38
N TYR C 29 -23.44 1.51 -16.48
CA TYR C 29 -22.07 1.86 -16.80
C TYR C 29 -22.08 3.05 -17.75
N GLN C 30 -21.40 4.11 -17.35
CA GLN C 30 -21.28 5.35 -18.06
C GLN C 30 -22.63 5.85 -18.51
N GLY C 31 -23.61 5.81 -17.64
CA GLY C 31 -24.89 6.44 -17.92
C GLY C 31 -25.80 5.57 -18.80
N LYS C 32 -25.42 4.32 -19.07
CA LYS C 32 -26.21 3.37 -19.84
C LYS C 32 -26.50 2.14 -19.00
N SER C 33 -27.64 1.55 -19.34
CA SER C 33 -28.23 0.47 -18.58
C SER C 33 -27.80 -0.93 -19.05
N SER C 34 -27.63 -1.87 -18.12
CA SER C 34 -27.71 -3.29 -18.46
C SER C 34 -29.18 -3.65 -18.70
N SER C 35 -29.43 -4.90 -19.11
CA SER C 35 -30.78 -5.38 -19.30
C SER C 35 -31.48 -5.86 -18.01
N ASN C 36 -31.16 -5.56 -16.77
CA ASN C 36 -31.86 -6.43 -15.78
C ASN C 36 -31.36 -7.90 -15.79
N TYR C 37 -30.37 -8.20 -16.66
CA TYR C 37 -29.26 -9.10 -16.36
C TYR C 37 -28.00 -8.24 -16.14
N ALA C 38 -27.82 -7.79 -14.88
CA ALA C 38 -26.73 -6.90 -14.55
C ALA C 38 -25.37 -7.55 -14.68
N GLU C 39 -25.33 -8.90 -14.53
CA GLU C 39 -24.07 -9.64 -14.68
C GLU C 39 -23.60 -9.68 -16.13
N TRP C 40 -24.51 -9.35 -17.10
CA TRP C 40 -24.20 -9.32 -18.53
C TRP C 40 -23.74 -7.92 -19.00
N VAL C 41 -23.53 -6.97 -18.07
CA VAL C 41 -23.31 -5.58 -18.44
C VAL C 41 -22.09 -5.46 -19.36
N GLN C 42 -21.04 -6.27 -19.15
CA GLN C 42 -19.89 -6.14 -20.03
C GLN C 42 -20.24 -6.36 -21.50
N SER C 43 -21.07 -7.36 -21.76
CA SER C 43 -21.48 -7.67 -23.13
C SER C 43 -22.50 -6.64 -23.60
N LYS C 44 -23.51 -6.40 -22.75
CA LYS C 44 -24.56 -5.44 -23.12
C LYS C 44 -23.98 -4.11 -23.60
N LEU C 45 -22.93 -3.59 -22.92
CA LEU C 45 -22.41 -2.29 -23.31
C LEU C 45 -21.04 -2.39 -23.92
N GLN C 46 -20.56 -3.59 -24.22
CA GLN C 46 -19.29 -3.81 -24.91
C GLN C 46 -18.16 -3.05 -24.21
N ILE C 47 -18.00 -3.35 -22.92
CA ILE C 47 -17.00 -2.66 -22.11
C ILE C 47 -15.64 -3.29 -22.41
N PRO C 48 -14.66 -2.55 -22.96
CA PRO C 48 -13.35 -3.14 -23.21
C PRO C 48 -12.79 -3.73 -21.89
N ASN C 49 -12.15 -4.90 -21.97
CA ASN C 49 -11.47 -5.50 -20.83
C ASN C 49 -10.57 -4.53 -20.11
N LYS C 50 -9.84 -3.69 -20.82
CA LYS C 50 -8.92 -2.76 -20.20
C LYS C 50 -9.70 -1.80 -19.29
N GLU C 51 -10.95 -1.45 -19.62
CA GLU C 51 -11.80 -0.59 -18.80
C GLU C 51 -12.42 -1.39 -17.68
N TYR C 52 -12.95 -2.58 -18.01
CA TYR C 52 -13.68 -3.36 -17.03
C TYR C 52 -12.79 -3.75 -15.88
N GLU C 53 -11.51 -4.03 -16.20
CA GLU C 53 -10.54 -4.42 -15.21
C GLU C 53 -10.31 -3.38 -14.12
N ARG C 54 -10.59 -2.12 -14.41
CA ARG C 54 -10.39 -1.04 -13.43
C ARG C 54 -11.23 -1.34 -12.18
N LEU C 55 -12.34 -2.03 -12.32
CA LEU C 55 -13.21 -2.34 -11.16
C LEU C 55 -12.47 -3.10 -10.08
N THR C 56 -11.42 -3.86 -10.42
CA THR C 56 -10.65 -4.55 -9.39
C THR C 56 -10.16 -3.58 -8.33
N GLN C 57 -9.84 -2.34 -8.71
CA GLN C 57 -9.27 -1.37 -7.77
C GLN C 57 -10.35 -0.88 -6.81
N ALA C 58 -11.63 -1.04 -7.14
CA ALA C 58 -12.70 -0.60 -6.25
C ALA C 58 -13.27 -1.75 -5.45
N PHE C 59 -12.72 -2.97 -5.61
CA PHE C 59 -13.32 -4.14 -5.00
C PHE C 59 -12.71 -4.38 -3.60
N ASN C 60 -13.37 -3.81 -2.60
CA ASN C 60 -12.96 -3.98 -1.21
C ASN C 60 -14.20 -4.10 -0.32
N PRO C 61 -14.91 -5.23 -0.45
CA PRO C 61 -16.23 -5.39 0.18
C PRO C 61 -16.09 -5.71 1.67
N ILE C 62 -15.91 -4.67 2.46
CA ILE C 62 -15.59 -4.82 3.87
C ILE C 62 -16.75 -5.47 4.63
N TYR C 63 -17.99 -5.58 4.11
CA TYR C 63 -19.08 -6.20 4.86
C TYR C 63 -19.33 -7.65 4.41
N PHE C 64 -18.52 -8.21 3.54
CA PHE C 64 -18.64 -9.62 3.19
C PHE C 64 -18.42 -10.50 4.41
N ASP C 65 -19.38 -11.38 4.69
CA ASP C 65 -19.19 -12.28 5.84
C ASP C 65 -19.81 -13.66 5.50
N ALA C 66 -18.95 -14.60 5.17
CA ALA C 66 -19.41 -15.90 4.68
C ALA C 66 -20.21 -16.64 5.74
N ASP C 67 -19.78 -16.57 6.99
CA ASP C 67 -20.55 -17.20 8.06
C ASP C 67 -21.95 -16.63 8.18
N ALA C 68 -22.11 -15.31 8.03
CA ALA C 68 -23.43 -14.73 8.22
C ALA C 68 -24.30 -15.06 7.02
N ILE C 69 -23.72 -15.13 5.83
CA ILE C 69 -24.53 -15.56 4.67
C ILE C 69 -25.01 -17.01 4.82
N ILE C 70 -24.13 -17.92 5.22
CA ILE C 70 -24.51 -19.31 5.38
C ILE C 70 -25.54 -19.44 6.51
N ASP C 71 -25.43 -18.63 7.57
CA ASP C 71 -26.38 -18.68 8.67
C ASP C 71 -27.77 -18.30 8.15
N LEU C 72 -27.82 -17.29 7.27
CA LEU C 72 -29.11 -16.90 6.71
C LEU C 72 -29.70 -18.10 5.93
N ALA C 73 -28.89 -18.66 5.03
CA ALA C 73 -29.31 -19.85 4.28
C ALA C 73 -29.86 -20.93 5.22
N LYS C 74 -29.07 -21.23 6.25
CA LYS C 74 -29.47 -22.31 7.16
C LYS C 74 -30.77 -21.99 7.88
N ARG C 75 -30.95 -20.75 8.37
CA ARG C 75 -32.20 -20.38 9.04
C ARG C 75 -33.41 -20.51 8.10
N CYS C 76 -33.23 -20.32 6.80
CA CYS C 76 -34.33 -20.45 5.84
C CYS C 76 -34.56 -21.92 5.46
N GLY C 77 -33.80 -22.86 6.00
CA GLY C 77 -33.95 -24.26 5.69
C GLY C 77 -33.22 -24.68 4.40
N MET C 78 -32.32 -23.85 3.85
CA MET C 78 -31.65 -24.22 2.64
C MET C 78 -30.57 -25.23 3.03
N GLN C 79 -30.36 -26.27 2.19
CA GLN C 79 -29.49 -27.39 2.54
C GLN C 79 -28.19 -27.34 1.74
N TYR C 80 -28.06 -26.38 0.82
CA TYR C 80 -26.85 -26.30 0.02
C TYR C 80 -26.70 -24.87 -0.46
N LEU C 81 -25.49 -24.53 -0.88
CA LEU C 81 -25.18 -23.23 -1.45
C LEU C 81 -24.32 -23.42 -2.68
N VAL C 82 -24.67 -22.75 -3.77
CA VAL C 82 -23.95 -22.78 -5.03
C VAL C 82 -23.47 -21.36 -5.32
N VAL C 83 -22.17 -21.16 -5.56
CA VAL C 83 -21.64 -19.82 -5.77
C VAL C 83 -20.87 -19.75 -7.08
N THR C 84 -20.97 -18.60 -7.73
CA THR C 84 -20.17 -18.27 -8.90
C THR C 84 -18.67 -18.21 -8.61
N THR C 85 -17.90 -19.19 -9.13
CA THR C 85 -16.47 -19.16 -9.06
C THR C 85 -15.89 -18.32 -10.17
N LYS C 86 -16.62 -18.21 -11.28
CA LYS C 86 -16.18 -17.46 -12.46
C LYS C 86 -17.39 -17.36 -13.40
N HIS C 87 -17.87 -16.17 -13.66
CA HIS C 87 -19.03 -15.97 -14.53
C HIS C 87 -18.51 -15.61 -15.93
N HIS C 88 -19.38 -15.14 -16.80
CA HIS C 88 -19.05 -14.95 -18.21
C HIS C 88 -17.91 -13.97 -18.42
N ASP C 89 -17.78 -12.97 -17.51
CA ASP C 89 -16.74 -11.96 -17.64
C ASP C 89 -15.36 -12.55 -17.41
N GLY C 90 -15.27 -13.79 -16.89
CA GLY C 90 -13.98 -14.49 -16.82
C GLY C 90 -13.16 -14.18 -15.56
N PHE C 91 -13.71 -13.34 -14.68
CA PHE C 91 -13.07 -12.98 -13.44
C PHE C 91 -13.30 -14.08 -12.39
N ALA C 92 -12.20 -14.65 -11.87
CA ALA C 92 -12.31 -15.70 -10.87
C ALA C 92 -12.51 -15.13 -9.48
N MET C 93 -13.42 -15.74 -8.70
CA MET C 93 -13.71 -15.32 -7.32
C MET C 93 -12.98 -16.20 -6.32
N TYR C 94 -11.86 -16.81 -6.78
CA TYR C 94 -11.03 -17.67 -5.92
C TYR C 94 -9.58 -17.44 -6.35
N ARG C 95 -8.63 -17.94 -5.55
N ARG C 95 -8.63 -17.95 -5.56
CA ARG C 95 -7.23 -17.82 -5.89
CA ARG C 95 -7.23 -17.82 -5.89
C ARG C 95 -6.85 -18.81 -6.99
C ARG C 95 -6.86 -18.82 -6.98
N SER C 96 -6.74 -18.36 -8.22
CA SER C 96 -6.38 -19.17 -9.36
C SER C 96 -4.94 -18.93 -9.70
N LEU C 97 -4.14 -20.01 -9.71
CA LEU C 97 -2.76 -19.96 -10.15
C LEU C 97 -2.68 -19.90 -11.68
N VAL C 98 -3.71 -20.40 -12.34
CA VAL C 98 -3.84 -20.39 -13.79
C VAL C 98 -3.99 -18.98 -14.32
N ASP C 99 -4.74 -18.15 -13.61
CA ASP C 99 -5.10 -16.82 -14.12
C ASP C 99 -5.12 -15.80 -12.97
N PRO C 100 -4.23 -14.81 -12.99
CA PRO C 100 -4.22 -13.72 -11.99
C PRO C 100 -5.37 -12.73 -12.01
N TYR C 101 -6.25 -12.83 -13.03
CA TYR C 101 -7.47 -12.04 -13.05
C TYR C 101 -8.47 -12.69 -12.13
N ASN C 102 -8.25 -12.44 -10.83
CA ASN C 102 -9.03 -13.10 -9.78
C ASN C 102 -9.07 -12.21 -8.54
N VAL C 103 -10.04 -12.48 -7.65
CA VAL C 103 -10.37 -11.66 -6.51
C VAL C 103 -9.26 -11.62 -5.48
N TYR C 104 -8.43 -12.69 -5.42
CA TYR C 104 -7.35 -12.72 -4.45
C TYR C 104 -6.16 -11.86 -4.93
N ASP C 105 -5.68 -12.11 -6.14
CA ASP C 105 -4.48 -11.47 -6.65
C ASP C 105 -4.71 -10.01 -7.13
N ALA C 106 -5.90 -9.67 -7.64
CA ALA C 106 -6.00 -8.45 -8.45
C ALA C 106 -6.70 -7.30 -7.70
N THR C 107 -7.18 -7.56 -6.47
CA THR C 107 -7.99 -6.58 -5.76
C THR C 107 -7.38 -6.31 -4.40
N PRO C 108 -7.68 -5.14 -3.79
CA PRO C 108 -7.19 -4.85 -2.47
C PRO C 108 -7.82 -5.81 -1.44
N PHE C 109 -8.93 -6.44 -1.76
CA PHE C 109 -9.56 -7.33 -0.79
C PHE C 109 -8.63 -8.52 -0.48
N HIS C 110 -7.95 -9.05 -1.51
CA HIS C 110 -6.88 -10.05 -1.32
C HIS C 110 -7.33 -11.22 -0.43
N ARG C 111 -8.55 -11.74 -0.68
CA ARG C 111 -9.09 -12.86 0.05
C ARG C 111 -9.76 -13.80 -0.97
N ASP C 112 -9.77 -15.09 -0.62
CA ASP C 112 -10.37 -16.16 -1.43
C ASP C 112 -11.84 -16.33 -1.03
N VAL C 113 -12.75 -15.72 -1.80
CA VAL C 113 -14.17 -15.73 -1.48
C VAL C 113 -14.76 -17.15 -1.48
N ILE C 114 -14.34 -17.95 -2.51
CA ILE C 114 -14.80 -19.31 -2.57
C ILE C 114 -14.33 -20.09 -1.34
N GLY C 115 -13.05 -19.91 -0.98
CA GLY C 115 -12.49 -20.54 0.21
C GLY C 115 -13.27 -20.24 1.47
N GLU C 116 -13.62 -18.96 1.66
CA GLU C 116 -14.32 -18.60 2.89
C GLU C 116 -15.74 -19.18 2.87
N LEU C 117 -16.41 -19.18 1.72
CA LEU C 117 -17.72 -19.80 1.67
C LEU C 117 -17.70 -21.33 1.91
N SER C 118 -16.69 -21.98 1.36
CA SER C 118 -16.50 -23.44 1.58
C SER C 118 -16.37 -23.77 3.06
N LEU C 119 -15.50 -23.04 3.73
CA LEU C 119 -15.29 -23.24 5.18
C LEU C 119 -16.57 -22.98 5.97
N ALA C 120 -17.29 -21.90 5.60
CA ALA C 120 -18.54 -21.58 6.28
C ALA C 120 -19.60 -22.68 6.09
N CYS C 121 -19.72 -23.19 4.86
CA CYS C 121 -20.69 -24.28 4.62
C CYS C 121 -20.34 -25.51 5.45
N ARG C 122 -19.06 -25.84 5.49
CA ARG C 122 -18.64 -27.04 6.19
C ARG C 122 -18.96 -26.86 7.67
N LYS C 123 -18.70 -25.71 8.30
CA LYS C 123 -18.94 -25.68 9.74
C LYS C 123 -20.42 -25.75 10.02
N ALA C 124 -21.26 -25.22 9.14
CA ALA C 124 -22.70 -25.15 9.40
C ALA C 124 -23.42 -26.43 8.95
N GLY C 125 -22.72 -27.31 8.23
CA GLY C 125 -23.32 -28.55 7.74
C GLY C 125 -24.08 -28.34 6.45
N LEU C 126 -23.79 -27.33 5.63
CA LEU C 126 -24.44 -27.18 4.37
C LEU C 126 -23.56 -27.81 3.30
N ARG C 127 -24.19 -28.39 2.27
CA ARG C 127 -23.43 -28.86 1.13
C ARG C 127 -23.06 -27.67 0.23
N PHE C 128 -21.93 -27.87 -0.43
CA PHE C 128 -21.29 -26.82 -1.20
C PHE C 128 -21.29 -27.14 -2.68
N GLY C 129 -21.66 -26.14 -3.50
CA GLY C 129 -21.65 -26.27 -4.95
C GLY C 129 -21.02 -25.06 -5.63
N LEU C 130 -20.59 -25.27 -6.86
CA LEU C 130 -19.76 -24.30 -7.57
C LEU C 130 -20.33 -24.09 -8.95
N TYR C 131 -20.57 -22.83 -9.29
CA TYR C 131 -20.89 -22.38 -10.65
C TYR C 131 -19.61 -22.04 -11.37
N TYR C 132 -19.48 -22.50 -12.62
CA TYR C 132 -18.34 -22.08 -13.46
C TYR C 132 -18.79 -21.91 -14.90
N SER C 133 -18.53 -20.75 -15.51
CA SER C 133 -18.83 -20.53 -16.90
C SER C 133 -17.81 -21.18 -17.79
N GLN C 134 -18.08 -22.43 -18.25
CA GLN C 134 -17.12 -23.24 -18.98
C GLN C 134 -16.99 -22.83 -20.45
N ASP C 135 -18.00 -22.16 -20.97
CA ASP C 135 -18.12 -21.90 -22.40
C ASP C 135 -17.80 -20.41 -22.66
N LEU C 136 -18.66 -19.50 -22.15
CA LEU C 136 -18.42 -18.07 -22.31
C LEU C 136 -17.30 -17.59 -21.39
N ASP C 137 -16.36 -16.81 -21.98
CA ASP C 137 -15.33 -16.14 -21.20
C ASP C 137 -14.88 -14.88 -21.94
N TRP C 138 -15.38 -13.71 -21.50
CA TRP C 138 -15.20 -12.45 -22.20
C TRP C 138 -13.79 -11.90 -22.02
N HIS C 139 -13.06 -12.44 -21.05
CA HIS C 139 -11.66 -12.06 -20.85
C HIS C 139 -10.72 -12.87 -21.73
N GLU C 140 -11.20 -13.82 -22.53
CA GLU C 140 -10.34 -14.71 -23.34
C GLU C 140 -10.67 -14.56 -24.83
N PRO C 141 -9.69 -14.27 -25.67
CA PRO C 141 -9.92 -14.16 -27.10
C PRO C 141 -10.60 -15.40 -27.71
N ASP C 142 -10.33 -16.58 -27.14
CA ASP C 142 -10.94 -17.82 -27.65
C ASP C 142 -12.12 -18.28 -26.77
N GLY C 143 -12.65 -17.41 -25.93
CA GLY C 143 -13.87 -17.72 -25.22
C GLY C 143 -15.02 -18.05 -26.16
N GLY C 144 -15.96 -18.84 -25.64
CA GLY C 144 -17.07 -19.32 -26.43
C GLY C 144 -18.10 -18.24 -26.80
N GLY C 145 -19.00 -18.64 -27.69
CA GLY C 145 -20.17 -17.88 -28.07
C GLY C 145 -20.13 -17.32 -29.49
N TYR C 146 -18.97 -17.40 -30.12
CA TYR C 146 -18.76 -16.76 -31.43
C TYR C 146 -19.52 -17.50 -32.52
N LEU C 147 -20.10 -18.67 -32.24
CA LEU C 147 -20.88 -19.38 -33.24
C LEU C 147 -22.38 -19.09 -33.11
N SER C 148 -22.82 -18.31 -32.11
CA SER C 148 -24.19 -18.28 -31.66
C SER C 148 -24.84 -16.93 -31.85
N ASN C 149 -24.21 -15.99 -32.59
CA ASN C 149 -24.67 -14.59 -32.52
C ASN C 149 -25.89 -14.31 -33.40
N ASP C 150 -26.50 -15.32 -34.01
CA ASP C 150 -27.85 -15.17 -34.57
C ASP C 150 -28.91 -15.39 -33.48
N ILE C 151 -28.55 -15.86 -32.28
CA ILE C 151 -29.50 -15.98 -31.17
C ILE C 151 -29.32 -14.77 -30.23
N GLU C 152 -30.42 -14.10 -29.86
CA GLU C 152 -30.40 -12.92 -29.02
C GLU C 152 -29.97 -13.30 -27.60
N THR C 153 -29.32 -12.36 -26.89
CA THR C 153 -28.78 -12.58 -25.54
C THR C 153 -29.29 -11.49 -24.59
N ALA C 154 -28.90 -11.59 -23.31
CA ALA C 154 -29.15 -10.49 -22.38
C ALA C 154 -28.17 -9.31 -22.58
N GLY C 155 -27.22 -9.49 -23.49
CA GLY C 155 -26.12 -8.58 -23.77
C GLY C 155 -26.21 -8.14 -25.22
N THR C 156 -25.05 -8.12 -25.91
CA THR C 156 -25.02 -7.97 -27.37
C THR C 156 -24.70 -9.37 -27.92
N THR C 157 -23.38 -9.69 -28.10
CA THR C 157 -22.94 -11.00 -28.55
C THR C 157 -22.72 -11.91 -27.33
N TRP C 158 -22.69 -13.20 -27.61
CA TRP C 158 -22.38 -14.17 -26.57
C TRP C 158 -20.91 -14.12 -26.18
N ASP C 159 -20.04 -13.87 -27.17
CA ASP C 159 -18.61 -13.73 -26.97
C ASP C 159 -18.23 -12.27 -26.78
N ASN C 160 -16.97 -12.08 -26.39
CA ASN C 160 -16.39 -10.75 -26.50
C ASN C 160 -15.97 -10.54 -27.94
N SER C 161 -16.82 -9.81 -28.67
CA SER C 161 -16.59 -9.48 -30.07
C SER C 161 -16.03 -8.07 -30.28
N TRP C 162 -15.74 -7.34 -29.20
CA TRP C 162 -15.33 -5.91 -29.34
C TRP C 162 -13.83 -5.79 -29.09
N ASP C 163 -13.27 -6.45 -28.06
CA ASP C 163 -11.83 -6.49 -27.91
C ASP C 163 -11.18 -7.50 -28.84
N PHE C 164 -11.91 -8.57 -29.23
CA PHE C 164 -11.38 -9.70 -29.98
C PHE C 164 -12.18 -9.84 -31.26
N THR C 165 -11.55 -9.44 -32.37
CA THR C 165 -12.24 -9.41 -33.62
C THR C 165 -11.57 -10.32 -34.62
N GLY C 166 -10.65 -11.21 -34.24
CA GLY C 166 -9.97 -12.02 -35.25
C GLY C 166 -10.47 -13.48 -35.25
N GLU C 167 -9.66 -14.40 -35.80
CA GLU C 167 -9.87 -15.83 -35.73
C GLU C 167 -9.98 -16.31 -34.27
N LYS C 168 -10.92 -17.23 -34.04
CA LYS C 168 -11.28 -17.71 -32.72
C LYS C 168 -11.41 -19.21 -32.73
N ASN C 169 -10.92 -19.87 -31.68
CA ASN C 169 -11.03 -21.32 -31.60
C ASN C 169 -11.10 -21.68 -30.13
N TYR C 170 -12.32 -22.01 -29.67
CA TYR C 170 -12.58 -22.34 -28.27
C TYR C 170 -11.63 -23.43 -27.72
N ASP C 171 -11.15 -24.33 -28.58
CA ASP C 171 -10.28 -25.41 -28.15
C ASP C 171 -9.10 -24.83 -27.35
N ARG C 172 -8.56 -23.68 -27.74
CA ARG C 172 -7.41 -23.12 -27.04
C ARG C 172 -7.75 -22.65 -25.62
N ALA C 173 -8.88 -21.95 -25.47
CA ALA C 173 -9.29 -21.52 -24.16
C ALA C 173 -9.67 -22.72 -23.30
N PHE C 174 -10.26 -23.72 -23.95
CA PHE C 174 -10.66 -24.92 -23.24
C PHE C 174 -9.44 -25.53 -22.57
N LYS C 175 -8.38 -25.63 -23.35
CA LYS C 175 -7.16 -26.29 -22.86
C LYS C 175 -6.43 -25.41 -21.84
N HIS C 176 -6.30 -24.11 -22.07
CA HIS C 176 -5.39 -23.23 -21.32
C HIS C 176 -6.08 -22.57 -20.15
N LYS C 177 -7.41 -22.38 -20.17
CA LYS C 177 -8.08 -21.77 -19.04
C LYS C 177 -9.18 -22.63 -18.40
N ILE C 178 -10.11 -23.13 -19.23
CA ILE C 178 -11.31 -23.76 -18.72
C ILE C 178 -10.94 -25.01 -17.91
N MET C 179 -10.26 -25.96 -18.54
CA MET C 179 -9.97 -27.21 -17.86
C MET C 179 -9.04 -26.96 -16.65
N PRO C 180 -7.93 -26.21 -16.75
CA PRO C 180 -7.08 -25.99 -15.55
C PRO C 180 -7.85 -25.34 -14.41
N GLN C 181 -8.78 -24.41 -14.70
CA GLN C 181 -9.54 -23.78 -13.63
C GLN C 181 -10.55 -24.72 -13.01
N ILE C 182 -11.19 -25.56 -13.84
CA ILE C 182 -12.11 -26.57 -13.29
C ILE C 182 -11.35 -27.51 -12.35
N GLU C 183 -10.14 -27.85 -12.73
CA GLU C 183 -9.28 -28.63 -11.86
C GLU C 183 -9.00 -27.93 -10.53
N GLU C 184 -8.67 -26.64 -10.60
CA GLU C 184 -8.46 -25.86 -9.36
C GLU C 184 -9.68 -25.90 -8.43
N ILE C 185 -10.86 -25.57 -8.94
CA ILE C 185 -12.02 -25.44 -8.06
C ILE C 185 -12.47 -26.80 -7.53
N MET C 186 -12.22 -27.88 -8.30
CA MET C 186 -12.63 -29.20 -7.89
C MET C 186 -11.55 -29.89 -7.03
N SER C 187 -10.41 -29.24 -6.82
CA SER C 187 -9.30 -29.74 -6.02
C SER C 187 -9.14 -29.00 -4.69
N ASN C 188 -9.45 -27.68 -4.62
CA ASN C 188 -8.91 -26.88 -3.53
C ASN C 188 -9.93 -26.46 -2.46
N TYR C 189 -11.19 -26.87 -2.54
CA TYR C 189 -12.26 -26.27 -1.77
C TYR C 189 -13.09 -27.36 -1.11
N GLY C 190 -12.47 -28.52 -0.88
CA GLY C 190 -13.08 -29.65 -0.17
C GLY C 190 -14.13 -30.37 -1.04
N GLU C 191 -15.02 -31.06 -0.37
CA GLU C 191 -16.00 -31.90 -1.10
C GLU C 191 -17.05 -31.03 -1.78
N ILE C 192 -17.24 -31.25 -3.07
CA ILE C 192 -18.22 -30.46 -3.84
C ILE C 192 -19.41 -31.37 -4.19
N SER C 193 -20.64 -30.93 -3.85
CA SER C 193 -21.83 -31.74 -4.09
C SER C 193 -22.54 -31.35 -5.38
N VAL C 194 -22.36 -30.15 -5.88
CA VAL C 194 -23.02 -29.72 -7.10
C VAL C 194 -22.06 -28.96 -7.98
N ALA C 195 -22.06 -29.27 -9.28
CA ALA C 195 -21.32 -28.47 -10.28
C ALA C 195 -22.31 -27.88 -11.26
N TRP C 196 -22.30 -26.53 -11.31
CA TRP C 196 -23.29 -25.76 -12.05
C TRP C 196 -22.57 -25.08 -13.22
N PHE C 197 -22.69 -25.67 -14.38
CA PHE C 197 -22.16 -25.15 -15.63
C PHE C 197 -23.27 -24.37 -16.31
N ASP C 198 -22.98 -23.74 -17.45
CA ASP C 198 -23.92 -22.80 -18.00
C ASP C 198 -23.68 -22.59 -19.51
N VAL C 199 -24.76 -22.20 -20.18
CA VAL C 199 -24.82 -21.79 -21.58
C VAL C 199 -23.77 -22.50 -22.43
N PRO C 200 -23.99 -23.79 -22.74
CA PRO C 200 -23.09 -24.58 -23.58
C PRO C 200 -23.26 -24.27 -25.07
N MET C 201 -22.86 -23.07 -25.46
CA MET C 201 -23.09 -22.55 -26.80
C MET C 201 -22.05 -23.09 -27.78
N THR C 202 -20.90 -23.58 -27.34
CA THR C 202 -19.77 -23.80 -28.24
C THR C 202 -19.10 -25.18 -28.02
N LEU C 203 -18.99 -25.67 -26.75
CA LEU C 203 -18.18 -26.84 -26.51
C LEU C 203 -18.80 -28.09 -27.15
N SER C 204 -17.89 -28.97 -27.60
CA SER C 204 -18.25 -30.20 -28.26
C SER C 204 -18.68 -31.25 -27.24
N ASP C 205 -19.24 -32.34 -27.79
CA ASP C 205 -19.55 -33.51 -27.00
C ASP C 205 -18.31 -33.98 -26.20
N GLU C 206 -17.19 -34.04 -26.88
CA GLU C 206 -15.95 -34.49 -26.28
C GLU C 206 -15.48 -33.54 -25.16
N GLN C 207 -15.63 -32.22 -25.40
CA GLN C 207 -15.30 -31.25 -24.38
C GLN C 207 -16.20 -31.40 -23.16
N SER C 208 -17.52 -31.55 -23.39
CA SER C 208 -18.43 -31.75 -22.27
C SER C 208 -18.01 -32.99 -21.49
N GLN C 209 -17.70 -34.08 -22.23
CA GLN C 209 -17.33 -35.32 -21.60
C GLN C 209 -16.04 -35.16 -20.80
N THR C 210 -15.05 -34.48 -21.38
CA THR C 210 -13.75 -34.29 -20.69
C THR C 210 -13.99 -33.58 -19.35
N ILE C 211 -14.86 -32.55 -19.35
CA ILE C 211 -15.16 -31.85 -18.10
C ILE C 211 -15.82 -32.82 -17.13
N TYR C 212 -16.85 -33.55 -17.60
CA TYR C 212 -17.61 -34.45 -16.75
C TYR C 212 -16.64 -35.43 -16.08
N ASP C 213 -15.74 -36.06 -16.89
CA ASP C 213 -14.81 -37.04 -16.36
C ASP C 213 -13.81 -36.42 -15.37
N THR C 214 -13.37 -35.20 -15.63
CA THR C 214 -12.44 -34.57 -14.70
C THR C 214 -13.13 -34.27 -13.36
N VAL C 215 -14.36 -33.76 -13.43
CA VAL C 215 -15.07 -33.44 -12.21
C VAL C 215 -15.22 -34.71 -11.42
N LYS C 216 -15.62 -35.81 -12.07
CA LYS C 216 -15.83 -37.06 -11.35
C LYS C 216 -14.55 -37.64 -10.78
N ARG C 217 -13.46 -37.54 -11.52
CA ARG C 217 -12.17 -38.00 -11.02
C ARG C 217 -11.85 -37.24 -9.72
N LEU C 218 -11.98 -35.92 -9.71
CA LEU C 218 -11.63 -35.10 -8.53
C LEU C 218 -12.73 -35.10 -7.44
N GLN C 219 -14.00 -35.26 -7.82
CA GLN C 219 -15.15 -35.15 -6.92
C GLN C 219 -16.15 -36.27 -7.26
N PRO C 220 -15.86 -37.52 -6.87
CA PRO C 220 -16.69 -38.67 -7.28
C PRO C 220 -18.17 -38.53 -6.92
N ASP C 221 -18.51 -37.77 -5.88
CA ASP C 221 -19.90 -37.62 -5.49
C ASP C 221 -20.54 -36.29 -5.95
N CYS C 222 -19.91 -35.56 -6.84
CA CYS C 222 -20.45 -34.30 -7.29
C CYS C 222 -21.54 -34.54 -8.32
N LEU C 223 -22.70 -33.91 -8.18
CA LEU C 223 -23.77 -33.98 -9.18
C LEU C 223 -23.63 -32.86 -10.20
N ILE C 224 -23.61 -33.18 -11.49
CA ILE C 224 -23.36 -32.18 -12.54
C ILE C 224 -24.67 -31.83 -13.25
N ASN C 225 -24.96 -30.55 -13.46
CA ASN C 225 -26.20 -30.11 -14.09
C ASN C 225 -26.12 -30.19 -15.62
N SER C 226 -27.29 -30.10 -16.25
CA SER C 226 -27.52 -30.34 -17.66
C SER C 226 -26.86 -29.31 -18.55
N ARG C 227 -26.54 -28.13 -18.01
CA ARG C 227 -25.97 -27.06 -18.81
C ARG C 227 -24.46 -27.24 -19.09
N LEU C 228 -23.87 -28.35 -18.61
CA LEU C 228 -22.56 -28.76 -19.12
C LEU C 228 -22.66 -29.04 -20.63
N GLY C 229 -23.88 -29.39 -21.06
CA GLY C 229 -24.19 -29.60 -22.43
C GLY C 229 -23.96 -31.05 -22.89
N ASN C 230 -24.49 -31.28 -24.09
CA ASN C 230 -24.28 -32.49 -24.89
C ASN C 230 -24.72 -33.73 -24.12
N GLY C 231 -25.63 -33.59 -23.16
CA GLY C 231 -26.15 -34.74 -22.46
C GLY C 231 -25.20 -35.31 -21.41
N ARG C 232 -24.13 -34.59 -21.04
CA ARG C 232 -23.17 -35.09 -20.06
C ARG C 232 -23.49 -34.51 -18.67
N TYR C 233 -24.40 -35.16 -17.93
CA TYR C 233 -24.92 -34.54 -16.71
C TYR C 233 -25.58 -35.57 -15.81
N ASP C 234 -25.74 -35.24 -14.54
CA ASP C 234 -26.44 -36.14 -13.62
C ASP C 234 -27.83 -35.62 -13.28
N TYR C 235 -28.08 -34.28 -13.40
CA TYR C 235 -29.42 -33.75 -13.11
C TYR C 235 -29.77 -32.64 -14.09
N VAL C 236 -31.10 -32.41 -14.18
CA VAL C 236 -31.62 -31.42 -15.12
C VAL C 236 -31.80 -30.06 -14.44
N SER C 237 -31.15 -29.02 -15.00
CA SER C 237 -31.48 -27.64 -14.66
C SER C 237 -32.58 -27.21 -15.60
N LEU C 238 -33.69 -26.70 -15.06
CA LEU C 238 -34.67 -26.09 -15.94
C LEU C 238 -34.19 -24.70 -16.38
N GLY C 239 -35.05 -23.98 -17.11
CA GLY C 239 -34.75 -22.61 -17.52
C GLY C 239 -34.64 -21.63 -16.33
N ASP C 240 -34.01 -20.48 -16.58
CA ASP C 240 -33.93 -19.38 -15.60
C ASP C 240 -35.35 -19.04 -15.09
N ASN C 241 -35.61 -19.18 -13.77
CA ASN C 241 -36.91 -18.85 -13.20
C ASN C 241 -38.04 -19.65 -13.85
N GLU C 242 -37.73 -20.83 -14.41
CA GLU C 242 -38.78 -21.65 -15.01
C GLU C 242 -39.54 -22.40 -13.91
N ILE C 243 -40.80 -22.05 -13.77
CA ILE C 243 -41.73 -22.72 -12.86
C ILE C 243 -42.71 -23.47 -13.75
N PRO C 244 -42.55 -24.79 -14.00
CA PRO C 244 -43.36 -25.46 -15.00
C PRO C 244 -44.82 -25.65 -14.57
N GLU C 245 -45.68 -25.52 -15.58
CA GLU C 245 -47.11 -25.80 -15.47
C GLU C 245 -47.29 -27.20 -14.91
N ASP C 246 -48.44 -27.47 -14.28
CA ASP C 246 -48.70 -28.73 -13.61
C ASP C 246 -48.42 -29.93 -14.53
N SER C 247 -48.98 -29.96 -15.74
CA SER C 247 -48.86 -31.20 -16.51
C SER C 247 -47.44 -31.39 -17.04
N ASP C 248 -46.66 -30.32 -17.30
CA ASP C 248 -45.27 -30.52 -17.67
C ASP C 248 -44.46 -31.02 -16.47
N ALA C 249 -44.73 -30.45 -15.27
CA ALA C 249 -44.03 -30.83 -14.03
C ALA C 249 -44.32 -32.28 -13.68
N SER C 250 -45.55 -32.74 -14.01
CA SER C 250 -45.96 -34.12 -13.85
C SER C 250 -45.19 -35.09 -14.77
N ASP C 251 -45.08 -34.80 -16.09
CA ASP C 251 -44.49 -35.72 -17.09
C ASP C 251 -42.97 -35.59 -17.30
N LYS C 252 -42.43 -34.39 -17.55
CA LYS C 252 -40.97 -34.21 -17.66
C LYS C 252 -40.36 -34.76 -18.96
N VAL C 259 -35.46 -33.34 -28.15
CA VAL C 259 -34.60 -32.75 -27.07
C VAL C 259 -33.35 -32.10 -27.65
N ASP C 260 -33.11 -30.84 -27.37
CA ASP C 260 -31.84 -30.19 -27.66
C ASP C 260 -31.06 -30.08 -26.35
N TYR C 261 -29.98 -30.87 -26.26
CA TYR C 261 -29.18 -31.00 -25.03
C TYR C 261 -28.44 -29.71 -24.65
N ASN C 262 -28.32 -28.82 -25.64
CA ASN C 262 -27.62 -27.57 -25.46
C ASN C 262 -28.57 -26.36 -25.31
N SER C 263 -29.90 -26.55 -25.30
CA SER C 263 -30.78 -25.46 -24.89
C SER C 263 -30.87 -25.42 -23.37
N ILE C 264 -31.38 -24.29 -22.84
CA ILE C 264 -31.39 -24.08 -21.39
C ILE C 264 -32.83 -24.17 -20.85
N GLU C 265 -33.83 -24.18 -21.72
CA GLU C 265 -35.25 -24.14 -21.33
C GLU C 265 -35.85 -25.54 -21.37
N GLY C 266 -36.86 -25.84 -20.54
CA GLY C 266 -37.64 -27.07 -20.66
C GLY C 266 -36.98 -28.25 -19.95
N PHE C 267 -37.75 -29.34 -19.83
CA PHE C 267 -37.26 -30.60 -19.31
C PHE C 267 -36.33 -31.31 -20.30
N LYS C 268 -35.56 -32.25 -19.75
CA LYS C 268 -34.71 -33.14 -20.51
C LYS C 268 -34.79 -34.44 -19.73
N PRO C 269 -34.33 -35.59 -20.28
CA PRO C 269 -34.31 -36.84 -19.52
C PRO C 269 -33.39 -36.77 -18.29
N SER C 270 -33.79 -37.49 -17.25
CA SER C 270 -33.03 -37.56 -16.02
C SER C 270 -33.18 -38.96 -15.47
N LYS C 271 -32.24 -39.82 -15.80
CA LYS C 271 -32.25 -41.22 -15.41
C LYS C 271 -32.35 -41.34 -13.89
N LEU C 272 -31.78 -40.44 -13.13
CA LEU C 272 -31.82 -40.52 -11.68
C LEU C 272 -33.04 -39.83 -11.06
N GLY C 273 -33.88 -39.19 -11.88
CA GLY C 273 -35.04 -38.47 -11.40
C GLY C 273 -34.69 -37.18 -10.65
N LEU C 274 -33.62 -36.48 -11.03
CA LEU C 274 -33.21 -35.26 -10.34
C LEU C 274 -33.45 -34.04 -11.23
N TYR C 275 -34.06 -33.02 -10.59
CA TYR C 275 -34.35 -31.75 -11.23
C TYR C 275 -34.17 -30.58 -10.26
N GLU C 276 -33.92 -29.42 -10.84
CA GLU C 276 -33.70 -28.18 -10.09
C GLU C 276 -34.05 -26.98 -10.98
N THR C 277 -34.83 -26.08 -10.41
CA THR C 277 -35.02 -24.77 -10.98
C THR C 277 -34.22 -23.74 -10.18
N ALA C 278 -33.36 -23.04 -10.87
CA ALA C 278 -32.71 -21.87 -10.32
C ALA C 278 -33.56 -20.65 -10.65
N GLY C 279 -33.76 -19.83 -9.63
CA GLY C 279 -34.55 -18.62 -9.72
C GLY C 279 -33.89 -17.45 -8.95
N THR C 280 -34.50 -16.29 -9.09
CA THR C 280 -34.04 -15.06 -8.47
C THR C 280 -35.16 -14.49 -7.61
N ILE C 281 -34.79 -13.65 -6.63
CA ILE C 281 -35.73 -13.04 -5.73
C ILE C 281 -36.33 -11.83 -6.42
N ASN C 282 -35.52 -10.97 -6.95
CA ASN C 282 -36.00 -10.00 -7.92
C ASN C 282 -35.84 -10.66 -9.31
N ASP C 283 -35.43 -9.89 -10.32
CA ASP C 283 -35.36 -10.38 -11.70
C ASP C 283 -33.91 -10.44 -12.18
N SER C 284 -32.91 -10.24 -11.30
CA SER C 284 -31.53 -10.20 -11.77
C SER C 284 -30.77 -11.24 -10.95
N TRP C 285 -29.72 -11.71 -11.60
CA TRP C 285 -28.80 -12.64 -10.99
C TRP C 285 -27.76 -11.82 -10.23
N GLY C 286 -27.01 -11.03 -10.94
CA GLY C 286 -26.14 -10.07 -10.28
C GLY C 286 -26.96 -8.92 -9.67
N PHE C 287 -26.41 -8.33 -8.62
CA PHE C 287 -27.00 -7.13 -8.01
C PHE C 287 -27.25 -6.03 -9.06
N ALA C 288 -28.44 -5.47 -9.01
CA ALA C 288 -28.80 -4.32 -9.85
C ALA C 288 -29.51 -3.27 -9.00
N TYR C 289 -28.95 -2.03 -8.96
CA TYR C 289 -29.59 -0.90 -8.26
C TYR C 289 -31.04 -0.76 -8.69
N HIS C 290 -31.25 -0.79 -10.01
CA HIS C 290 -32.56 -0.49 -10.61
C HIS C 290 -33.63 -1.53 -10.23
N ASP C 291 -33.25 -2.74 -9.86
CA ASP C 291 -34.25 -3.80 -9.71
C ASP C 291 -34.75 -3.92 -8.27
N GLN C 292 -35.93 -3.36 -8.06
CA GLN C 292 -36.65 -3.42 -6.79
C GLN C 292 -37.87 -4.31 -6.93
N ASN C 293 -37.94 -5.18 -7.94
CA ASN C 293 -39.13 -6.01 -8.13
C ASN C 293 -38.99 -7.35 -7.37
N TRP C 294 -38.89 -7.27 -6.05
CA TRP C 294 -38.61 -8.38 -5.16
C TRP C 294 -39.86 -9.22 -5.00
N LYS C 295 -39.82 -10.53 -5.21
CA LYS C 295 -40.98 -11.37 -4.96
C LYS C 295 -41.30 -11.33 -3.48
N SER C 296 -42.58 -11.46 -3.17
CA SER C 296 -43.09 -11.50 -1.81
C SER C 296 -42.73 -12.81 -1.13
N PRO C 297 -42.76 -12.85 0.21
CA PRO C 297 -42.70 -14.10 0.96
C PRO C 297 -43.66 -15.17 0.45
N GLN C 298 -44.90 -14.76 0.17
CA GLN C 298 -45.91 -15.68 -0.29
C GLN C 298 -45.50 -16.32 -1.62
N THR C 299 -45.02 -15.52 -2.58
CA THR C 299 -44.65 -16.04 -3.88
C THR C 299 -43.52 -17.05 -3.73
N ILE C 300 -42.50 -16.67 -2.95
CA ILE C 300 -41.36 -17.56 -2.73
C ILE C 300 -41.84 -18.88 -2.13
N HIS C 301 -42.70 -18.81 -1.12
CA HIS C 301 -43.19 -19.98 -0.45
C HIS C 301 -43.94 -20.88 -1.45
N ASP C 302 -44.77 -20.27 -2.29
CA ASP C 302 -45.62 -21.00 -3.21
C ASP C 302 -44.79 -21.62 -4.32
N TYR C 303 -43.79 -20.90 -4.84
CA TYR C 303 -42.89 -21.45 -5.83
C TYR C 303 -42.16 -22.66 -5.26
N LYS C 304 -41.63 -22.54 -4.05
CA LYS C 304 -40.94 -23.66 -3.43
C LYS C 304 -41.86 -24.86 -3.26
N ALA C 305 -43.07 -24.67 -2.75
CA ALA C 305 -44.00 -25.77 -2.50
C ALA C 305 -44.36 -26.48 -3.81
N HIS C 306 -44.54 -25.69 -4.89
CA HIS C 306 -44.95 -26.21 -6.19
C HIS C 306 -43.82 -27.04 -6.78
N LEU C 307 -42.64 -26.46 -6.86
CA LEU C 307 -41.48 -27.18 -7.35
C LEU C 307 -41.30 -28.46 -6.53
N ASN C 308 -41.31 -28.35 -5.21
CA ASN C 308 -40.96 -29.48 -4.36
C ASN C 308 -42.00 -30.59 -4.47
N LYS C 309 -43.27 -30.29 -4.59
CA LYS C 309 -44.22 -31.39 -4.66
C LYS C 309 -44.09 -32.12 -6.00
N TYR C 310 -43.45 -31.59 -7.03
CA TYR C 310 -43.13 -32.39 -8.21
C TYR C 310 -41.70 -32.94 -8.17
N GLY C 311 -41.03 -32.95 -7.00
CA GLY C 311 -39.66 -33.46 -6.86
C GLY C 311 -38.60 -32.60 -7.54
N ILE C 312 -38.81 -31.28 -7.61
CA ILE C 312 -37.85 -30.36 -8.18
C ILE C 312 -37.33 -29.46 -7.06
N ASN C 313 -36.01 -29.37 -6.99
CA ASN C 313 -35.34 -28.50 -6.05
C ASN C 313 -35.41 -27.04 -6.48
N TYR C 314 -35.40 -26.15 -5.48
CA TYR C 314 -35.50 -24.70 -5.73
C TYR C 314 -34.19 -24.09 -5.28
N LEU C 315 -33.45 -23.58 -6.27
CA LEU C 315 -32.16 -22.97 -6.01
C LEU C 315 -32.34 -21.47 -6.17
N LEU C 316 -32.42 -20.77 -5.05
CA LEU C 316 -32.87 -19.37 -5.05
C LEU C 316 -31.69 -18.43 -4.80
N ASN C 317 -31.46 -17.59 -5.80
CA ASN C 317 -30.26 -16.78 -5.92
C ASN C 317 -30.35 -15.46 -5.12
N VAL C 318 -29.21 -15.12 -4.53
CA VAL C 318 -28.92 -13.81 -3.98
C VAL C 318 -27.79 -13.19 -4.78
N GLY C 319 -28.01 -11.95 -5.25
CA GLY C 319 -26.96 -11.16 -5.84
C GLY C 319 -26.37 -10.19 -4.82
N LEU C 320 -25.19 -10.48 -4.31
CA LEU C 320 -24.55 -9.63 -3.29
C LEU C 320 -24.21 -8.28 -3.90
N ASP C 321 -24.31 -7.23 -3.06
CA ASP C 321 -23.91 -5.89 -3.53
C ASP C 321 -22.39 -5.71 -3.50
N GLY C 322 -21.95 -4.51 -3.89
CA GLY C 322 -20.53 -4.21 -4.08
C GLY C 322 -19.79 -4.24 -2.74
N LEU C 323 -20.49 -4.19 -1.61
CA LEU C 323 -19.89 -4.30 -0.30
C LEU C 323 -19.91 -5.72 0.27
N GLY C 324 -20.45 -6.66 -0.51
CA GLY C 324 -20.50 -8.03 -0.11
C GLY C 324 -21.74 -8.41 0.70
N ARG C 325 -22.78 -7.59 0.64
CA ARG C 325 -23.93 -7.75 1.49
C ARG C 325 -25.09 -8.39 0.73
N VAL C 326 -25.91 -9.14 1.50
CA VAL C 326 -27.21 -9.56 1.03
C VAL C 326 -28.11 -8.35 1.08
N PRO C 327 -28.70 -7.89 -0.05
CA PRO C 327 -29.63 -6.80 -0.01
C PRO C 327 -30.68 -7.04 1.07
N MET C 328 -31.04 -5.97 1.75
CA MET C 328 -31.95 -6.08 2.86
C MET C 328 -33.30 -6.65 2.38
N ALA C 329 -33.79 -6.18 1.22
CA ALA C 329 -35.09 -6.67 0.75
C ALA C 329 -35.02 -8.15 0.40
N ALA C 330 -33.84 -8.68 0.05
CA ALA C 330 -33.72 -10.09 -0.26
C ALA C 330 -33.81 -10.89 1.02
N GLU C 331 -33.08 -10.43 2.02
CA GLU C 331 -33.05 -11.09 3.30
C GLU C 331 -34.46 -11.12 3.90
N GLN C 332 -35.14 -9.99 3.81
CA GLN C 332 -36.51 -9.90 4.32
C GLN C 332 -37.45 -10.86 3.57
N ALA C 333 -37.31 -10.96 2.24
CA ALA C 333 -38.17 -11.87 1.48
C ALA C 333 -37.93 -13.31 1.92
N LEU C 334 -36.65 -13.69 2.05
CA LEU C 334 -36.31 -15.05 2.41
C LEU C 334 -36.82 -15.36 3.81
N LEU C 335 -36.63 -14.44 4.77
CA LEU C 335 -37.03 -14.73 6.15
C LEU C 335 -38.54 -14.75 6.26
N GLY C 336 -39.22 -13.97 5.43
CA GLY C 336 -40.67 -13.96 5.38
C GLY C 336 -41.23 -15.27 4.84
N ALA C 337 -40.62 -15.81 3.77
CA ALA C 337 -41.02 -17.11 3.24
C ALA C 337 -40.84 -18.21 4.29
N ARG C 338 -39.69 -18.20 4.98
CA ARG C 338 -39.45 -19.12 6.09
C ARG C 338 -40.55 -19.03 7.14
N ALA C 339 -40.97 -17.83 7.49
CA ALA C 339 -42.00 -17.67 8.53
C ALA C 339 -43.33 -18.23 8.07
N LEU C 340 -43.58 -18.37 6.76
CA LEU C 340 -44.85 -18.95 6.29
C LEU C 340 -44.83 -20.48 6.35
N GLU C 341 -43.75 -21.12 6.79
CA GLU C 341 -43.78 -22.55 6.96
C GLU C 341 -44.19 -22.82 8.40
N ALA C 342 -45.49 -22.84 8.69
CA ALA C 342 -46.04 -23.44 9.91
C ALA C 342 -45.93 -24.97 9.80
N SER D 2 26.75 -44.08 3.07
CA SER D 2 26.32 -42.72 2.66
C SER D 2 27.20 -41.63 3.30
N ASP D 3 27.33 -40.53 2.55
CA ASP D 3 28.07 -39.38 3.02
C ASP D 3 27.31 -38.74 4.17
N THR D 4 25.97 -38.59 3.98
CA THR D 4 25.14 -37.91 4.96
C THR D 4 25.21 -38.65 6.29
N VAL D 5 25.23 -39.98 6.25
CA VAL D 5 25.23 -40.75 7.49
C VAL D 5 26.51 -40.47 8.28
N GLU D 6 27.66 -40.56 7.61
CA GLU D 6 28.95 -40.31 8.24
C GLU D 6 29.00 -38.86 8.73
N TRP D 7 28.49 -37.92 7.93
CA TRP D 7 28.49 -36.51 8.30
C TRP D 7 27.71 -36.29 9.59
N PHE D 8 26.51 -36.85 9.69
CA PHE D 8 25.61 -36.56 10.80
C PHE D 8 26.18 -37.12 12.12
N LYS D 9 26.80 -38.28 12.02
CA LYS D 9 27.38 -38.93 13.18
C LYS D 9 28.42 -38.00 13.80
N GLN D 10 29.16 -37.21 13.01
CA GLN D 10 30.24 -36.41 13.54
C GLN D 10 29.80 -34.95 13.63
N ALA D 11 28.55 -34.62 13.25
CA ALA D 11 28.13 -33.22 13.18
C ALA D 11 28.10 -32.56 14.57
N LYS D 12 27.59 -33.27 15.59
CA LYS D 12 27.68 -32.92 17.01
C LYS D 12 26.69 -31.84 17.46
N TYR D 13 26.46 -30.81 16.64
CA TYR D 13 25.92 -29.53 17.13
C TYR D 13 25.25 -28.86 15.93
N GLY D 14 23.98 -28.52 16.07
CA GLY D 14 23.27 -27.74 15.09
C GLY D 14 22.37 -26.69 15.78
N MET D 15 21.85 -25.78 14.95
CA MET D 15 20.94 -24.75 15.39
C MET D 15 19.56 -25.08 14.87
N MET D 16 18.57 -24.99 15.75
CA MET D 16 17.17 -25.05 15.38
C MET D 16 16.58 -23.65 15.47
N ILE D 17 15.62 -23.34 14.60
CA ILE D 17 14.92 -22.05 14.61
C ILE D 17 13.42 -22.33 14.61
N HIS D 18 12.77 -21.72 15.59
CA HIS D 18 11.31 -21.61 15.64
C HIS D 18 10.95 -20.15 15.41
N TRP D 19 10.10 -19.94 14.43
CA TRP D 19 9.69 -18.57 14.09
C TRP D 19 8.35 -18.68 13.34
N GLY D 20 7.41 -17.87 13.78
CA GLY D 20 6.09 -17.74 13.15
C GLY D 20 5.28 -16.60 13.74
N LEU D 21 4.00 -16.55 13.45
CA LEU D 21 3.13 -15.51 13.96
C LEU D 21 3.10 -15.59 15.50
N TYR D 22 3.18 -16.79 16.06
CA TYR D 22 3.22 -16.99 17.52
C TYR D 22 4.33 -16.17 18.19
N SER D 23 5.44 -15.93 17.46
CA SER D 23 6.57 -15.17 17.95
C SER D 23 6.20 -13.73 18.28
N LEU D 24 5.24 -13.15 17.54
CA LEU D 24 4.76 -11.78 17.80
C LEU D 24 4.05 -11.76 19.17
N LEU D 25 3.21 -12.78 19.45
CA LEU D 25 2.44 -12.74 20.71
C LEU D 25 3.36 -13.01 21.89
N GLY D 26 4.40 -13.80 21.64
CA GLY D 26 5.44 -13.99 22.63
C GLY D 26 4.94 -14.59 23.95
N GLY D 27 3.90 -15.41 23.93
CA GLY D 27 3.52 -16.08 25.15
C GLY D 27 2.30 -15.47 25.84
N GLU D 28 1.71 -14.43 25.25
CA GLU D 28 0.54 -13.79 25.86
C GLU D 28 -0.47 -13.47 24.76
N TYR D 29 -1.75 -13.50 25.10
CA TYR D 29 -2.79 -13.01 24.22
C TYR D 29 -3.97 -12.57 25.05
N GLN D 30 -4.33 -11.30 24.85
CA GLN D 30 -5.44 -10.67 25.54
C GLN D 30 -5.36 -10.88 27.05
N GLY D 31 -4.21 -10.67 27.62
CA GLY D 31 -4.13 -10.69 29.07
C GLY D 31 -4.01 -12.11 29.64
N LYS D 32 -3.85 -13.14 28.79
CA LYS D 32 -3.75 -14.51 29.23
C LYS D 32 -2.45 -15.11 28.70
N SER D 33 -1.99 -16.11 29.44
CA SER D 33 -0.68 -16.68 29.28
C SER D 33 -0.69 -17.97 28.46
N SER D 34 0.31 -18.19 27.60
N SER D 34 0.34 -18.17 27.63
CA SER D 34 0.52 -19.57 27.16
CA SER D 34 0.68 -19.49 27.13
C SER D 34 1.30 -20.29 28.25
C SER D 34 1.27 -20.30 28.30
N SER D 35 1.53 -21.59 28.09
CA SER D 35 2.37 -22.32 29.06
C SER D 35 3.85 -21.91 28.89
N ASN D 36 4.80 -22.78 29.16
CA ASN D 36 6.15 -22.42 28.77
C ASN D 36 6.32 -22.56 27.27
N TYR D 37 5.22 -22.92 26.56
CA TYR D 37 5.24 -23.26 25.16
C TYR D 37 4.48 -22.16 24.39
N ALA D 38 5.22 -21.09 24.06
CA ALA D 38 4.60 -19.92 23.43
C ALA D 38 4.08 -20.22 22.03
N GLU D 39 4.68 -21.20 21.35
CA GLU D 39 4.25 -21.57 19.99
C GLU D 39 2.94 -22.36 20.02
N TRP D 40 2.50 -22.81 21.20
CA TRP D 40 1.20 -23.47 21.38
C TRP D 40 0.07 -22.51 21.75
N VAL D 41 0.34 -21.17 21.75
CA VAL D 41 -0.65 -20.21 22.26
C VAL D 41 -2.00 -20.35 21.56
N GLN D 42 -2.04 -20.61 20.24
CA GLN D 42 -3.33 -20.69 19.59
C GLN D 42 -4.23 -21.78 20.20
N SER D 43 -3.64 -22.93 20.54
CA SER D 43 -4.40 -24.01 21.15
C SER D 43 -4.67 -23.71 22.63
N LYS D 44 -3.63 -23.28 23.33
CA LYS D 44 -3.77 -22.98 24.75
C LYS D 44 -4.93 -22.04 25.03
N LEU D 45 -5.10 -21.02 24.18
CA LEU D 45 -6.14 -20.02 24.42
C LEU D 45 -7.25 -20.11 23.38
N GLN D 46 -7.28 -21.17 22.56
CA GLN D 46 -8.34 -21.39 21.57
C GLN D 46 -8.65 -20.12 20.78
N ILE D 47 -7.63 -19.59 20.13
CA ILE D 47 -7.74 -18.35 19.38
C ILE D 47 -8.36 -18.73 18.06
N PRO D 48 -9.57 -18.22 17.72
CA PRO D 48 -10.15 -18.51 16.40
C PRO D 48 -9.16 -18.14 15.31
N ASN D 49 -9.08 -18.96 14.27
CA ASN D 49 -8.31 -18.67 13.08
C ASN D 49 -8.50 -17.24 12.59
N LYS D 50 -9.74 -16.79 12.55
CA LYS D 50 -10.03 -15.47 12.00
C LYS D 50 -9.30 -14.40 12.81
N GLU D 51 -9.18 -14.60 14.12
CA GLU D 51 -8.45 -13.64 14.99
C GLU D 51 -6.96 -13.80 14.87
N TYR D 52 -6.50 -15.06 14.88
CA TYR D 52 -5.05 -15.31 14.86
C TYR D 52 -4.45 -14.76 13.56
N GLU D 53 -5.20 -14.87 12.47
CA GLU D 53 -4.69 -14.43 11.17
C GLU D 53 -4.35 -12.93 11.15
N ARG D 54 -4.99 -12.13 12.01
CA ARG D 54 -4.74 -10.72 12.10
C ARG D 54 -3.24 -10.45 12.32
N LEU D 55 -2.52 -11.37 12.96
CA LEU D 55 -1.08 -11.22 13.20
C LEU D 55 -0.30 -11.02 11.91
N THR D 56 -0.78 -11.52 10.79
CA THR D 56 -0.09 -11.34 9.52
C THR D 56 0.13 -9.86 9.27
N GLN D 57 -0.81 -9.01 9.70
CA GLN D 57 -0.74 -7.59 9.37
C GLN D 57 0.34 -6.92 10.22
N ALA D 58 0.76 -7.54 11.32
CA ALA D 58 1.82 -6.97 12.17
C ALA D 58 3.18 -7.56 11.86
N PHE D 59 3.27 -8.52 10.92
CA PHE D 59 4.51 -9.25 10.65
C PHE D 59 5.36 -8.52 9.61
N ASN D 60 6.22 -7.63 10.12
CA ASN D 60 7.20 -6.89 9.33
C ASN D 60 8.54 -6.84 10.07
N PRO D 61 9.23 -7.97 10.14
CA PRO D 61 10.44 -8.10 10.92
C PRO D 61 11.66 -7.52 10.21
N ILE D 62 11.82 -6.21 10.42
CA ILE D 62 12.83 -5.46 9.67
C ILE D 62 14.23 -5.88 10.05
N TYR D 63 14.47 -6.54 11.20
CA TYR D 63 15.84 -6.92 11.56
C TYR D 63 16.20 -8.34 11.17
N PHE D 64 15.30 -9.06 10.48
CA PHE D 64 15.62 -10.43 10.05
C PHE D 64 16.79 -10.38 9.06
N ASP D 65 17.80 -11.19 9.31
CA ASP D 65 18.98 -11.23 8.47
C ASP D 65 19.54 -12.65 8.47
N ALA D 66 19.23 -13.39 7.38
CA ALA D 66 19.56 -14.82 7.35
C ALA D 66 21.06 -15.03 7.41
N ASP D 67 21.84 -14.17 6.72
CA ASP D 67 23.28 -14.27 6.77
C ASP D 67 23.81 -14.13 8.19
N ALA D 68 23.24 -13.20 8.98
CA ALA D 68 23.76 -12.97 10.31
C ALA D 68 23.39 -14.14 11.21
N ILE D 69 22.21 -14.72 11.04
CA ILE D 69 21.85 -15.89 11.84
C ILE D 69 22.77 -17.09 11.54
N ILE D 70 23.04 -17.34 10.26
CA ILE D 70 23.89 -18.44 9.85
C ILE D 70 25.31 -18.21 10.37
N ASP D 71 25.75 -16.94 10.35
CA ASP D 71 27.09 -16.60 10.79
C ASP D 71 27.23 -16.91 12.27
N LEU D 72 26.18 -16.62 13.06
CA LEU D 72 26.24 -16.96 14.47
C LEU D 72 26.39 -18.48 14.62
N ALA D 73 25.52 -19.24 13.94
CA ALA D 73 25.61 -20.69 13.99
C ALA D 73 27.00 -21.18 13.66
N LYS D 74 27.53 -20.66 12.56
CA LYS D 74 28.82 -21.12 12.09
C LYS D 74 29.92 -20.79 13.08
N ARG D 75 29.92 -19.59 13.69
CA ARG D 75 30.93 -19.23 14.66
C ARG D 75 30.84 -20.09 15.91
N CYS D 76 29.64 -20.61 16.24
CA CYS D 76 29.53 -21.47 17.41
C CYS D 76 29.94 -22.92 17.08
N GLY D 77 30.34 -23.19 15.83
CA GLY D 77 30.69 -24.53 15.41
C GLY D 77 29.46 -25.40 15.09
N MET D 78 28.30 -24.84 14.88
CA MET D 78 27.13 -25.62 14.51
C MET D 78 27.28 -25.97 13.03
N GLN D 79 26.94 -27.23 12.66
CA GLN D 79 27.23 -27.74 11.32
C GLN D 79 25.98 -27.84 10.45
N TYR D 80 24.83 -27.56 11.04
CA TYR D 80 23.59 -27.59 10.32
C TYR D 80 22.61 -26.69 11.03
N LEU D 81 21.57 -26.32 10.27
CA LEU D 81 20.52 -25.47 10.79
C LEU D 81 19.18 -26.04 10.33
N VAL D 82 18.25 -26.20 11.27
CA VAL D 82 16.93 -26.79 11.03
C VAL D 82 15.91 -25.68 11.38
N VAL D 83 14.98 -25.37 10.47
CA VAL D 83 14.05 -24.28 10.69
C VAL D 83 12.61 -24.74 10.46
N THR D 84 11.68 -24.16 11.23
CA THR D 84 10.25 -24.35 11.07
C THR D 84 9.72 -23.79 9.75
N THR D 85 9.37 -24.68 8.81
CA THR D 85 8.72 -24.28 7.57
C THR D 85 7.23 -24.09 7.79
N LYS D 86 6.67 -24.78 8.78
CA LYS D 86 5.26 -24.71 9.12
C LYS D 86 5.05 -25.42 10.46
N HIS D 87 4.57 -24.70 11.48
CA HIS D 87 4.38 -25.29 12.80
C HIS D 87 2.91 -25.65 12.94
N HIS D 88 2.47 -25.99 14.16
CA HIS D 88 1.16 -26.55 14.34
C HIS D 88 0.06 -25.60 13.92
N ASP D 89 0.29 -24.28 14.03
CA ASP D 89 -0.71 -23.27 13.68
C ASP D 89 -0.99 -23.28 12.15
N GLY D 90 -0.19 -23.99 11.35
CA GLY D 90 -0.44 -24.20 9.95
C GLY D 90 0.10 -23.10 9.03
N PHE D 91 0.73 -22.08 9.61
CA PHE D 91 1.24 -20.95 8.87
C PHE D 91 2.60 -21.29 8.25
N ALA D 92 2.68 -21.20 6.92
CA ALA D 92 3.92 -21.55 6.22
C ALA D 92 4.87 -20.34 6.24
N MET D 93 6.17 -20.60 6.46
CA MET D 93 7.21 -19.60 6.49
C MET D 93 7.98 -19.60 5.18
N TYR D 94 7.32 -20.06 4.11
CA TYR D 94 7.91 -20.06 2.78
C TYR D 94 6.77 -19.76 1.80
N ARG D 95 7.13 -19.45 0.55
N ARG D 95 7.12 -19.44 0.53
CA ARG D 95 6.14 -19.20 -0.47
CA ARG D 95 6.11 -19.20 -0.49
C ARG D 95 5.53 -20.52 -0.95
C ARG D 95 5.52 -20.53 -0.95
N SER D 96 4.34 -20.85 -0.46
CA SER D 96 3.60 -22.04 -0.78
C SER D 96 2.54 -21.69 -1.81
N LEU D 97 2.57 -22.38 -2.96
CA LEU D 97 1.54 -22.25 -3.97
C LEU D 97 0.27 -23.00 -3.55
N VAL D 98 0.45 -24.00 -2.70
CA VAL D 98 -0.62 -24.82 -2.17
C VAL D 98 -1.51 -24.00 -1.25
N ASP D 99 -0.93 -23.12 -0.46
CA ASP D 99 -1.67 -22.43 0.58
C ASP D 99 -1.18 -20.99 0.75
N PRO D 100 -2.03 -19.99 0.49
CA PRO D 100 -1.66 -18.58 0.68
C PRO D 100 -1.53 -18.08 2.12
N TYR D 101 -1.83 -18.95 3.09
CA TYR D 101 -1.58 -18.69 4.48
C TYR D 101 -0.11 -18.93 4.78
N ASN D 102 0.69 -17.98 4.35
CA ASN D 102 2.14 -18.06 4.38
C ASN D 102 2.75 -16.66 4.45
N VAL D 103 4.03 -16.60 4.87
CA VAL D 103 4.75 -15.38 5.19
C VAL D 103 5.00 -14.53 3.95
N TYR D 104 5.05 -15.14 2.77
CA TYR D 104 5.30 -14.40 1.52
C TYR D 104 4.00 -13.67 1.09
N ASP D 105 2.90 -14.40 0.92
CA ASP D 105 1.65 -13.86 0.36
C ASP D 105 0.86 -13.03 1.37
N ALA D 106 0.91 -13.37 2.69
CA ALA D 106 -0.12 -12.88 3.60
C ALA D 106 0.41 -11.73 4.48
N THR D 107 1.68 -11.38 4.41
CA THR D 107 2.27 -10.37 5.29
C THR D 107 2.91 -9.25 4.51
N PRO D 108 3.03 -8.04 5.10
CA PRO D 108 3.72 -6.94 4.45
C PRO D 108 5.19 -7.29 4.22
N PHE D 109 5.76 -8.22 4.97
CA PHE D 109 7.15 -8.59 4.76
C PHE D 109 7.37 -9.13 3.35
N HIS D 110 6.45 -9.97 2.85
CA HIS D 110 6.46 -10.41 1.45
C HIS D 110 7.80 -10.99 1.04
N ARG D 111 8.34 -11.85 1.88
CA ARG D 111 9.64 -12.48 1.61
C ARG D 111 9.57 -13.95 1.98
N ASP D 112 10.40 -14.75 1.31
CA ASP D 112 10.43 -16.19 1.53
C ASP D 112 11.54 -16.47 2.57
N VAL D 113 11.17 -16.65 3.83
CA VAL D 113 12.14 -16.79 4.90
C VAL D 113 13.00 -18.05 4.72
N ILE D 114 12.32 -19.16 4.34
CA ILE D 114 13.03 -20.40 4.15
C ILE D 114 14.04 -20.24 3.01
N GLY D 115 13.62 -19.57 1.90
CA GLY D 115 14.51 -19.32 0.77
C GLY D 115 15.75 -18.54 1.19
N GLU D 116 15.56 -17.48 2.01
CA GLU D 116 16.72 -16.70 2.41
C GLU D 116 17.64 -17.53 3.34
N LEU D 117 17.07 -18.35 4.26
CA LEU D 117 17.93 -19.15 5.11
C LEU D 117 18.72 -20.23 4.33
N SER D 118 18.06 -20.80 3.31
CA SER D 118 18.65 -21.78 2.44
C SER D 118 19.88 -21.21 1.73
N LEU D 119 19.70 -20.06 1.14
CA LEU D 119 20.78 -19.40 0.42
C LEU D 119 21.92 -19.03 1.37
N ALA D 120 21.58 -18.56 2.57
CA ALA D 120 22.61 -18.20 3.55
C ALA D 120 23.38 -19.47 4.01
N CYS D 121 22.69 -20.59 4.24
CA CYS D 121 23.40 -21.82 4.59
C CYS D 121 24.37 -22.28 3.51
N ARG D 122 23.90 -22.19 2.27
CA ARG D 122 24.73 -22.61 1.17
C ARG D 122 25.98 -21.72 1.11
N LYS D 123 25.88 -20.40 1.23
CA LYS D 123 27.08 -19.60 1.05
C LYS D 123 28.06 -19.87 2.20
N ALA D 124 27.58 -20.17 3.39
CA ALA D 124 28.44 -20.34 4.57
C ALA D 124 28.96 -21.78 4.67
N GLY D 125 28.42 -22.71 3.87
CA GLY D 125 28.77 -24.13 3.94
C GLY D 125 28.09 -24.85 5.11
N LEU D 126 26.94 -24.39 5.61
CA LEU D 126 26.21 -25.18 6.59
C LEU D 126 25.19 -26.07 5.90
N ARG D 127 24.92 -27.26 6.48
CA ARG D 127 23.82 -28.07 5.95
C ARG D 127 22.50 -27.51 6.47
N PHE D 128 21.49 -27.71 5.63
CA PHE D 128 20.16 -27.16 5.81
C PHE D 128 19.12 -28.25 6.08
N GLY D 129 18.24 -27.98 7.07
CA GLY D 129 17.23 -28.92 7.49
C GLY D 129 15.90 -28.19 7.68
N LEU D 130 14.80 -28.94 7.56
CA LEU D 130 13.47 -28.38 7.56
C LEU D 130 12.64 -29.10 8.61
N TYR D 131 12.00 -28.31 9.50
CA TYR D 131 10.91 -28.77 10.36
C TYR D 131 9.57 -28.58 9.64
N TYR D 132 8.71 -29.59 9.68
CA TYR D 132 7.35 -29.46 9.17
C TYR D 132 6.37 -30.24 10.07
N SER D 133 5.34 -29.59 10.55
CA SER D 133 4.31 -30.24 11.33
C SER D 133 3.34 -31.01 10.40
N GLN D 134 3.60 -32.34 10.23
CA GLN D 134 2.91 -33.15 9.25
C GLN D 134 1.54 -33.62 9.74
N ASP D 135 1.34 -33.62 11.06
CA ASP D 135 0.16 -34.17 11.70
C ASP D 135 -0.77 -33.04 12.13
N LEU D 136 -0.32 -32.23 13.11
CA LEU D 136 -1.14 -31.10 13.61
C LEU D 136 -1.13 -29.96 12.60
N ASP D 137 -2.34 -29.41 12.36
CA ASP D 137 -2.50 -28.20 11.57
C ASP D 137 -3.81 -27.53 11.98
N TRP D 138 -3.69 -26.50 12.81
CA TRP D 138 -4.83 -25.85 13.42
C TRP D 138 -5.56 -24.96 12.42
N HIS D 139 -4.95 -24.71 11.25
CA HIS D 139 -5.60 -23.94 10.19
C HIS D 139 -6.46 -24.84 9.31
N GLU D 140 -6.48 -26.16 9.52
CA GLU D 140 -7.17 -27.11 8.65
C GLU D 140 -8.24 -27.87 9.44
N PRO D 141 -9.48 -27.92 8.94
CA PRO D 141 -10.53 -28.66 9.62
C PRO D 141 -10.17 -30.12 9.86
N ASP D 142 -9.42 -30.71 8.92
CA ASP D 142 -9.01 -32.10 9.00
C ASP D 142 -7.59 -32.28 9.52
N GLY D 143 -7.02 -31.24 10.14
CA GLY D 143 -5.74 -31.37 10.78
C GLY D 143 -5.77 -32.41 11.89
N GLY D 144 -4.61 -33.03 12.13
CA GLY D 144 -4.52 -34.13 13.08
C GLY D 144 -4.74 -33.69 14.54
N GLY D 145 -4.85 -34.69 15.40
CA GLY D 145 -4.88 -34.48 16.83
C GLY D 145 -6.19 -34.90 17.48
N TYR D 146 -7.24 -35.04 16.65
CA TYR D 146 -8.60 -35.23 17.16
C TYR D 146 -8.83 -36.58 17.83
N LEU D 147 -7.90 -37.52 17.71
CA LEU D 147 -8.06 -38.83 18.36
C LEU D 147 -7.25 -38.87 19.65
N SER D 148 -6.56 -37.80 20.06
CA SER D 148 -5.52 -37.87 21.07
C SER D 148 -5.87 -37.05 22.32
N ASN D 149 -7.11 -36.56 22.44
CA ASN D 149 -7.39 -35.53 23.43
C ASN D 149 -7.57 -36.12 24.84
N ASP D 150 -7.35 -37.41 25.03
N ASP D 150 -7.35 -37.42 25.02
CA ASP D 150 -7.20 -37.98 26.35
CA ASP D 150 -7.17 -37.98 26.36
C ASP D 150 -5.76 -37.75 26.88
C ASP D 150 -5.76 -37.74 26.89
N ILE D 151 -4.83 -37.28 26.04
CA ILE D 151 -3.44 -37.03 26.44
C ILE D 151 -3.28 -35.53 26.62
N GLU D 152 -2.72 -35.08 27.75
CA GLU D 152 -2.43 -33.68 28.08
C GLU D 152 -1.46 -33.07 27.06
N THR D 153 -1.67 -31.77 26.73
CA THR D 153 -0.82 -31.06 25.79
C THR D 153 -0.29 -29.78 26.44
N ALA D 154 0.59 -29.06 25.72
CA ALA D 154 1.00 -27.73 26.14
C ALA D 154 -0.08 -26.67 25.88
N GLY D 155 -1.18 -27.09 25.25
CA GLY D 155 -2.29 -26.23 24.83
C GLY D 155 -3.56 -26.73 25.51
N THR D 156 -4.66 -26.80 24.76
CA THR D 156 -5.87 -27.48 25.21
C THR D 156 -5.91 -28.83 24.49
N THR D 157 -6.51 -28.86 23.28
CA THR D 157 -6.56 -30.02 22.43
C THR D 157 -5.38 -30.03 21.48
N TRP D 158 -5.10 -31.23 20.94
CA TRP D 158 -4.04 -31.35 19.96
C TRP D 158 -4.47 -30.73 18.62
N ASP D 159 -5.77 -30.86 18.29
CA ASP D 159 -6.33 -30.32 17.06
C ASP D 159 -6.98 -28.96 17.35
N ASN D 160 -7.32 -28.27 16.27
CA ASN D 160 -8.22 -27.13 16.39
C ASN D 160 -9.63 -27.66 16.56
N SER D 161 -10.05 -27.66 17.83
CA SER D 161 -11.37 -28.14 18.22
C SER D 161 -12.35 -26.99 18.50
N TRP D 162 -11.95 -25.74 18.28
CA TRP D 162 -12.80 -24.57 18.60
C TRP D 162 -13.35 -23.97 17.31
N ASP D 163 -12.58 -23.82 16.23
CA ASP D 163 -13.15 -23.46 14.93
C ASP D 163 -13.87 -24.63 14.22
N PHE D 164 -13.40 -25.86 14.46
CA PHE D 164 -13.83 -27.05 13.71
C PHE D 164 -14.31 -28.10 14.68
N THR D 165 -15.61 -28.32 14.71
CA THR D 165 -16.20 -29.14 15.75
C THR D 165 -16.95 -30.31 15.10
N GLY D 166 -16.82 -30.58 13.79
CA GLY D 166 -17.64 -31.63 13.19
C GLY D 166 -16.85 -32.93 12.99
N GLU D 167 -17.32 -33.81 12.10
CA GLU D 167 -16.55 -34.94 11.64
C GLU D 167 -15.29 -34.46 10.92
N LYS D 168 -14.20 -35.20 11.19
CA LYS D 168 -12.86 -34.89 10.77
C LYS D 168 -12.25 -36.16 10.17
N ASN D 169 -11.39 -35.96 9.17
CA ASN D 169 -10.69 -37.07 8.56
C ASN D 169 -9.36 -36.58 8.05
N TYR D 170 -8.30 -36.90 8.81
CA TYR D 170 -6.93 -36.47 8.49
C TYR D 170 -6.53 -36.81 7.05
N ASP D 171 -7.08 -37.90 6.49
CA ASP D 171 -6.73 -38.31 5.12
C ASP D 171 -6.90 -37.13 4.15
N ARG D 172 -7.90 -36.27 4.34
N ARG D 172 -7.91 -36.27 4.34
CA ARG D 172 -8.13 -35.17 3.41
CA ARG D 172 -8.13 -35.18 3.40
C ARG D 172 -7.04 -34.09 3.54
C ARG D 172 -7.04 -34.09 3.54
N ALA D 173 -6.67 -33.74 4.78
CA ALA D 173 -5.59 -32.78 4.96
C ALA D 173 -4.27 -33.34 4.46
N PHE D 174 -4.10 -34.66 4.70
CA PHE D 174 -2.88 -35.33 4.29
C PHE D 174 -2.72 -35.14 2.79
N LYS D 175 -3.80 -35.38 2.06
CA LYS D 175 -3.75 -35.35 0.62
C LYS D 175 -3.63 -33.93 0.07
N HIS D 176 -4.41 -32.97 0.62
CA HIS D 176 -4.61 -31.66 -0.02
C HIS D 176 -3.66 -30.61 0.55
N LYS D 177 -3.08 -30.78 1.75
CA LYS D 177 -2.10 -29.82 2.24
C LYS D 177 -0.73 -30.43 2.63
N ILE D 178 -0.74 -31.52 3.45
CA ILE D 178 0.49 -32.03 4.02
C ILE D 178 1.43 -32.50 2.91
N MET D 179 0.99 -33.43 2.08
CA MET D 179 1.85 -33.98 1.05
C MET D 179 2.24 -32.92 0.03
N PRO D 180 1.33 -32.09 -0.51
CA PRO D 180 1.74 -31.05 -1.45
C PRO D 180 2.77 -30.09 -0.87
N GLN D 181 2.64 -29.76 0.42
CA GLN D 181 3.60 -28.82 1.01
C GLN D 181 4.95 -29.50 1.22
N ILE D 182 4.96 -30.78 1.62
CA ILE D 182 6.22 -31.50 1.78
C ILE D 182 6.94 -31.55 0.43
N GLU D 183 6.17 -31.74 -0.64
CA GLU D 183 6.73 -31.65 -1.98
C GLU D 183 7.36 -30.30 -2.31
N GLU D 184 6.65 -29.23 -1.96
CA GLU D 184 7.23 -27.89 -2.15
C GLU D 184 8.56 -27.70 -1.43
N ILE D 185 8.58 -27.99 -0.11
CA ILE D 185 9.78 -27.66 0.67
C ILE D 185 10.95 -28.59 0.28
N MET D 186 10.65 -29.81 -0.22
CA MET D 186 11.70 -30.74 -0.59
C MET D 186 12.12 -30.57 -2.07
N SER D 187 11.49 -29.63 -2.80
CA SER D 187 11.75 -29.36 -4.20
C SER D 187 12.44 -28.01 -4.45
N ASN D 188 12.14 -26.99 -3.66
CA ASN D 188 12.42 -25.62 -4.03
C ASN D 188 13.57 -24.96 -3.24
N TYR D 189 14.26 -25.67 -2.34
CA TYR D 189 15.16 -25.00 -1.40
C TYR D 189 16.54 -25.66 -1.41
N GLY D 190 16.86 -26.33 -2.54
CA GLY D 190 18.09 -27.07 -2.73
C GLY D 190 18.18 -28.32 -1.82
N GLU D 191 19.39 -28.76 -1.62
CA GLU D 191 19.61 -30.03 -0.94
C GLU D 191 19.26 -29.92 0.55
N ILE D 192 18.44 -30.85 1.02
CA ILE D 192 18.01 -30.88 2.40
C ILE D 192 18.67 -32.07 3.10
N SER D 193 19.37 -31.82 4.21
CA SER D 193 20.14 -32.84 4.90
C SER D 193 19.35 -33.45 6.06
N VAL D 194 18.39 -32.70 6.63
CA VAL D 194 17.60 -33.20 7.73
C VAL D 194 16.14 -32.86 7.53
N ALA D 195 15.22 -33.83 7.77
CA ALA D 195 13.79 -33.58 7.81
C ALA D 195 13.27 -33.85 9.21
N TRP D 196 12.67 -32.82 9.83
CA TRP D 196 12.29 -32.83 11.25
C TRP D 196 10.78 -32.72 11.31
N PHE D 197 10.17 -33.90 11.48
CA PHE D 197 8.74 -34.03 11.63
C PHE D 197 8.42 -34.04 13.13
N ASP D 198 7.13 -34.08 13.49
CA ASP D 198 6.79 -33.85 14.89
C ASP D 198 5.42 -34.45 15.23
N VAL D 199 5.28 -34.78 16.52
CA VAL D 199 4.05 -35.22 17.17
C VAL D 199 3.17 -36.00 16.20
N PRO D 200 3.56 -37.28 15.93
CA PRO D 200 2.79 -38.16 15.04
C PRO D 200 1.58 -38.76 15.74
N MET D 201 0.59 -37.91 16.05
CA MET D 201 -0.55 -38.29 16.87
C MET D 201 -1.58 -39.04 16.03
N THR D 202 -1.58 -38.90 14.69
CA THR D 202 -2.76 -39.32 13.92
C THR D 202 -2.37 -40.14 12.68
N LEU D 203 -1.27 -39.79 11.97
CA LEU D 203 -1.01 -40.41 10.69
C LEU D 203 -0.72 -41.90 10.80
N SER D 204 -1.15 -42.64 9.77
CA SER D 204 -1.03 -44.10 9.75
C SER D 204 0.37 -44.49 9.31
N ASP D 205 0.67 -45.79 9.48
CA ASP D 205 1.87 -46.40 8.95
C ASP D 205 2.07 -46.03 7.47
N GLU D 206 1.03 -46.20 6.68
CA GLU D 206 1.07 -45.92 5.26
C GLU D 206 1.34 -44.44 5.00
N GLN D 207 0.70 -43.55 5.74
CA GLN D 207 0.97 -42.13 5.61
C GLN D 207 2.41 -41.78 5.98
N SER D 208 2.93 -42.33 7.09
CA SER D 208 4.34 -42.11 7.44
C SER D 208 5.21 -42.59 6.29
N GLN D 209 4.89 -43.77 5.74
CA GLN D 209 5.66 -44.35 4.65
C GLN D 209 5.62 -43.48 3.40
N THR D 210 4.41 -42.98 3.05
CA THR D 210 4.25 -42.11 1.88
C THR D 210 5.14 -40.90 2.03
N ILE D 211 5.14 -40.26 3.22
CA ILE D 211 6.03 -39.13 3.47
C ILE D 211 7.51 -39.53 3.29
N TYR D 212 7.90 -40.63 3.92
CA TYR D 212 9.26 -41.10 3.90
C TYR D 212 9.73 -41.26 2.45
N ASP D 213 8.92 -41.95 1.66
CA ASP D 213 9.25 -42.22 0.25
C ASP D 213 9.29 -40.94 -0.59
N THR D 214 8.42 -39.99 -0.32
CA THR D 214 8.43 -38.73 -1.06
C THR D 214 9.69 -37.94 -0.74
N VAL D 215 10.02 -37.86 0.54
CA VAL D 215 11.23 -37.16 0.94
C VAL D 215 12.43 -37.79 0.23
N LYS D 216 12.51 -39.13 0.20
CA LYS D 216 13.66 -39.78 -0.39
C LYS D 216 13.71 -39.60 -1.91
N ARG D 217 12.56 -39.65 -2.57
CA ARG D 217 12.51 -39.41 -4.00
C ARG D 217 13.04 -38.01 -4.29
N LEU D 218 12.65 -36.98 -3.53
CA LEU D 218 13.06 -35.62 -3.85
C LEU D 218 14.42 -35.28 -3.26
N GLN D 219 14.80 -35.94 -2.15
CA GLN D 219 16.01 -35.61 -1.40
C GLN D 219 16.68 -36.93 -0.98
N PRO D 220 17.34 -37.65 -1.91
CA PRO D 220 17.84 -38.98 -1.64
C PRO D 220 18.74 -39.07 -0.41
N ASP D 221 19.46 -37.97 -0.06
CA ASP D 221 20.38 -38.06 1.07
C ASP D 221 19.82 -37.46 2.36
N CYS D 222 18.54 -37.06 2.37
CA CYS D 222 17.98 -36.41 3.54
C CYS D 222 17.76 -37.41 4.69
N LEU D 223 18.20 -37.08 5.90
CA LEU D 223 17.97 -37.91 7.08
C LEU D 223 16.69 -37.55 7.77
N ILE D 224 15.80 -38.51 8.03
CA ILE D 224 14.47 -38.23 8.58
C ILE D 224 14.42 -38.65 10.03
N ASN D 225 13.87 -37.78 10.90
CA ASN D 225 13.83 -38.08 12.33
C ASN D 225 12.66 -38.97 12.72
N SER D 226 12.72 -39.54 13.92
CA SER D 226 11.81 -40.58 14.40
C SER D 226 10.37 -40.08 14.58
N ARG D 227 10.16 -38.77 14.69
CA ARG D 227 8.84 -38.23 14.94
C ARG D 227 7.98 -38.14 13.66
N LEU D 228 8.50 -38.63 12.52
CA LEU D 228 7.62 -38.90 11.38
C LEU D 228 6.62 -39.98 11.77
N GLY D 229 7.01 -40.78 12.76
CA GLY D 229 6.18 -41.79 13.35
C GLY D 229 6.24 -43.13 12.64
N ASN D 230 5.67 -44.13 13.34
CA ASN D 230 5.41 -45.46 12.84
C ASN D 230 6.71 -46.15 12.41
N GLY D 231 7.85 -45.76 13.00
CA GLY D 231 9.13 -46.39 12.69
C GLY D 231 9.71 -45.99 11.32
N ARG D 232 9.20 -44.94 10.66
CA ARG D 232 9.68 -44.55 9.33
C ARG D 232 10.70 -43.43 9.47
N TYR D 233 11.99 -43.78 9.69
CA TYR D 233 12.97 -42.78 10.06
C TYR D 233 14.39 -43.28 9.87
N ASP D 234 15.34 -42.35 9.77
CA ASP D 234 16.74 -42.72 9.67
C ASP D 234 17.48 -42.38 10.97
N TYR D 235 16.99 -41.46 11.82
CA TYR D 235 17.62 -41.24 13.11
C TYR D 235 16.57 -40.98 14.20
N VAL D 236 17.01 -41.19 15.43
CA VAL D 236 16.14 -41.08 16.61
C VAL D 236 16.26 -39.67 17.20
N SER D 237 15.11 -38.99 17.32
CA SER D 237 15.00 -37.78 18.10
C SER D 237 14.61 -38.19 19.50
N LEU D 238 15.38 -37.76 20.49
CA LEU D 238 14.96 -37.98 21.88
C LEU D 238 13.88 -36.97 22.22
N GLY D 239 13.45 -37.00 23.51
CA GLY D 239 12.43 -36.06 23.98
C GLY D 239 12.90 -34.60 23.98
N ASP D 240 11.94 -33.66 24.04
CA ASP D 240 12.24 -32.22 24.21
C ASP D 240 13.22 -32.02 25.37
N ASN D 241 14.42 -31.46 25.11
CA ASN D 241 15.39 -31.20 26.17
C ASN D 241 15.75 -32.47 26.96
N GLU D 242 15.61 -33.66 26.36
CA GLU D 242 15.99 -34.89 27.07
C GLU D 242 17.51 -35.11 26.99
N ILE D 243 18.13 -35.02 28.17
CA ILE D 243 19.56 -35.24 28.31
C ILE D 243 19.70 -36.54 29.10
N PRO D 244 19.92 -37.71 28.48
CA PRO D 244 19.83 -38.98 29.19
C PRO D 244 20.96 -39.20 30.19
N GLU D 245 20.58 -39.78 31.35
CA GLU D 245 21.49 -40.31 32.35
C GLU D 245 22.55 -41.17 31.67
N ASP D 246 23.73 -41.29 32.30
CA ASP D 246 24.88 -41.97 31.70
C ASP D 246 24.52 -43.38 31.23
N SER D 247 23.89 -44.20 32.07
CA SER D 247 23.75 -45.60 31.66
C SER D 247 22.67 -45.75 30.58
N ASP D 248 21.66 -44.88 30.52
CA ASP D 248 20.72 -44.94 29.41
C ASP D 248 21.39 -44.48 28.10
N ALA D 249 22.22 -43.42 28.18
CA ALA D 249 22.94 -42.88 27.03
C ALA D 249 23.92 -43.92 26.48
N SER D 250 24.50 -44.74 27.40
CA SER D 250 25.40 -45.84 27.06
C SER D 250 24.69 -46.96 26.30
N ASP D 251 23.51 -47.44 26.76
CA ASP D 251 22.79 -48.59 26.19
C ASP D 251 21.82 -48.26 25.04
N LYS D 252 20.88 -47.30 25.21
CA LYS D 252 19.98 -46.88 24.12
C LYS D 252 18.88 -47.90 23.83
N VAL D 259 8.79 -50.56 23.01
CA VAL D 259 8.98 -49.30 22.21
C VAL D 259 7.69 -48.84 21.53
N ASP D 260 7.25 -47.61 21.82
CA ASP D 260 6.14 -46.98 21.11
C ASP D 260 6.72 -46.02 20.09
N TYR D 261 6.56 -46.34 18.80
CA TYR D 261 7.16 -45.60 17.70
C TYR D 261 6.59 -44.19 17.54
N ASN D 262 5.41 -43.97 18.15
CA ASN D 262 4.74 -42.70 18.08
C ASN D 262 4.85 -41.88 19.37
N SER D 263 5.60 -42.35 20.39
CA SER D 263 5.90 -41.47 21.51
C SER D 263 7.09 -40.57 21.17
N ILE D 264 7.26 -39.49 21.98
CA ILE D 264 8.30 -38.52 21.69
C ILE D 264 9.47 -38.64 22.67
N GLU D 265 9.31 -39.41 23.75
CA GLU D 265 10.31 -39.54 24.80
C GLU D 265 11.14 -40.82 24.61
N GLY D 266 12.41 -40.80 25.08
CA GLY D 266 13.21 -42.00 25.20
C GLY D 266 13.86 -42.45 23.88
N PHE D 267 14.76 -43.42 24.04
CA PHE D 267 15.45 -44.06 22.93
C PHE D 267 14.50 -44.99 22.17
N LYS D 268 14.91 -45.27 20.93
CA LYS D 268 14.24 -46.19 20.04
C LYS D 268 15.39 -46.84 19.30
N PRO D 269 15.19 -47.96 18.56
CA PRO D 269 16.28 -48.54 17.75
C PRO D 269 16.74 -47.59 16.63
N SER D 270 18.04 -47.68 16.36
CA SER D 270 18.65 -46.88 15.32
C SER D 270 19.66 -47.73 14.59
N LYS D 271 19.20 -48.32 13.49
CA LYS D 271 19.99 -49.12 12.56
C LYS D 271 21.32 -48.44 12.25
N LEU D 272 21.31 -47.14 12.02
CA LEU D 272 22.51 -46.47 11.53
C LEU D 272 23.31 -45.88 12.70
N GLY D 273 22.86 -46.06 13.95
CA GLY D 273 23.51 -45.49 15.12
C GLY D 273 23.41 -43.95 15.20
N LEU D 274 22.30 -43.36 14.73
CA LEU D 274 22.15 -41.92 14.75
C LEU D 274 21.12 -41.48 15.79
N TYR D 275 21.54 -40.44 16.56
CA TYR D 275 20.70 -39.86 17.59
C TYR D 275 20.91 -38.36 17.68
N GLU D 276 19.86 -37.66 18.18
CA GLU D 276 19.86 -36.22 18.34
C GLU D 276 18.88 -35.84 19.45
N THR D 277 19.34 -34.97 20.33
CA THR D 277 18.46 -34.27 21.25
C THR D 277 18.30 -32.84 20.81
N ALA D 278 17.04 -32.45 20.59
CA ALA D 278 16.70 -31.05 20.42
C ALA D 278 16.39 -30.45 21.77
N GLY D 279 17.00 -29.27 22.02
CA GLY D 279 16.85 -28.52 23.26
C GLY D 279 16.66 -27.02 23.03
N THR D 280 16.40 -26.32 24.14
CA THR D 280 16.17 -24.88 24.13
C THR D 280 17.19 -24.22 25.05
N ILE D 281 17.44 -22.93 24.80
CA ILE D 281 18.39 -22.16 25.58
C ILE D 281 17.69 -21.69 26.85
N ASN D 282 16.49 -21.12 26.72
CA ASN D 282 15.63 -20.98 27.87
C ASN D 282 14.73 -22.20 27.89
N ASP D 283 13.43 -22.03 28.18
CA ASP D 283 12.51 -23.14 28.32
C ASP D 283 11.43 -23.12 27.25
N SER D 284 11.53 -22.26 26.23
N SER D 284 11.56 -22.28 26.23
CA SER D 284 10.48 -22.17 25.21
CA SER D 284 10.53 -22.17 25.22
C SER D 284 11.14 -22.39 23.85
C SER D 284 11.16 -22.41 23.85
N TRP D 285 10.33 -22.86 22.93
CA TRP D 285 10.70 -23.09 21.58
C TRP D 285 10.47 -21.78 20.83
N GLY D 286 9.22 -21.36 20.77
CA GLY D 286 8.91 -20.04 20.27
C GLY D 286 9.34 -18.97 21.27
N PHE D 287 9.71 -17.80 20.74
CA PHE D 287 9.99 -16.63 21.58
C PHE D 287 8.87 -16.40 22.60
N ALA D 288 9.29 -16.20 23.85
CA ALA D 288 8.36 -15.88 24.94
C ALA D 288 8.91 -14.70 25.75
N TYR D 289 8.17 -13.56 25.80
CA TYR D 289 8.62 -12.37 26.54
C TYR D 289 9.02 -12.77 27.95
N HIS D 290 8.15 -13.54 28.61
CA HIS D 290 8.25 -13.78 30.06
C HIS D 290 9.45 -14.67 30.37
N ASP D 291 9.96 -15.47 29.41
CA ASP D 291 10.94 -16.49 29.74
C ASP D 291 12.36 -15.95 29.63
N GLN D 292 12.89 -15.66 30.82
CA GLN D 292 14.26 -15.19 30.96
C GLN D 292 15.12 -16.27 31.65
N ASN D 293 14.71 -17.53 31.62
CA ASN D 293 15.44 -18.57 32.31
C ASN D 293 16.49 -19.19 31.35
N TRP D 294 17.46 -18.38 30.92
CA TRP D 294 18.44 -18.76 29.93
C TRP D 294 19.49 -19.65 30.60
N LYS D 295 19.81 -20.78 30.02
CA LYS D 295 20.94 -21.58 30.51
C LYS D 295 22.22 -20.76 30.33
N SER D 296 23.16 -21.01 31.20
CA SER D 296 24.48 -20.41 31.17
C SER D 296 25.31 -21.04 30.04
N PRO D 297 26.37 -20.34 29.59
CA PRO D 297 27.42 -20.92 28.76
C PRO D 297 27.91 -22.28 29.26
N GLN D 298 28.18 -22.36 30.56
CA GLN D 298 28.71 -23.58 31.15
C GLN D 298 27.70 -24.74 30.97
N THR D 299 26.41 -24.51 31.24
CA THR D 299 25.41 -25.58 31.10
C THR D 299 25.36 -26.06 29.64
N ILE D 300 25.31 -25.10 28.72
CA ILE D 300 25.25 -25.43 27.32
C ILE D 300 26.48 -26.26 26.91
N HIS D 301 27.66 -25.83 27.34
CA HIS D 301 28.89 -26.54 27.01
C HIS D 301 28.84 -27.96 27.57
N ASP D 302 28.36 -28.13 28.79
CA ASP D 302 28.39 -29.42 29.46
C ASP D 302 27.32 -30.34 28.88
N TYR D 303 26.13 -29.81 28.52
CA TYR D 303 25.12 -30.61 27.86
C TYR D 303 25.67 -31.10 26.54
N LYS D 304 26.24 -30.21 25.74
CA LYS D 304 26.81 -30.61 24.47
C LYS D 304 27.89 -31.69 24.65
N ALA D 305 28.83 -31.52 25.58
CA ALA D 305 29.90 -32.49 25.81
C ALA D 305 29.34 -33.87 26.18
N HIS D 306 28.29 -33.88 27.01
CA HIS D 306 27.68 -35.10 27.49
C HIS D 306 26.96 -35.85 26.38
N LEU D 307 26.10 -35.14 25.68
CA LEU D 307 25.44 -35.71 24.50
C LEU D 307 26.47 -36.25 23.51
N ASN D 308 27.48 -35.44 23.19
CA ASN D 308 28.42 -35.78 22.15
C ASN D 308 29.26 -36.99 22.52
N LYS D 309 29.67 -37.11 23.78
CA LYS D 309 30.50 -38.24 24.09
C LYS D 309 29.68 -39.53 24.04
N TYR D 310 28.35 -39.52 24.05
CA TYR D 310 27.61 -40.73 23.79
C TYR D 310 27.14 -40.83 22.33
N GLY D 311 27.71 -40.06 21.39
CA GLY D 311 27.36 -40.08 19.98
C GLY D 311 25.98 -39.53 19.69
N ILE D 312 25.49 -38.56 20.49
CA ILE D 312 24.24 -37.88 20.27
C ILE D 312 24.53 -36.44 19.89
N ASN D 313 23.89 -36.01 18.79
CA ASN D 313 23.93 -34.63 18.36
C ASN D 313 23.09 -33.73 19.26
N TYR D 314 23.54 -32.46 19.40
CA TYR D 314 22.80 -31.44 20.16
C TYR D 314 22.24 -30.42 19.19
N LEU D 315 20.92 -30.39 19.08
CA LEU D 315 20.23 -29.46 18.19
C LEU D 315 19.62 -28.37 19.06
N LEU D 316 20.27 -27.19 19.08
CA LEU D 316 19.95 -26.18 20.08
C LEU D 316 19.18 -25.02 19.43
N ASN D 317 17.99 -24.81 19.98
CA ASN D 317 16.98 -23.97 19.38
C ASN D 317 17.14 -22.51 19.79
N VAL D 318 16.90 -21.65 18.82
CA VAL D 318 16.68 -20.21 19.00
C VAL D 318 15.24 -19.91 18.56
N GLY D 319 14.52 -19.19 19.41
CA GLY D 319 13.24 -18.65 18.98
C GLY D 319 13.37 -17.18 18.68
N LEU D 320 13.36 -16.85 17.37
CA LEU D 320 13.47 -15.47 16.94
C LEU D 320 12.26 -14.65 17.45
N ASP D 321 12.51 -13.36 17.71
CA ASP D 321 11.45 -12.46 18.15
C ASP D 321 10.69 -11.90 16.95
N GLY D 322 9.73 -11.01 17.27
CA GLY D 322 8.79 -10.46 16.32
C GLY D 322 9.47 -9.61 15.24
N LEU D 323 10.70 -9.14 15.53
CA LEU D 323 11.43 -8.34 14.58
C LEU D 323 12.47 -9.15 13.83
N GLY D 324 12.48 -10.46 14.06
CA GLY D 324 13.33 -11.38 13.32
C GLY D 324 14.71 -11.56 13.94
N ARG D 325 14.84 -11.20 15.21
CA ARG D 325 16.15 -11.17 15.86
C ARG D 325 16.34 -12.42 16.72
N VAL D 326 17.61 -12.82 16.81
CA VAL D 326 18.06 -13.72 17.86
C VAL D 326 18.05 -12.92 19.15
N PRO D 327 17.32 -13.30 20.20
CA PRO D 327 17.32 -12.56 21.43
C PRO D 327 18.77 -12.39 21.88
N MET D 328 19.08 -11.20 22.40
CA MET D 328 20.42 -10.95 22.87
C MET D 328 20.87 -12.02 23.88
N ALA D 329 20.05 -12.39 24.85
CA ALA D 329 20.50 -13.34 25.87
C ALA D 329 20.78 -14.72 25.24
N ALA D 330 20.10 -15.05 24.13
CA ALA D 330 20.39 -16.32 23.45
C ALA D 330 21.75 -16.27 22.77
N GLU D 331 21.99 -15.18 22.06
CA GLU D 331 23.25 -14.95 21.38
C GLU D 331 24.41 -14.97 22.36
N GLN D 332 24.23 -14.28 23.48
CA GLN D 332 25.24 -14.24 24.55
C GLN D 332 25.51 -15.67 25.07
N ALA D 333 24.48 -16.49 25.27
CA ALA D 333 24.67 -17.81 25.83
C ALA D 333 25.45 -18.68 24.83
N LEU D 334 25.07 -18.59 23.55
CA LEU D 334 25.73 -19.40 22.54
C LEU D 334 27.21 -18.98 22.38
N LEU D 335 27.46 -17.66 22.35
CA LEU D 335 28.84 -17.20 22.14
C LEU D 335 29.70 -17.50 23.36
N GLY D 336 29.06 -17.48 24.54
CA GLY D 336 29.75 -17.82 25.78
C GLY D 336 30.15 -19.31 25.81
N ALA D 337 29.23 -20.19 25.40
CA ALA D 337 29.55 -21.63 25.34
C ALA D 337 30.70 -21.89 24.37
N ARG D 338 30.65 -21.26 23.18
CA ARG D 338 31.74 -21.34 22.22
C ARG D 338 33.08 -20.95 22.84
N ALA D 339 33.08 -19.85 23.63
CA ALA D 339 34.30 -19.39 24.25
C ALA D 339 34.88 -20.43 25.22
N LEU D 340 34.06 -21.33 25.77
CA LEU D 340 34.58 -22.33 26.73
C LEU D 340 35.21 -23.52 25.99
N GLU D 341 35.21 -23.57 24.68
CA GLU D 341 35.82 -24.71 24.01
C GLU D 341 37.25 -24.33 23.64
N ALA D 342 38.22 -24.86 24.39
CA ALA D 342 39.64 -24.61 24.09
C ALA D 342 40.04 -25.45 22.87
N SER E 2 26.84 43.23 7.15
CA SER E 2 26.38 41.83 7.33
C SER E 2 27.47 40.79 7.03
N ASP E 3 27.35 39.66 7.75
CA ASP E 3 28.25 38.54 7.56
C ASP E 3 27.97 37.93 6.20
N THR E 4 26.67 37.76 5.86
CA THR E 4 26.26 37.12 4.63
C THR E 4 26.80 37.89 3.44
N VAL E 5 26.79 39.22 3.52
CA VAL E 5 27.25 40.02 2.39
C VAL E 5 28.74 39.75 2.13
N GLU E 6 29.57 39.83 3.18
CA GLU E 6 31.00 39.54 3.06
C GLU E 6 31.23 38.12 2.58
N TRP E 7 30.45 37.17 3.12
CA TRP E 7 30.62 35.77 2.76
C TRP E 7 30.37 35.58 1.26
N PHE E 8 29.28 36.16 0.73
CA PHE E 8 28.86 35.90 -0.63
C PHE E 8 29.87 36.45 -1.63
N LYS E 9 30.43 37.60 -1.29
CA LYS E 9 31.39 38.25 -2.14
C LYS E 9 32.58 37.31 -2.38
N GLN E 10 32.97 36.51 -1.39
CA GLN E 10 34.17 35.68 -1.52
C GLN E 10 33.77 34.23 -1.78
N ALA E 11 32.48 33.91 -1.88
CA ALA E 11 32.04 32.52 -1.96
C ALA E 11 32.50 31.87 -3.28
N LYS E 12 32.36 32.60 -4.40
CA LYS E 12 32.92 32.23 -5.71
C LYS E 12 32.15 31.15 -6.47
N TYR E 13 31.71 30.09 -5.78
CA TYR E 13 31.30 28.86 -6.44
C TYR E 13 30.23 28.19 -5.60
N GLY E 14 29.08 27.90 -6.21
CA GLY E 14 28.06 27.12 -5.56
C GLY E 14 27.43 26.10 -6.52
N MET E 15 26.66 25.18 -5.95
CA MET E 15 25.91 24.19 -6.69
C MET E 15 24.43 24.59 -6.67
N MET E 16 23.80 24.52 -7.84
CA MET E 16 22.38 24.60 -7.97
C MET E 16 21.82 23.21 -8.28
N ILE E 17 20.61 22.93 -7.78
CA ILE E 17 19.92 21.68 -8.07
C ILE E 17 18.53 22.02 -8.62
N HIS E 18 18.24 21.46 -9.80
CA HIS E 18 16.91 21.36 -10.37
C HIS E 18 16.47 19.91 -10.28
N TRP E 19 15.31 19.71 -9.65
CA TRP E 19 14.76 18.37 -9.54
C TRP E 19 13.26 18.47 -9.31
N GLY E 20 12.53 17.65 -10.08
CA GLY E 20 11.07 17.61 -9.96
C GLY E 20 10.47 16.52 -10.83
N LEU E 21 9.15 16.55 -10.97
CA LEU E 21 8.46 15.58 -11.79
C LEU E 21 8.99 15.62 -13.24
N TYR E 22 9.35 16.80 -13.72
CA TYR E 22 9.88 16.94 -15.08
C TYR E 22 11.14 16.07 -15.30
N SER E 23 11.93 15.83 -14.24
CA SER E 23 13.14 15.02 -14.32
C SER E 23 12.86 13.57 -14.75
N LEU E 24 11.68 13.01 -14.36
CA LEU E 24 11.25 11.70 -14.79
C LEU E 24 11.05 11.68 -16.31
N LEU E 25 10.42 12.70 -16.88
CA LEU E 25 10.16 12.72 -18.33
C LEU E 25 11.46 12.91 -19.11
N GLY E 26 12.37 13.66 -18.52
CA GLY E 26 13.73 13.77 -19.01
C GLY E 26 13.79 14.36 -20.42
N GLY E 27 12.89 15.27 -20.74
CA GLY E 27 12.99 15.96 -22.02
C GLY E 27 12.07 15.44 -23.10
N GLU E 28 11.24 14.42 -22.78
CA GLU E 28 10.34 13.91 -23.81
C GLU E 28 9.01 13.51 -23.17
N TYR E 29 7.97 13.56 -23.99
CA TYR E 29 6.63 13.15 -23.55
C TYR E 29 5.82 12.76 -24.76
N GLN E 30 5.34 11.52 -24.72
CA GLN E 30 4.56 10.90 -25.77
C GLN E 30 5.20 11.09 -27.14
N GLY E 31 6.48 10.82 -27.22
CA GLY E 31 7.15 10.80 -28.50
C GLY E 31 7.54 12.21 -29.02
N LYS E 32 7.34 13.27 -28.23
CA LYS E 32 7.70 14.63 -28.59
C LYS E 32 8.71 15.19 -27.58
N SER E 33 9.45 16.13 -28.06
CA SER E 33 10.60 16.71 -27.38
C SER E 33 10.26 18.00 -26.62
N SER E 34 10.82 18.18 -25.43
CA SER E 34 11.01 19.51 -24.85
C SER E 34 12.04 20.30 -25.70
N SER E 35 12.22 21.58 -25.40
CA SER E 35 13.34 22.30 -26.01
C SER E 35 14.66 21.88 -25.33
N ASN E 36 15.68 22.75 -25.34
CA ASN E 36 16.83 22.45 -24.49
C ASN E 36 16.49 22.51 -23.00
N TYR E 37 15.27 22.94 -22.70
CA TYR E 37 14.80 23.20 -21.36
C TYR E 37 13.80 22.10 -20.97
N ALA E 38 14.31 21.01 -20.43
CA ALA E 38 13.46 19.84 -20.10
C ALA E 38 12.49 20.14 -18.99
N GLU E 39 12.85 21.09 -18.09
CA GLU E 39 11.95 21.47 -16.99
C GLU E 39 10.73 22.27 -17.50
N TRP E 40 10.78 22.77 -18.75
CA TRP E 40 9.69 23.48 -19.40
C TRP E 40 8.76 22.57 -20.20
N VAL E 41 8.98 21.24 -20.14
CA VAL E 41 8.23 20.30 -20.97
C VAL E 41 6.72 20.46 -20.80
N GLN E 42 6.24 20.74 -19.58
CA GLN E 42 4.78 20.83 -19.43
C GLN E 42 4.18 21.94 -20.31
N SER E 43 4.89 23.08 -20.40
CA SER E 43 4.44 24.18 -21.24
C SER E 43 4.71 23.86 -22.70
N LYS E 44 5.91 23.39 -22.99
CA LYS E 44 6.31 23.11 -24.36
C LYS E 44 5.30 22.17 -25.05
N LEU E 45 4.77 21.19 -24.32
CA LEU E 45 3.85 20.25 -24.96
C LEU E 45 2.44 20.38 -24.38
N GLN E 46 2.17 21.42 -23.60
CA GLN E 46 0.83 21.68 -23.06
C GLN E 46 0.21 20.42 -22.44
N ILE E 47 0.92 19.85 -21.48
CA ILE E 47 0.51 18.63 -20.82
C ILE E 47 -0.55 19.03 -19.81
N PRO E 48 -1.78 18.55 -19.95
CA PRO E 48 -2.79 18.85 -18.94
C PRO E 48 -2.29 18.46 -17.55
N ASN E 49 -2.61 19.29 -16.56
CA ASN E 49 -2.31 18.96 -15.17
C ASN E 49 -2.73 17.53 -14.81
N LYS E 50 -3.92 17.13 -15.23
CA LYS E 50 -4.43 15.83 -14.81
C LYS E 50 -3.51 14.71 -15.34
N GLU E 51 -2.89 14.89 -16.51
CA GLU E 51 -1.92 13.93 -17.03
C GLU E 51 -0.58 14.05 -16.34
N TYR E 52 -0.08 15.31 -16.18
CA TYR E 52 1.24 15.51 -15.61
C TYR E 52 1.29 14.99 -14.18
N GLU E 53 0.19 15.12 -13.45
CA GLU E 53 0.15 14.68 -12.06
C GLU E 53 0.36 13.16 -11.93
N ARG E 54 0.13 12.40 -12.99
CA ARG E 54 0.29 10.95 -12.92
C ARG E 54 1.77 10.63 -12.61
N LEU E 55 2.71 11.52 -12.99
CA LEU E 55 4.13 11.32 -12.66
C LEU E 55 4.39 11.11 -11.16
N THR E 56 3.54 11.68 -10.31
CA THR E 56 3.73 11.48 -8.87
C THR E 56 3.79 10.00 -8.52
N GLN E 57 3.06 9.16 -9.25
CA GLN E 57 2.98 7.74 -8.90
C GLN E 57 4.24 7.03 -9.32
N ALA E 58 5.05 7.59 -10.20
CA ALA E 58 6.33 6.99 -10.62
C ALA E 58 7.51 7.58 -9.85
N PHE E 59 7.26 8.56 -8.95
CA PHE E 59 8.33 9.24 -8.23
C PHE E 59 8.75 8.48 -6.97
N ASN E 60 9.75 7.60 -7.14
CA ASN E 60 10.31 6.83 -6.04
C ASN E 60 11.82 6.71 -6.24
N PRO E 61 12.53 7.84 -6.08
CA PRO E 61 13.96 7.91 -6.42
C PRO E 61 14.83 7.29 -5.31
N ILE E 62 15.00 5.98 -5.42
CA ILE E 62 15.60 5.21 -4.36
C ILE E 62 17.09 5.56 -4.19
N TYR E 63 17.76 6.23 -5.15
CA TYR E 63 19.17 6.54 -5.01
C TYR E 63 19.41 7.97 -4.49
N PHE E 64 18.37 8.70 -4.15
CA PHE E 64 18.56 10.05 -3.65
C PHE E 64 19.32 10.02 -2.35
N ASP E 65 20.42 10.78 -2.29
CA ASP E 65 21.22 10.82 -1.07
C ASP E 65 21.75 12.24 -0.82
N ALA E 66 21.07 12.99 0.08
CA ALA E 66 21.41 14.41 0.23
C ALA E 66 22.86 14.56 0.71
N ASP E 67 23.30 13.69 1.65
CA ASP E 67 24.65 13.79 2.13
C ASP E 67 25.66 13.59 0.99
N ALA E 68 25.40 12.65 0.07
CA ALA E 68 26.38 12.38 -0.97
C ALA E 68 26.40 13.53 -1.98
N ILE E 69 25.26 14.15 -2.25
CA ILE E 69 25.23 15.30 -3.14
C ILE E 69 26.03 16.47 -2.54
N ILE E 70 25.80 16.76 -1.26
CA ILE E 70 26.49 17.85 -0.58
C ILE E 70 27.99 17.56 -0.54
N ASP E 71 28.35 16.29 -0.38
CA ASP E 71 29.75 15.94 -0.24
C ASP E 71 30.45 16.19 -1.59
N LEU E 72 29.77 15.91 -2.69
CA LEU E 72 30.34 16.22 -3.99
C LEU E 72 30.57 17.73 -4.10
N ALA E 73 29.54 18.51 -3.81
CA ALA E 73 29.64 19.96 -3.80
C ALA E 73 30.88 20.40 -3.00
N LYS E 74 30.97 19.87 -1.79
CA LYS E 74 32.03 20.30 -0.89
C LYS E 74 33.40 19.94 -1.44
N ARG E 75 33.56 18.73 -2.01
CA ARG E 75 34.84 18.32 -2.56
C ARG E 75 35.24 19.20 -3.74
N CYS E 76 34.26 19.74 -4.49
CA CYS E 76 34.56 20.61 -5.62
C CYS E 76 34.80 22.06 -5.18
N GLY E 77 34.76 22.32 -3.87
CA GLY E 77 35.02 23.66 -3.34
C GLY E 77 33.79 24.58 -3.44
N MET E 78 32.59 24.04 -3.66
CA MET E 78 31.41 24.85 -3.68
C MET E 78 31.09 25.20 -2.24
N GLN E 79 30.64 26.46 -1.99
CA GLN E 79 30.46 26.94 -0.63
C GLN E 79 28.97 27.06 -0.28
N TYR E 80 28.10 26.82 -1.27
CA TYR E 80 26.68 26.93 -1.02
C TYR E 80 25.95 26.06 -2.02
N LEU E 81 24.69 25.76 -1.69
CA LEU E 81 23.84 24.96 -2.54
C LEU E 81 22.46 25.58 -2.59
N VAL E 82 21.92 25.76 -3.81
CA VAL E 82 20.61 26.36 -4.05
C VAL E 82 19.74 25.31 -4.72
N VAL E 83 18.57 24.98 -4.15
CA VAL E 83 17.73 23.95 -4.71
C VAL E 83 16.32 24.47 -5.03
N THR E 84 15.75 23.96 -6.12
CA THR E 84 14.35 24.15 -6.48
C THR E 84 13.39 23.60 -5.42
N THR E 85 12.72 24.50 -4.68
CA THR E 85 11.65 24.11 -3.76
C THR E 85 10.33 23.96 -4.55
N LYS E 86 10.19 24.68 -5.66
CA LYS E 86 9.03 24.62 -6.50
C LYS E 86 9.33 25.35 -7.82
N HIS E 87 9.23 24.64 -8.93
CA HIS E 87 9.55 25.26 -10.23
C HIS E 87 8.24 25.69 -10.89
N HIS E 88 8.27 26.00 -12.18
CA HIS E 88 7.14 26.62 -12.81
C HIS E 88 5.91 25.69 -12.81
N ASP E 89 6.11 24.39 -12.84
CA ASP E 89 5.04 23.41 -12.87
C ASP E 89 4.24 23.42 -11.54
N GLY E 90 4.76 24.06 -10.51
CA GLY E 90 3.99 24.30 -9.29
C GLY E 90 4.12 23.19 -8.26
N PHE E 91 4.91 22.13 -8.57
CA PHE E 91 5.07 21.00 -7.71
C PHE E 91 6.12 21.29 -6.66
N ALA E 92 5.71 21.21 -5.39
CA ALA E 92 6.62 21.51 -4.30
C ALA E 92 7.47 20.30 -3.94
N MET E 93 8.74 20.52 -3.68
CA MET E 93 9.72 19.50 -3.35
C MET E 93 9.97 19.50 -1.84
N TYR E 94 8.99 19.94 -1.07
CA TYR E 94 9.02 19.97 0.38
C TYR E 94 7.62 19.68 0.87
N ARG E 95 7.47 19.39 2.16
CA ARG E 95 6.15 19.18 2.74
C ARG E 95 5.44 20.54 2.92
N SER E 96 4.52 20.87 2.02
CA SER E 96 3.72 22.07 2.03
C SER E 96 2.37 21.74 2.64
N LEU E 97 2.00 22.44 3.72
CA LEU E 97 0.66 22.32 4.28
C LEU E 97 -0.33 23.14 3.44
N VAL E 98 0.18 24.13 2.71
CA VAL E 98 -0.64 24.99 1.86
C VAL E 98 -1.19 24.21 0.68
N ASP E 99 -0.38 23.26 0.16
CA ASP E 99 -0.69 22.63 -1.10
C ASP E 99 -0.20 21.18 -1.08
N PRO E 100 -1.12 20.20 -1.20
CA PRO E 100 -0.75 18.77 -1.21
C PRO E 100 -0.09 18.26 -2.47
N TYR E 101 0.00 19.11 -3.50
CA TYR E 101 0.76 18.81 -4.71
C TYR E 101 2.23 19.07 -4.40
N ASN E 102 2.81 18.09 -3.70
CA ASN E 102 4.16 18.13 -3.21
C ASN E 102 4.72 16.71 -3.06
N VAL E 103 6.03 16.60 -3.00
CA VAL E 103 6.80 15.36 -3.04
C VAL E 103 6.56 14.50 -1.79
N TYR E 104 6.19 15.12 -0.67
CA TYR E 104 5.96 14.37 0.58
C TYR E 104 4.56 13.71 0.51
N ASP E 105 3.51 14.51 0.25
CA ASP E 105 2.14 13.99 0.33
C ASP E 105 1.72 13.18 -0.90
N ALA E 106 2.25 13.48 -2.10
CA ALA E 106 1.64 13.01 -3.33
C ALA E 106 2.38 11.85 -3.97
N THR E 107 3.52 11.43 -3.38
CA THR E 107 4.38 10.43 -4.03
C THR E 107 4.64 9.30 -3.08
N PRO E 108 4.94 8.09 -3.58
CA PRO E 108 5.34 6.97 -2.72
C PRO E 108 6.66 7.30 -2.03
N PHE E 109 7.51 8.22 -2.57
CA PHE E 109 8.73 8.54 -1.86
C PHE E 109 8.45 9.08 -0.45
N HIS E 110 7.41 9.94 -0.29
CA HIS E 110 6.91 10.35 1.01
C HIS E 110 8.03 10.89 1.89
N ARG E 111 8.89 11.74 1.35
CA ARG E 111 10.00 12.34 2.12
C ARG E 111 10.12 13.81 1.70
N ASP E 112 10.65 14.62 2.61
CA ASP E 112 10.85 16.04 2.41
C ASP E 112 12.24 16.28 1.83
N VAL E 113 12.33 16.45 0.51
CA VAL E 113 13.63 16.59 -0.14
C VAL E 113 14.41 17.83 0.33
N ILE E 114 13.69 18.95 0.45
CA ILE E 114 14.34 20.18 0.89
C ILE E 114 14.84 19.99 2.33
N GLY E 115 14.04 19.36 3.20
CA GLY E 115 14.47 19.08 4.55
C GLY E 115 15.74 18.26 4.64
N GLU E 116 15.85 17.23 3.79
CA GLU E 116 17.04 16.40 3.81
C GLU E 116 18.24 17.21 3.29
N LEU E 117 18.05 18.01 2.23
CA LEU E 117 19.19 18.79 1.74
C LEU E 117 19.66 19.85 2.76
N SER E 118 18.70 20.43 3.46
CA SER E 118 18.99 21.42 4.50
C SER E 118 19.89 20.82 5.57
N LEU E 119 19.46 19.67 6.10
CA LEU E 119 20.20 19.02 7.16
C LEU E 119 21.60 18.61 6.66
N ALA E 120 21.70 18.14 5.41
CA ALA E 120 22.98 17.74 4.85
C ALA E 120 23.91 18.94 4.71
N CYS E 121 23.40 20.08 4.25
CA CYS E 121 24.23 21.29 4.18
C CYS E 121 24.73 21.71 5.57
N ARG E 122 23.85 21.63 6.54
CA ARG E 122 24.20 22.01 7.89
C ARG E 122 25.32 21.12 8.38
N LYS E 123 25.25 19.80 8.21
CA LYS E 123 26.31 18.99 8.80
C LYS E 123 27.62 19.22 8.09
N ALA E 124 27.60 19.51 6.79
CA ALA E 124 28.82 19.64 6.01
C ALA E 124 29.41 21.06 6.10
N GLY E 125 28.66 22.01 6.67
CA GLY E 125 29.12 23.40 6.76
C GLY E 125 28.89 24.16 5.44
N LEU E 126 27.94 23.76 4.58
CA LEU E 126 27.65 24.56 3.40
C LEU E 126 26.48 25.47 3.70
N ARG E 127 26.48 26.66 3.05
CA ARG E 127 25.30 27.51 3.14
C ARG E 127 24.22 26.99 2.19
N PHE E 128 22.97 27.26 2.63
CA PHE E 128 21.80 26.73 1.96
C PHE E 128 20.97 27.84 1.35
N GLY E 129 20.54 27.64 0.10
CA GLY E 129 19.68 28.56 -0.63
C GLY E 129 18.52 27.87 -1.30
N LEU E 130 17.44 28.64 -1.54
CA LEU E 130 16.17 28.12 -2.03
C LEU E 130 15.77 28.85 -3.27
N TYR E 131 15.46 28.09 -4.34
CA TYR E 131 14.81 28.60 -5.55
C TYR E 131 13.30 28.40 -5.39
N TYR E 132 12.54 29.46 -5.74
CA TYR E 132 11.09 29.38 -5.73
C TYR E 132 10.53 30.18 -6.92
N SER E 133 9.70 29.56 -7.76
CA SER E 133 9.04 30.23 -8.85
C SER E 133 7.83 31.03 -8.33
N GLN E 134 8.04 32.33 -8.01
CA GLN E 134 7.04 33.18 -7.36
C GLN E 134 5.96 33.68 -8.35
N ASP E 135 6.29 33.73 -9.66
CA ASP E 135 5.44 34.30 -10.69
C ASP E 135 4.70 33.16 -11.43
N LEU E 136 5.44 32.33 -12.17
CA LEU E 136 4.85 31.26 -12.98
C LEU E 136 4.47 30.09 -12.08
N ASP E 137 3.26 29.58 -12.27
CA ASP E 137 2.80 28.37 -11.60
C ASP E 137 1.68 27.73 -12.41
N TRP E 138 2.07 26.70 -13.16
CA TRP E 138 1.21 26.08 -14.16
C TRP E 138 0.13 25.20 -13.49
N HIS E 139 0.27 24.93 -12.19
CA HIS E 139 -0.73 24.18 -11.45
C HIS E 139 -1.84 25.10 -10.94
N GLU E 140 -1.77 26.41 -11.13
CA GLU E 140 -2.71 27.38 -10.58
C GLU E 140 -3.38 28.18 -11.69
N PRO E 141 -4.73 28.26 -11.70
CA PRO E 141 -5.43 29.02 -12.72
C PRO E 141 -4.97 30.48 -12.80
N ASP E 142 -4.57 31.03 -11.65
CA ASP E 142 -4.13 32.43 -11.58
C ASP E 142 -2.60 32.56 -11.54
N GLY E 143 -1.89 31.51 -11.92
CA GLY E 143 -0.44 31.62 -12.06
C GLY E 143 -0.05 32.66 -13.08
N GLY E 144 1.14 33.24 -12.89
CA GLY E 144 1.63 34.33 -13.70
C GLY E 144 1.93 33.93 -15.14
N GLY E 145 2.15 34.95 -15.98
CA GLY E 145 2.65 34.75 -17.32
C GLY E 145 1.68 35.17 -18.40
N TYR E 146 0.39 35.33 -18.03
CA TYR E 146 -0.68 35.54 -19.00
C TYR E 146 -0.61 36.91 -19.65
N LEU E 147 0.22 37.83 -19.17
CA LEU E 147 0.37 39.11 -19.83
C LEU E 147 1.59 39.13 -20.75
N SER E 148 2.33 38.04 -20.89
CA SER E 148 3.68 38.08 -21.46
C SER E 148 3.78 37.24 -22.74
N ASN E 149 2.64 36.77 -23.31
CA ASN E 149 2.74 35.76 -24.34
C ASN E 149 3.07 36.35 -25.71
N ASP E 150 3.35 37.66 -25.78
CA ASP E 150 3.98 38.22 -26.97
C ASP E 150 5.51 37.98 -26.93
N ILE E 151 6.07 37.51 -25.82
CA ILE E 151 7.49 37.17 -25.73
C ILE E 151 7.64 35.65 -25.84
N GLU E 152 8.55 35.17 -26.70
CA GLU E 152 8.86 33.75 -26.92
C GLU E 152 9.42 33.10 -25.64
N THR E 153 9.14 31.80 -25.41
CA THR E 153 9.60 31.11 -24.22
C THR E 153 10.34 29.80 -24.58
N ALA E 154 10.82 29.07 -23.56
CA ALA E 154 11.35 27.74 -23.78
C ALA E 154 10.22 26.69 -23.93
N GLY E 155 8.98 27.13 -23.79
CA GLY E 155 7.79 26.31 -23.83
C GLY E 155 6.88 26.83 -24.92
N THR E 156 5.58 26.92 -24.64
CA THR E 156 4.65 27.65 -25.49
C THR E 156 4.38 29.00 -24.80
N THR E 157 3.38 29.03 -23.91
CA THR E 157 3.05 30.21 -23.11
C THR E 157 3.81 30.19 -21.81
N TRP E 158 3.91 31.39 -21.21
CA TRP E 158 4.51 31.50 -19.89
C TRP E 158 3.59 30.91 -18.82
N ASP E 159 2.29 31.07 -19.01
CA ASP E 159 1.27 30.55 -18.11
C ASP E 159 0.75 29.22 -18.62
N ASN E 160 0.01 28.55 -17.74
CA ASN E 160 -0.81 27.44 -18.20
C ASN E 160 -2.05 28.01 -18.86
N SER E 161 -1.98 28.03 -20.19
CA SER E 161 -3.04 28.53 -21.03
C SER E 161 -3.89 27.42 -21.64
N TRP E 162 -3.62 26.15 -21.31
CA TRP E 162 -4.32 25.02 -21.97
C TRP E 162 -5.33 24.44 -20.98
N ASP E 163 -5.01 24.23 -19.71
CA ASP E 163 -6.03 23.89 -18.72
C ASP E 163 -6.90 25.08 -18.30
N PHE E 164 -6.34 26.29 -18.31
CA PHE E 164 -6.99 27.49 -17.73
C PHE E 164 -7.08 28.55 -18.82
N THR E 165 -8.27 28.83 -19.30
CA THR E 165 -8.40 29.65 -20.48
C THR E 165 -9.28 30.83 -20.19
N GLY E 166 -9.63 31.16 -18.93
CA GLY E 166 -10.57 32.28 -18.78
C GLY E 166 -9.88 33.50 -18.21
N GLU E 167 -10.63 34.33 -17.49
CA GLU E 167 -10.17 35.44 -16.70
C GLU E 167 -9.21 34.96 -15.63
N LYS E 168 -8.13 35.70 -15.47
CA LYS E 168 -6.99 35.39 -14.63
C LYS E 168 -6.62 36.60 -13.82
N ASN E 169 -6.21 36.37 -12.55
CA ASN E 169 -5.73 37.46 -11.73
C ASN E 169 -4.70 36.92 -10.78
N TYR E 170 -3.42 37.21 -11.09
CA TYR E 170 -2.29 36.76 -10.30
C TYR E 170 -2.44 37.08 -8.81
N ASP E 171 -3.13 38.19 -8.47
CA ASP E 171 -3.31 38.59 -7.08
C ASP E 171 -3.85 37.42 -6.25
N ARG E 172 -4.74 36.58 -6.81
CA ARG E 172 -5.31 35.47 -6.04
C ARG E 172 -4.27 34.40 -5.74
N ALA E 173 -3.47 34.05 -6.74
CA ALA E 173 -2.44 33.03 -6.54
C ALA E 173 -1.36 33.58 -5.60
N PHE E 174 -1.09 34.89 -5.76
CA PHE E 174 -0.09 35.53 -4.90
C PHE E 174 -0.51 35.36 -3.44
N LYS E 175 -1.78 35.63 -3.18
CA LYS E 175 -2.26 35.58 -1.81
C LYS E 175 -2.39 34.16 -1.25
N HIS E 176 -2.90 33.22 -2.05
CA HIS E 176 -3.36 31.90 -1.56
C HIS E 176 -2.30 30.85 -1.73
N LYS E 177 -1.31 31.01 -2.65
CA LYS E 177 -0.26 30.04 -2.76
C LYS E 177 1.16 30.62 -2.61
N ILE E 178 1.49 31.70 -3.36
CA ILE E 178 2.86 32.14 -3.44
C ILE E 178 3.36 32.59 -2.07
N MET E 179 2.65 33.54 -1.45
CA MET E 179 3.12 34.09 -0.21
C MET E 179 3.10 33.00 0.89
N PRO E 180 2.01 32.22 1.07
CA PRO E 180 2.05 31.20 2.14
C PRO E 180 3.18 30.16 1.94
N GLN E 181 3.50 29.83 0.67
CA GLN E 181 4.58 28.86 0.45
C GLN E 181 5.93 29.47 0.75
N ILE E 182 6.13 30.74 0.40
CA ILE E 182 7.39 31.44 0.69
C ILE E 182 7.56 31.47 2.20
N GLU E 183 6.49 31.69 2.93
CA GLU E 183 6.53 31.60 4.39
C GLU E 183 6.97 30.25 4.89
N GLU E 184 6.41 29.18 4.31
CA GLU E 184 6.82 27.83 4.70
C GLU E 184 8.31 27.60 4.52
N ILE E 185 8.82 27.87 3.31
CA ILE E 185 10.21 27.52 3.02
C ILE E 185 11.17 28.42 3.83
N MET E 186 10.74 29.65 4.19
CA MET E 186 11.62 30.57 4.90
C MET E 186 11.45 30.42 6.41
N SER E 187 10.60 29.47 6.87
CA SER E 187 10.36 29.21 8.28
C SER E 187 10.87 27.84 8.71
N ASN E 188 10.82 26.82 7.84
CA ASN E 188 10.90 25.44 8.28
C ASN E 188 12.23 24.72 7.98
N TYR E 189 13.20 25.37 7.35
CA TYR E 189 14.38 24.70 6.84
C TYR E 189 15.67 25.36 7.32
N GLY E 190 15.58 26.01 8.48
CA GLY E 190 16.69 26.69 9.18
C GLY E 190 17.17 27.94 8.44
N GLU E 191 18.42 28.30 8.68
CA GLU E 191 18.95 29.54 8.13
C GLU E 191 19.13 29.46 6.61
N ILE E 192 18.54 30.43 5.89
CA ILE E 192 18.63 30.46 4.44
C ILE E 192 19.53 31.63 4.03
N SER E 193 20.57 31.37 3.22
CA SER E 193 21.54 32.39 2.86
C SER E 193 21.23 33.02 1.51
N VAL E 194 20.55 32.30 0.63
CA VAL E 194 20.22 32.82 -0.69
C VAL E 194 18.77 32.51 -1.03
N ALA E 195 18.04 33.50 -1.57
CA ALA E 195 16.69 33.29 -2.10
C ALA E 195 16.71 33.60 -3.58
N TRP E 196 16.33 32.59 -4.39
CA TRP E 196 16.50 32.61 -5.84
C TRP E 196 15.10 32.56 -6.43
N PHE E 197 14.63 33.72 -6.82
CA PHE E 197 13.34 33.90 -7.47
C PHE E 197 13.61 33.92 -8.98
N ASP E 198 12.54 34.03 -9.80
CA ASP E 198 12.71 33.79 -11.21
C ASP E 198 11.60 34.44 -12.03
N VAL E 199 11.98 34.79 -13.27
CA VAL E 199 11.08 35.26 -14.34
C VAL E 199 9.89 36.05 -13.77
N PRO E 200 10.16 37.30 -13.33
CA PRO E 200 9.12 38.17 -12.78
C PRO E 200 8.28 38.83 -13.90
N MET E 201 7.48 38.02 -14.56
CA MET E 201 6.76 38.43 -15.76
C MET E 201 5.48 39.18 -15.37
N THR E 202 4.97 39.06 -14.12
CA THR E 202 3.62 39.51 -13.83
C THR E 202 3.56 40.35 -12.56
N LEU E 203 4.31 40.01 -11.51
CA LEU E 203 4.07 40.57 -10.20
C LEU E 203 4.44 42.05 -10.18
N SER E 204 3.67 42.79 -9.38
CA SER E 204 3.81 44.24 -9.28
C SER E 204 5.00 44.55 -8.37
N ASP E 205 5.36 45.83 -8.41
CA ASP E 205 6.33 46.42 -7.51
C ASP E 205 5.99 46.07 -6.05
N GLU E 206 4.73 46.31 -5.69
CA GLU E 206 4.29 46.04 -4.35
C GLU E 206 4.38 44.55 -3.99
N GLN E 207 4.04 43.66 -4.94
CA GLN E 207 4.17 42.22 -4.70
C GLN E 207 5.63 41.84 -4.52
N SER E 208 6.53 42.34 -5.37
CA SER E 208 7.95 42.07 -5.19
C SER E 208 8.39 42.54 -3.81
N GLN E 209 7.93 43.76 -3.41
CA GLN E 209 8.33 44.31 -2.13
C GLN E 209 7.80 43.43 -0.99
N THR E 210 6.52 42.96 -1.11
CA THR E 210 5.92 42.15 -0.05
C THR E 210 6.76 40.88 0.13
N ILE E 211 7.18 40.25 -0.98
CA ILE E 211 8.01 39.07 -0.87
C ILE E 211 9.34 39.42 -0.17
N TYR E 212 9.99 40.51 -0.64
CA TYR E 212 11.28 40.93 -0.10
C TYR E 212 11.17 41.07 1.42
N ASP E 213 10.13 41.83 1.86
CA ASP E 213 9.96 42.10 3.28
C ASP E 213 9.65 40.83 4.08
N THR E 214 8.88 39.90 3.51
CA THR E 214 8.57 38.68 4.22
C THR E 214 9.84 37.82 4.39
N VAL E 215 10.63 37.73 3.32
CA VAL E 215 11.85 36.94 3.40
C VAL E 215 12.75 37.56 4.49
N LYS E 216 12.87 38.88 4.53
CA LYS E 216 13.73 39.49 5.51
C LYS E 216 13.22 39.35 6.92
N ARG E 217 11.91 39.44 7.11
CA ARG E 217 11.33 39.26 8.42
C ARG E 217 11.68 37.85 8.91
N LEU E 218 11.54 36.82 8.07
CA LEU E 218 11.81 35.44 8.49
C LEU E 218 13.28 35.08 8.43
N GLN E 219 14.06 35.70 7.54
CA GLN E 219 15.46 35.32 7.28
C GLN E 219 16.28 36.59 7.12
N PRO E 220 16.58 37.32 8.24
CA PRO E 220 17.24 38.62 8.17
C PRO E 220 18.54 38.61 7.36
N ASP E 221 19.25 37.49 7.28
CA ASP E 221 20.53 37.45 6.60
C ASP E 221 20.45 36.84 5.19
N CYS E 222 19.27 36.59 4.69
CA CYS E 222 19.12 35.96 3.40
C CYS E 222 19.35 36.99 2.30
N LEU E 223 20.20 36.70 1.32
CA LEU E 223 20.41 37.56 0.16
C LEU E 223 19.44 37.21 -0.96
N ILE E 224 18.70 38.21 -1.48
CA ILE E 224 17.68 37.97 -2.49
C ILE E 224 18.17 38.39 -3.88
N ASN E 225 17.94 37.53 -4.88
CA ASN E 225 18.46 37.82 -6.22
C ASN E 225 17.52 38.76 -7.00
N SER E 226 18.03 39.30 -8.12
CA SER E 226 17.39 40.36 -8.89
C SER E 226 16.12 39.91 -9.58
N ARG E 227 15.95 38.59 -9.78
CA ARG E 227 14.77 38.09 -10.48
C ARG E 227 13.48 38.07 -9.63
N LEU E 228 13.58 38.55 -8.39
CA LEU E 228 12.37 38.85 -7.64
C LEU E 228 11.59 39.94 -8.37
N GLY E 229 12.34 40.74 -9.15
CA GLY E 229 11.78 41.76 -9.98
C GLY E 229 11.65 43.12 -9.28
N ASN E 230 11.39 44.10 -10.11
CA ASN E 230 10.99 45.45 -9.74
C ASN E 230 12.06 46.12 -8.88
N GLY E 231 13.32 45.70 -9.01
CA GLY E 231 14.42 46.30 -8.28
C GLY E 231 14.46 45.88 -6.82
N ARG E 232 13.69 44.88 -6.37
CA ARG E 232 13.66 44.51 -4.96
C ARG E 232 14.62 43.34 -4.70
N TYR E 233 15.90 43.63 -4.47
CA TYR E 233 16.92 42.58 -4.45
C TYR E 233 18.18 43.00 -3.74
N ASP E 234 18.99 42.05 -3.30
CA ASP E 234 20.29 42.36 -2.70
C ASP E 234 21.44 42.07 -3.67
N TYR E 235 21.27 41.13 -4.63
CA TYR E 235 22.33 40.87 -5.59
C TYR E 235 21.77 40.62 -6.98
N VAL E 236 22.65 40.81 -7.97
CA VAL E 236 22.27 40.69 -9.37
C VAL E 236 22.54 39.27 -9.88
N SER E 237 21.48 38.62 -10.40
CA SER E 237 21.61 37.41 -11.21
C SER E 237 21.80 37.86 -12.65
N LEU E 238 22.86 37.41 -13.30
CA LEU E 238 22.98 37.65 -14.74
C LEU E 238 22.04 36.68 -15.46
N GLY E 239 22.08 36.72 -16.80
CA GLY E 239 21.30 35.83 -17.64
C GLY E 239 21.71 34.35 -17.47
N ASP E 240 20.81 33.45 -17.93
CA ASP E 240 21.11 32.02 -17.94
C ASP E 240 22.42 31.75 -18.66
N ASN E 241 23.43 31.14 -18.00
CA ASN E 241 24.71 30.84 -18.65
C ASN E 241 25.38 32.09 -19.25
N GLU E 242 25.07 33.29 -18.73
CA GLU E 242 25.70 34.50 -19.21
C GLU E 242 27.11 34.65 -18.65
N ILE E 243 28.07 34.56 -19.59
CA ILE E 243 29.46 34.76 -19.27
C ILE E 243 29.87 36.08 -19.94
N PRO E 244 29.88 37.23 -19.24
CA PRO E 244 30.05 38.51 -19.94
C PRO E 244 31.46 38.73 -20.47
N GLU E 245 31.52 39.36 -21.67
CA GLU E 245 32.75 39.87 -22.27
C GLU E 245 33.54 40.64 -21.21
N ASP E 246 34.86 40.73 -21.39
CA ASP E 246 35.75 41.42 -20.46
C ASP E 246 35.28 42.83 -20.12
N SER E 247 34.94 43.66 -21.12
CA SER E 247 34.72 45.05 -20.76
C SER E 247 33.36 45.24 -20.09
N ASP E 248 32.38 44.39 -20.40
CA ASP E 248 31.12 44.47 -19.66
C ASP E 248 31.32 43.98 -18.22
N ALA E 249 32.10 42.91 -18.03
CA ALA E 249 32.37 42.33 -16.71
C ALA E 249 33.12 43.33 -15.85
N SER E 250 33.99 44.14 -16.49
CA SER E 250 34.74 45.22 -15.85
C SER E 250 33.81 46.34 -15.34
N ASP E 251 32.90 46.86 -16.19
CA ASP E 251 32.06 48.02 -15.86
C ASP E 251 30.72 47.71 -15.14
N LYS E 252 29.89 46.81 -15.68
CA LYS E 252 28.65 46.39 -15.01
C LYS E 252 27.55 47.46 -15.07
N VAL E 259 17.59 50.52 -17.97
CA VAL E 259 17.49 49.29 -17.11
C VAL E 259 16.05 48.76 -17.02
N ASP E 260 15.81 47.54 -17.47
CA ASP E 260 14.55 46.88 -17.21
C ASP E 260 14.74 45.90 -16.04
N TYR E 261 14.12 46.22 -14.89
CA TYR E 261 14.31 45.48 -13.65
C TYR E 261 13.69 44.09 -13.70
N ASN E 262 12.82 43.87 -14.70
CA ASN E 262 12.12 42.62 -14.89
C ASN E 262 12.67 41.81 -16.06
N SER E 263 13.74 42.26 -16.75
CA SER E 263 14.39 41.39 -17.69
C SER E 263 15.40 40.51 -16.95
N ILE E 264 15.87 39.44 -17.63
CA ILE E 264 16.65 38.39 -17.03
C ILE E 264 18.12 38.48 -17.47
N GLU E 265 18.40 39.27 -18.51
CA GLU E 265 19.69 39.31 -19.19
C GLU E 265 20.44 40.57 -18.73
N GLY E 266 21.79 40.53 -18.73
CA GLY E 266 22.61 41.73 -18.60
C GLY E 266 22.84 42.12 -17.13
N PHE E 267 23.72 43.11 -16.95
CA PHE E 267 23.97 43.67 -15.63
C PHE E 267 22.82 44.57 -15.19
N LYS E 268 22.76 44.83 -13.89
CA LYS E 268 21.85 45.79 -13.30
C LYS E 268 22.64 46.41 -12.17
N PRO E 269 22.21 47.52 -11.56
CA PRO E 269 22.93 48.06 -10.41
C PRO E 269 22.92 47.13 -9.19
N SER E 270 24.02 47.16 -8.45
CA SER E 270 24.17 46.35 -7.27
C SER E 270 24.92 47.19 -6.24
N LYS E 271 24.18 47.85 -5.34
CA LYS E 271 24.79 48.76 -4.38
C LYS E 271 25.79 48.01 -3.51
N LEU E 272 25.64 46.69 -3.25
CA LEU E 272 26.56 46.00 -2.39
C LEU E 272 27.69 45.34 -3.20
N GLY E 273 27.71 45.51 -4.54
CA GLY E 273 28.73 44.90 -5.37
C GLY E 273 28.61 43.35 -5.46
N LEU E 274 27.39 42.81 -5.45
CA LEU E 274 27.22 41.36 -5.51
C LEU E 274 26.61 40.94 -6.86
N TYR E 275 27.24 39.94 -7.45
CA TYR E 275 26.81 39.36 -8.71
C TYR E 275 26.98 37.83 -8.70
N GLU E 276 26.13 37.16 -9.51
CA GLU E 276 26.19 35.72 -9.71
C GLU E 276 25.66 35.35 -11.10
N THR E 277 26.40 34.46 -11.78
CA THR E 277 25.88 33.79 -12.96
C THR E 277 25.54 32.35 -12.61
N ALA E 278 24.30 32.00 -12.82
CA ALA E 278 23.89 30.60 -12.80
C ALA E 278 24.03 30.02 -14.19
N GLY E 279 24.66 28.83 -14.23
CA GLY E 279 24.97 28.11 -15.47
C GLY E 279 24.66 26.60 -15.32
N THR E 280 24.78 25.91 -16.43
CA THR E 280 24.53 24.48 -16.52
C THR E 280 25.77 23.79 -17.05
N ILE E 281 25.90 22.50 -16.74
CA ILE E 281 27.02 21.70 -17.17
C ILE E 281 26.79 21.26 -18.60
N ASN E 282 25.61 20.69 -18.89
CA ASN E 282 25.20 20.56 -20.26
C ASN E 282 24.41 21.84 -20.60
N ASP E 283 23.31 21.72 -21.34
CA ASP E 283 22.54 22.87 -21.75
C ASP E 283 21.16 22.87 -21.12
N SER E 284 20.89 21.99 -20.13
CA SER E 284 19.54 21.92 -19.57
C SER E 284 19.69 22.14 -18.08
N TRP E 285 18.58 22.65 -17.55
CA TRP E 285 18.47 22.85 -16.11
C TRP E 285 17.95 21.55 -15.52
N GLY E 286 16.75 21.17 -15.91
CA GLY E 286 16.24 19.84 -15.60
C GLY E 286 16.99 18.76 -16.37
N PHE E 287 17.13 17.59 -15.76
CA PHE E 287 17.65 16.40 -16.45
C PHE E 287 16.94 16.17 -17.81
N ALA E 288 17.73 15.95 -18.83
CA ALA E 288 17.28 15.62 -20.17
C ALA E 288 18.11 14.44 -20.73
N TYR E 289 17.43 13.33 -21.07
CA TYR E 289 18.12 12.15 -21.65
C TYR E 289 18.92 12.61 -22.88
N HIS E 290 18.30 13.41 -23.74
CA HIS E 290 18.84 13.76 -25.04
C HIS E 290 20.08 14.65 -24.93
N ASP E 291 20.28 15.33 -23.81
CA ASP E 291 21.37 16.29 -23.73
C ASP E 291 22.66 15.67 -23.16
N GLN E 292 23.58 15.38 -24.09
CA GLN E 292 24.92 14.88 -23.72
C GLN E 292 25.99 15.91 -24.03
N ASN E 293 25.63 17.18 -24.16
CA ASN E 293 26.60 18.21 -24.52
C ASN E 293 27.26 18.79 -23.26
N TRP E 294 27.98 17.96 -22.50
CA TRP E 294 28.54 18.29 -21.21
C TRP E 294 29.79 19.12 -21.43
N LYS E 295 29.91 20.26 -20.74
CA LYS E 295 31.13 21.04 -20.83
C LYS E 295 32.27 20.24 -20.22
N SER E 296 33.47 20.44 -20.78
CA SER E 296 34.69 19.82 -20.30
C SER E 296 35.10 20.40 -18.93
N PRO E 297 35.92 19.68 -18.15
CA PRO E 297 36.56 20.25 -16.96
C PRO E 297 37.23 21.57 -17.23
N GLN E 298 37.96 21.65 -18.36
CA GLN E 298 38.69 22.86 -18.70
C GLN E 298 37.71 24.03 -18.88
N THR E 299 36.60 23.85 -19.60
CA THR E 299 35.65 24.92 -19.83
C THR E 299 35.07 25.41 -18.50
N ILE E 300 34.66 24.44 -17.66
CA ILE E 300 34.10 24.79 -16.37
C ILE E 300 35.13 25.59 -15.57
N HIS E 301 36.37 25.14 -15.55
CA HIS E 301 37.42 25.80 -14.79
C HIS E 301 37.62 27.23 -15.29
N ASP E 302 37.63 27.39 -16.61
CA ASP E 302 37.91 28.67 -17.22
C ASP E 302 36.73 29.63 -17.01
N TYR E 303 35.50 29.14 -17.13
CA TYR E 303 34.33 29.96 -16.83
C TYR E 303 34.36 30.45 -15.38
N LYS E 304 34.61 29.53 -14.44
CA LYS E 304 34.71 29.92 -13.04
C LYS E 304 35.80 30.98 -12.83
N ALA E 305 36.99 30.79 -13.38
CA ALA E 305 38.10 31.73 -13.19
C ALA E 305 37.74 33.13 -13.72
N HIS E 306 37.09 33.16 -14.88
CA HIS E 306 36.75 34.40 -15.56
C HIS E 306 35.68 35.16 -14.76
N LEU E 307 34.60 34.49 -14.41
CA LEU E 307 33.57 35.10 -13.57
C LEU E 307 34.19 35.61 -12.27
N ASN E 308 34.97 34.77 -11.60
CA ASN E 308 35.47 35.10 -10.28
C ASN E 308 36.44 36.26 -10.32
N LYS E 309 37.29 36.36 -11.33
CA LYS E 309 38.23 37.46 -11.31
C LYS E 309 37.51 38.78 -11.56
N TYR E 310 36.28 38.81 -12.05
CA TYR E 310 35.51 40.03 -12.09
C TYR E 310 34.50 40.12 -10.93
N GLY E 311 34.72 39.38 -9.82
CA GLY E 311 33.84 39.46 -8.66
C GLY E 311 32.43 38.86 -8.86
N ILE E 312 32.26 37.88 -9.76
CA ILE E 312 30.97 37.27 -10.01
C ILE E 312 31.07 35.81 -9.56
N ASN E 313 30.10 35.40 -8.75
CA ASN E 313 29.97 34.02 -8.34
C ASN E 313 29.48 33.13 -9.48
N TYR E 314 29.93 31.86 -9.47
CA TYR E 314 29.50 30.86 -10.43
C TYR E 314 28.62 29.83 -9.70
N LEU E 315 27.33 29.84 -10.04
CA LEU E 315 26.38 28.92 -9.47
C LEU E 315 26.09 27.87 -10.53
N LEU E 316 26.67 26.67 -10.37
CA LEU E 316 26.66 25.67 -11.42
C LEU E 316 25.66 24.55 -11.09
N ASN E 317 24.76 24.38 -12.03
CA ASN E 317 23.58 23.54 -11.82
C ASN E 317 23.84 22.06 -12.16
N VAL E 318 23.25 21.22 -11.33
CA VAL E 318 23.07 19.79 -11.58
C VAL E 318 21.56 19.51 -11.66
N GLY E 319 21.13 18.86 -12.73
CA GLY E 319 19.78 18.36 -12.84
C GLY E 319 19.77 16.86 -12.53
N LEU E 320 19.29 16.53 -11.34
CA LEU E 320 19.19 15.16 -10.89
C LEU E 320 18.24 14.36 -11.80
N ASP E 321 18.58 13.07 -12.01
CA ASP E 321 17.72 12.18 -12.79
C ASP E 321 16.55 11.67 -11.93
N GLY E 322 15.72 10.83 -12.57
CA GLY E 322 14.48 10.30 -12.01
C GLY E 322 14.70 9.48 -10.75
N LEU E 323 15.92 8.94 -10.60
CA LEU E 323 16.25 8.13 -9.44
C LEU E 323 16.96 8.93 -8.33
N GLY E 324 17.08 10.24 -8.53
CA GLY E 324 17.67 11.11 -7.55
C GLY E 324 19.17 11.25 -7.65
N ARG E 325 19.76 10.91 -8.81
CA ARG E 325 21.18 10.80 -8.92
C ARG E 325 21.73 12.02 -9.69
N VAL E 326 22.97 12.37 -9.33
CA VAL E 326 23.79 13.24 -10.15
C VAL E 326 24.22 12.41 -11.35
N PRO E 327 23.93 12.83 -12.59
CA PRO E 327 24.39 12.10 -13.74
C PRO E 327 25.89 11.92 -13.62
N MET E 328 26.34 10.73 -14.05
CA MET E 328 27.74 10.44 -13.97
C MET E 328 28.59 11.46 -14.74
N ALA E 329 28.18 11.84 -15.94
CA ALA E 329 29.03 12.76 -16.73
C ALA E 329 29.08 14.14 -16.01
N ALA E 330 28.05 14.49 -15.20
CA ALA E 330 28.10 15.78 -14.49
C ALA E 330 29.11 15.70 -13.38
N GLU E 331 29.04 14.59 -12.63
CA GLU E 331 29.95 14.39 -11.50
C GLU E 331 31.40 14.39 -12.01
N GLN E 332 31.62 13.69 -13.12
CA GLN E 332 32.96 13.62 -13.70
C GLN E 332 33.44 14.99 -14.16
N ALA E 333 32.56 15.81 -14.76
CA ALA E 333 32.97 17.14 -15.21
C ALA E 333 33.33 18.01 -13.99
N LEU E 334 32.54 17.93 -12.91
CA LEU E 334 32.79 18.73 -11.73
C LEU E 334 34.10 18.31 -11.08
N LEU E 335 34.35 17.00 -10.94
CA LEU E 335 35.55 16.53 -10.26
C LEU E 335 36.78 16.80 -11.13
N GLY E 336 36.61 16.79 -12.44
CA GLY E 336 37.67 17.16 -13.36
C GLY E 336 38.06 18.64 -13.25
N ALA E 337 37.07 19.53 -13.16
CA ALA E 337 37.35 20.95 -12.96
C ALA E 337 38.09 21.17 -11.64
N ARG E 338 37.65 20.51 -10.57
CA ARG E 338 38.34 20.55 -9.30
C ARG E 338 39.82 20.11 -9.43
N ALA E 339 40.07 19.07 -10.18
CA ALA E 339 41.42 18.55 -10.34
C ALA E 339 42.28 19.55 -11.11
N LEU E 340 41.70 20.50 -11.86
CA LEU E 340 42.49 21.50 -12.55
C LEU E 340 42.89 22.64 -11.63
N GLU E 341 42.48 22.66 -10.35
CA GLU E 341 42.93 23.74 -9.49
C GLU E 341 44.24 23.35 -8.82
N ALA E 342 45.32 23.39 -9.62
CA ALA E 342 46.69 23.17 -9.19
C ALA E 342 47.15 24.40 -8.39
N SER F 2 -9.20 26.84 42.73
CA SER F 2 -9.33 26.03 41.49
C SER F 2 -9.87 24.62 41.78
N ASP F 3 -10.61 24.11 40.78
CA ASP F 3 -11.14 22.76 40.84
C ASP F 3 -9.98 21.79 40.75
N THR F 4 -9.07 22.04 39.78
CA THR F 4 -7.98 21.14 39.50
C THR F 4 -7.12 20.98 40.75
N VAL F 5 -6.91 22.08 41.50
CA VAL F 5 -6.03 21.99 42.67
C VAL F 5 -6.62 21.01 43.71
N GLU F 6 -7.90 21.21 44.03
CA GLU F 6 -8.59 20.37 44.99
C GLU F 6 -8.62 18.93 44.48
N TRP F 7 -8.91 18.76 43.19
CA TRP F 7 -8.98 17.44 42.60
C TRP F 7 -7.65 16.69 42.74
N PHE F 8 -6.52 17.35 42.41
CA PHE F 8 -5.23 16.67 42.36
C PHE F 8 -4.80 16.23 43.75
N LYS F 9 -5.08 17.07 44.74
CA LYS F 9 -4.74 16.79 46.12
C LYS F 9 -5.37 15.46 46.55
N GLN F 10 -6.57 15.11 46.05
CA GLN F 10 -7.26 13.94 46.53
C GLN F 10 -7.19 12.83 45.47
N ALA F 11 -6.52 13.07 44.33
CA ALA F 11 -6.54 12.10 43.24
C ALA F 11 -5.82 10.80 43.61
N LYS F 12 -4.67 10.89 44.30
CA LYS F 12 -3.98 9.77 44.93
C LYS F 12 -3.18 8.89 43.96
N TYR F 13 -3.72 8.58 42.77
CA TYR F 13 -3.32 7.43 41.99
C TYR F 13 -3.63 7.71 40.53
N GLY F 14 -2.61 7.65 39.69
CA GLY F 14 -2.82 7.74 38.26
C GLY F 14 -1.98 6.71 37.50
N MET F 15 -2.26 6.61 36.20
CA MET F 15 -1.53 5.75 35.30
C MET F 15 -0.70 6.62 34.38
N MET F 16 0.58 6.26 34.24
CA MET F 16 1.42 6.85 33.23
C MET F 16 1.63 5.82 32.10
N ILE F 17 1.78 6.31 30.86
CA ILE F 17 2.05 5.48 29.71
C ILE F 17 3.29 6.03 29.00
N HIS F 18 4.25 5.13 28.85
CA HIS F 18 5.38 5.31 27.96
C HIS F 18 5.19 4.36 26.78
N TRP F 19 5.19 4.93 25.56
CA TRP F 19 5.03 4.15 24.38
C TRP F 19 5.61 4.95 23.20
N GLY F 20 6.43 4.27 22.40
CA GLY F 20 7.04 4.86 21.23
C GLY F 20 7.74 3.80 20.38
N LEU F 21 8.59 4.28 19.44
CA LEU F 21 9.38 3.39 18.62
C LEU F 21 10.30 2.53 19.48
N TYR F 22 10.83 3.10 20.55
CA TYR F 22 11.70 2.37 21.49
C TYR F 22 11.02 1.09 22.02
N SER F 23 9.70 1.10 22.17
CA SER F 23 8.95 -0.06 22.70
C SER F 23 9.11 -1.32 21.80
N LEU F 24 9.29 -1.12 20.48
CA LEU F 24 9.52 -2.21 19.54
C LEU F 24 10.87 -2.87 19.83
N LEU F 25 11.93 -2.06 20.07
CA LEU F 25 13.23 -2.62 20.32
C LEU F 25 13.28 -3.35 21.66
N GLY F 26 12.49 -2.86 22.60
CA GLY F 26 12.26 -3.54 23.85
C GLY F 26 13.52 -3.68 24.68
N GLY F 27 14.48 -2.76 24.54
CA GLY F 27 15.64 -2.80 25.40
C GLY F 27 16.86 -3.45 24.78
N GLU F 28 16.80 -3.79 23.48
CA GLU F 28 18.01 -4.27 22.80
C GLU F 28 18.04 -3.78 21.37
N TYR F 29 19.24 -3.69 20.83
CA TYR F 29 19.44 -3.27 19.45
C TYR F 29 20.72 -3.88 18.92
N GLN F 30 20.59 -4.65 17.84
CA GLN F 30 21.69 -5.33 17.21
C GLN F 30 22.56 -6.11 18.20
N GLY F 31 21.90 -6.85 19.09
CA GLY F 31 22.64 -7.73 19.99
C GLY F 31 23.25 -6.98 21.20
N LYS F 32 22.94 -5.70 21.40
CA LYS F 32 23.42 -4.94 22.54
C LYS F 32 22.27 -4.37 23.35
N SER F 33 22.53 -4.19 24.64
CA SER F 33 21.51 -3.92 25.64
C SER F 33 21.32 -2.41 25.87
N SER F 34 20.09 -1.96 26.10
CA SER F 34 19.84 -0.68 26.76
C SER F 34 20.18 -0.86 28.24
N SER F 35 20.16 0.24 29.02
CA SER F 35 20.32 0.07 30.47
C SER F 35 18.98 -0.49 31.06
N ASN F 36 18.67 -0.19 32.32
CA ASN F 36 17.32 -0.52 32.74
C ASN F 36 16.30 0.42 32.10
N TYR F 37 16.79 1.36 31.26
CA TYR F 37 16.00 2.41 30.65
C TYR F 37 15.89 2.13 29.15
N ALA F 38 14.87 1.33 28.79
CA ALA F 38 14.70 0.91 27.39
C ALA F 38 14.41 2.05 26.42
N GLU F 39 13.74 3.08 26.96
CA GLU F 39 13.39 4.25 26.17
C GLU F 39 14.62 5.10 25.84
N TRP F 40 15.75 4.87 26.52
CA TRP F 40 17.01 5.56 26.25
C TRP F 40 17.90 4.81 25.23
N VAL F 41 17.40 3.73 24.61
CA VAL F 41 18.26 2.88 23.79
C VAL F 41 18.91 3.68 22.65
N GLN F 42 18.22 4.64 22.05
CA GLN F 42 18.85 5.41 20.97
C GLN F 42 20.14 6.09 21.41
N SER F 43 20.14 6.67 22.63
CA SER F 43 21.34 7.35 23.13
C SER F 43 22.35 6.30 23.61
N LYS F 44 21.85 5.34 24.37
CA LYS F 44 22.73 4.29 24.91
C LYS F 44 23.59 3.63 23.83
N LEU F 45 23.03 3.40 22.64
CA LEU F 45 23.76 2.72 21.58
C LEU F 45 24.00 3.64 20.41
N GLN F 46 23.74 4.94 20.55
CA GLN F 46 24.07 5.94 19.53
C GLN F 46 23.55 5.50 18.16
N ILE F 47 22.25 5.27 18.10
CA ILE F 47 21.63 4.77 16.89
C ILE F 47 21.44 5.97 15.97
N PRO F 48 22.07 6.00 14.78
CA PRO F 48 21.81 7.13 13.86
C PRO F 48 20.31 7.26 13.63
N ASN F 49 19.83 8.50 13.54
CA ASN F 49 18.45 8.77 13.21
C ASN F 49 17.99 7.97 12.00
N LYS F 50 18.82 7.92 10.97
CA LYS F 50 18.51 7.27 9.73
C LYS F 50 18.21 5.79 9.96
N GLU F 51 18.86 5.14 10.92
CA GLU F 51 18.60 3.76 11.26
C GLU F 51 17.36 3.66 12.16
N TYR F 52 17.27 4.52 13.17
CA TYR F 52 16.20 4.42 14.15
C TYR F 52 14.83 4.63 13.48
N GLU F 53 14.81 5.50 12.47
CA GLU F 53 13.58 5.82 11.76
C GLU F 53 12.98 4.59 11.05
N ARG F 54 13.79 3.59 10.76
CA ARG F 54 13.31 2.41 10.10
C ARG F 54 12.24 1.71 10.96
N LEU F 55 12.26 1.92 12.27
CA LEU F 55 11.25 1.35 13.15
C LEU F 55 9.84 1.79 12.80
N THR F 56 9.69 2.98 12.17
CA THR F 56 8.37 3.40 11.80
C THR F 56 7.67 2.35 10.93
N GLN F 57 8.45 1.63 10.09
N GLN F 57 8.46 1.64 10.09
CA GLN F 57 7.83 0.70 9.16
CA GLN F 57 7.96 0.66 9.13
C GLN F 57 7.36 -0.56 9.87
C GLN F 57 7.35 -0.52 9.87
N ALA F 58 7.82 -0.81 11.09
CA ALA F 58 7.38 -1.99 11.83
C ALA F 58 6.30 -1.63 12.83
N PHE F 59 5.88 -0.35 12.89
CA PHE F 59 4.94 0.10 13.92
C PHE F 59 3.49 -0.07 13.44
N ASN F 60 2.93 -1.25 13.69
CA ASN F 60 1.53 -1.55 13.39
C ASN F 60 0.93 -2.33 14.57
N PRO F 61 0.69 -1.65 15.69
CA PRO F 61 0.27 -2.32 16.94
C PRO F 61 -1.22 -2.63 16.92
N ILE F 62 -1.54 -3.77 16.33
CA ILE F 62 -2.92 -4.12 16.07
C ILE F 62 -3.72 -4.33 17.37
N TYR F 63 -3.12 -4.53 18.55
CA TYR F 63 -3.88 -4.79 19.77
C TYR F 63 -4.00 -3.52 20.62
N PHE F 64 -3.57 -2.37 20.13
CA PHE F 64 -3.75 -1.12 20.88
C PHE F 64 -5.24 -0.85 21.04
N ASP F 65 -5.67 -0.64 22.28
CA ASP F 65 -7.07 -0.31 22.50
C ASP F 65 -7.21 0.70 23.63
N ALA F 66 -7.44 1.96 23.27
CA ALA F 66 -7.43 3.04 24.25
C ALA F 66 -8.52 2.84 25.30
N ASP F 67 -9.72 2.42 24.89
CA ASP F 67 -10.77 2.17 25.83
C ASP F 67 -10.38 1.07 26.81
N ALA F 68 -9.69 0.01 26.34
CA ALA F 68 -9.37 -1.08 27.25
C ALA F 68 -8.34 -0.61 28.27
N ILE F 69 -7.37 0.17 27.81
CA ILE F 69 -6.36 0.70 28.72
C ILE F 69 -7.00 1.61 29.79
N ILE F 70 -7.87 2.52 29.37
CA ILE F 70 -8.52 3.42 30.33
C ILE F 70 -9.39 2.63 31.32
N ASP F 71 -10.04 1.58 30.84
CA ASP F 71 -10.90 0.78 31.69
C ASP F 71 -10.06 0.09 32.78
N LEU F 72 -8.88 -0.39 32.41
CA LEU F 72 -8.01 -1.00 33.41
C LEU F 72 -7.66 0.04 34.47
N ALA F 73 -7.17 1.21 34.02
CA ALA F 73 -6.90 2.29 34.94
C ALA F 73 -8.07 2.52 35.90
N LYS F 74 -9.25 2.62 35.32
CA LYS F 74 -10.42 2.99 36.10
C LYS F 74 -10.76 1.90 37.10
N ARG F 75 -10.68 0.62 36.72
CA ARG F 75 -10.96 -0.45 37.65
C ARG F 75 -9.95 -0.48 38.81
N CYS F 76 -8.71 -0.02 38.57
CA CYS F 76 -7.71 0.00 39.64
C CYS F 76 -7.86 1.26 40.53
N GLY F 77 -8.83 2.12 40.23
CA GLY F 77 -9.05 3.31 41.01
C GLY F 77 -8.16 4.48 40.59
N MET F 78 -7.49 4.41 39.45
CA MET F 78 -6.66 5.52 39.02
C MET F 78 -7.59 6.62 38.51
N GLN F 79 -7.27 7.89 38.79
CA GLN F 79 -8.17 9.00 38.50
C GLN F 79 -7.67 9.85 37.35
N TYR F 80 -6.49 9.52 36.82
CA TYR F 80 -5.97 10.28 35.71
C TYR F 80 -4.97 9.42 34.97
N LEU F 81 -4.66 9.84 33.74
CA LEU F 81 -3.71 9.14 32.90
C LEU F 81 -2.81 10.16 32.22
N VAL F 82 -1.49 9.92 32.29
CA VAL F 82 -0.50 10.80 31.66
C VAL F 82 0.23 9.96 30.61
N VAL F 83 0.30 10.45 29.36
CA VAL F 83 0.92 9.71 28.30
C VAL F 83 2.02 10.50 27.59
N THR F 84 3.04 9.79 27.11
CA THR F 84 4.12 10.34 26.33
C THR F 84 3.60 10.79 24.98
N THR F 85 3.55 12.09 24.75
CA THR F 85 3.24 12.66 23.45
C THR F 85 4.49 12.72 22.59
N LYS F 86 5.66 12.85 23.24
CA LYS F 86 6.93 12.89 22.56
C LYS F 86 8.05 12.68 23.58
N HIS F 87 8.86 11.61 23.46
CA HIS F 87 9.91 11.32 24.43
C HIS F 87 11.21 11.87 23.86
N HIS F 88 12.33 11.54 24.49
CA HIS F 88 13.59 12.14 24.12
C HIS F 88 13.97 11.89 22.66
N ASP F 89 13.54 10.73 22.09
CA ASP F 89 13.90 10.41 20.70
C ASP F 89 13.25 11.40 19.70
N GLY F 90 12.28 12.20 20.16
CA GLY F 90 11.68 13.25 19.35
C GLY F 90 10.50 12.81 18.46
N PHE F 91 10.13 11.52 18.57
CA PHE F 91 9.04 10.96 17.78
C PHE F 91 7.72 11.29 18.46
N ALA F 92 6.83 11.97 17.71
CA ALA F 92 5.55 12.37 18.26
C ALA F 92 4.55 11.24 18.13
N MET F 93 3.76 11.02 19.21
CA MET F 93 2.75 9.97 19.23
C MET F 93 1.35 10.56 18.94
N TYR F 94 1.32 11.68 18.21
CA TYR F 94 0.11 12.36 17.85
C TYR F 94 0.34 12.96 16.45
N ARG F 95 -0.74 13.40 15.79
N ARG F 95 -0.74 13.40 15.79
CA ARG F 95 -0.64 14.00 14.47
CA ARG F 95 -0.57 13.95 14.45
C ARG F 95 -0.11 15.43 14.60
C ARG F 95 -0.12 15.39 14.55
N SER F 96 1.18 15.62 14.33
CA SER F 96 1.86 16.89 14.42
C SER F 96 1.99 17.45 13.01
N LEU F 97 1.43 18.61 12.74
CA LEU F 97 1.65 19.34 11.49
C LEU F 97 3.01 20.01 11.45
N VAL F 98 3.58 20.25 12.65
CA VAL F 98 4.89 20.86 12.78
C VAL F 98 5.97 19.90 12.31
N ASP F 99 5.80 18.62 12.58
CA ASP F 99 6.84 17.63 12.33
C ASP F 99 6.27 16.28 11.89
N PRO F 100 6.54 15.82 10.64
CA PRO F 100 6.04 14.54 10.13
C PRO F 100 6.64 13.28 10.73
N TYR F 101 7.60 13.47 11.62
CA TYR F 101 8.17 12.38 12.39
C TYR F 101 7.24 12.06 13.54
N ASN F 102 6.15 11.37 13.21
CA ASN F 102 5.05 11.12 14.13
C ASN F 102 4.32 9.84 13.72
N VAL F 103 3.57 9.29 14.65
CA VAL F 103 2.92 7.99 14.57
C VAL F 103 1.81 7.99 13.53
N TYR F 104 1.21 9.14 13.27
CA TYR F 104 0.13 9.21 12.28
C TYR F 104 0.71 9.23 10.85
N ASP F 105 1.64 10.13 10.56
CA ASP F 105 2.14 10.31 9.20
C ASP F 105 3.15 9.23 8.76
N ALA F 106 3.95 8.72 9.68
CA ALA F 106 5.18 8.03 9.31
C ALA F 106 5.05 6.51 9.43
N THR F 107 3.92 6.00 9.99
CA THR F 107 3.77 4.60 10.25
C THR F 107 2.57 4.03 9.51
N PRO F 108 2.55 2.71 9.26
CA PRO F 108 1.39 2.08 8.68
C PRO F 108 0.20 2.17 9.61
N PHE F 109 0.42 2.35 10.92
CA PHE F 109 -0.72 2.41 11.84
C PHE F 109 -1.60 3.62 11.51
N HIS F 110 -1.01 4.76 11.12
CA HIS F 110 -1.74 5.91 10.60
C HIS F 110 -2.91 6.34 11.52
N ARG F 111 -2.67 6.38 12.81
CA ARG F 111 -3.67 6.75 13.80
C ARG F 111 -3.02 7.66 14.84
N ASP F 112 -3.84 8.56 15.39
CA ASP F 112 -3.43 9.51 16.40
C ASP F 112 -3.63 8.86 17.80
N VAL F 113 -2.56 8.32 18.37
CA VAL F 113 -2.65 7.63 19.65
C VAL F 113 -3.11 8.55 20.79
N ILE F 114 -2.56 9.75 20.83
CA ILE F 114 -2.94 10.71 21.85
C ILE F 114 -4.43 11.03 21.70
N GLY F 115 -4.92 11.26 20.45
CA GLY F 115 -6.34 11.50 20.23
C GLY F 115 -7.22 10.39 20.74
N GLU F 116 -6.82 9.13 20.48
CA GLU F 116 -7.65 8.03 20.93
C GLU F 116 -7.65 7.94 22.45
N LEU F 117 -6.50 8.17 23.08
CA LEU F 117 -6.49 8.08 24.56
C LEU F 117 -7.31 9.23 25.20
N SER F 118 -7.23 10.41 24.59
CA SER F 118 -7.99 11.55 25.03
C SER F 118 -9.49 11.26 25.08
N LEU F 119 -9.97 10.75 23.94
CA LEU F 119 -11.37 10.43 23.81
C LEU F 119 -11.79 9.34 24.83
N ALA F 120 -10.93 8.34 25.01
CA ALA F 120 -11.19 7.27 25.96
C ALA F 120 -11.29 7.77 27.38
N CYS F 121 -10.36 8.66 27.77
CA CYS F 121 -10.42 9.23 29.12
C CYS F 121 -11.71 10.01 29.33
N ARG F 122 -12.06 10.79 28.33
CA ARG F 122 -13.27 11.59 28.42
C ARG F 122 -14.50 10.69 28.62
N LYS F 123 -14.64 9.61 27.85
CA LYS F 123 -15.88 8.83 28.02
C LYS F 123 -15.92 8.16 29.38
N ALA F 124 -14.76 7.76 29.92
CA ALA F 124 -14.73 7.00 31.17
C ALA F 124 -14.71 7.92 32.38
N GLY F 125 -14.56 9.24 32.17
CA GLY F 125 -14.52 10.17 33.29
C GLY F 125 -13.14 10.28 33.92
N LEU F 126 -12.03 9.89 33.28
CA LEU F 126 -10.71 10.10 33.85
C LEU F 126 -10.11 11.39 33.35
N ARG F 127 -9.31 12.05 34.21
CA ARG F 127 -8.60 13.23 33.74
C ARG F 127 -7.37 12.82 32.92
N PHE F 128 -7.05 13.67 31.94
CA PHE F 128 -6.03 13.39 30.96
C PHE F 128 -4.83 14.34 31.13
N GLY F 129 -3.62 13.77 31.04
CA GLY F 129 -2.37 14.50 31.12
C GLY F 129 -1.40 14.08 30.04
N LEU F 130 -0.45 14.98 29.77
CA LEU F 130 0.47 14.85 28.65
C LEU F 130 1.89 14.97 29.15
N TYR F 131 2.75 14.02 28.80
CA TYR F 131 4.20 14.10 28.91
C TYR F 131 4.75 14.66 27.62
N TYR F 132 5.69 15.60 27.72
CA TYR F 132 6.38 16.09 26.53
C TYR F 132 7.82 16.42 26.87
N SER F 133 8.78 15.87 26.12
CA SER F 133 10.20 16.14 26.36
C SER F 133 10.57 17.49 25.75
N GLN F 134 10.52 18.56 26.56
CA GLN F 134 10.69 19.94 26.08
C GLN F 134 12.18 20.28 25.81
N ASP F 135 13.10 19.54 26.46
CA ASP F 135 14.52 19.86 26.42
C ASP F 135 15.23 18.90 25.46
N LEU F 136 15.29 17.62 25.79
CA LEU F 136 15.96 16.63 24.94
C LEU F 136 15.10 16.29 23.73
N ASP F 137 15.74 16.32 22.56
CA ASP F 137 15.16 15.86 21.31
C ASP F 137 16.27 15.37 20.39
N TRP F 138 16.41 14.03 20.32
CA TRP F 138 17.53 13.40 19.62
C TRP F 138 17.37 13.50 18.11
N HIS F 139 16.15 13.84 17.65
CA HIS F 139 15.84 14.00 16.25
C HIS F 139 16.19 15.39 15.76
N GLU F 140 16.65 16.30 16.63
CA GLU F 140 16.89 17.69 16.26
C GLU F 140 18.34 18.09 16.55
N PRO F 141 19.05 18.66 15.56
CA PRO F 141 20.42 19.05 15.78
C PRO F 141 20.59 20.03 16.94
N ASP F 142 19.57 20.88 17.20
CA ASP F 142 19.64 21.81 18.33
C ASP F 142 18.87 21.31 19.58
N GLY F 143 18.54 20.03 19.63
CA GLY F 143 17.93 19.47 20.83
C GLY F 143 18.84 19.67 22.05
N GLY F 144 18.23 19.65 23.23
CA GLY F 144 18.93 19.97 24.43
C GLY F 144 19.90 18.89 24.88
N GLY F 145 20.73 19.24 25.88
CA GLY F 145 21.54 18.26 26.57
C GLY F 145 23.04 18.47 26.34
N TYR F 146 23.40 19.27 25.34
CA TYR F 146 24.79 19.40 24.92
C TYR F 146 25.65 20.16 25.93
N LEU F 147 25.05 20.76 26.96
CA LEU F 147 25.84 21.44 27.98
C LEU F 147 26.03 20.56 29.20
N SER F 148 25.50 19.32 29.22
CA SER F 148 25.34 18.57 30.46
C SER F 148 26.17 17.28 30.45
N ASN F 149 27.09 17.10 29.49
CA ASN F 149 27.65 15.77 29.26
C ASN F 149 28.73 15.42 30.26
N ASP F 150 29.00 16.31 31.25
CA ASP F 150 29.78 15.95 32.42
C ASP F 150 28.95 15.15 33.43
N ILE F 151 27.62 15.04 33.23
CA ILE F 151 26.77 14.23 34.09
C ILE F 151 26.44 12.95 33.32
N GLU F 152 26.66 11.77 33.94
CA GLU F 152 26.34 10.46 33.36
C GLU F 152 24.83 10.31 33.19
N THR F 153 24.41 9.55 32.16
CA THR F 153 23.00 9.37 31.83
C THR F 153 22.64 7.88 31.75
N ALA F 154 21.39 7.55 31.51
CA ALA F 154 20.99 6.18 31.22
C ALA F 154 21.39 5.75 29.79
N GLY F 155 21.92 6.70 29.01
CA GLY F 155 22.39 6.51 27.66
C GLY F 155 23.85 6.77 27.56
N THR F 156 24.28 7.51 26.53
CA THR F 156 25.65 8.05 26.46
C THR F 156 25.55 9.53 26.84
N THR F 157 25.36 10.39 25.84
CA THR F 157 25.17 11.82 26.04
C THR F 157 23.67 12.13 26.20
N TRP F 158 23.41 13.32 26.77
CA TRP F 158 22.04 13.77 26.91
C TRP F 158 21.45 14.14 25.57
N ASP F 159 22.32 14.74 24.70
CA ASP F 159 21.92 15.11 23.35
C ASP F 159 22.28 14.00 22.37
N ASN F 160 21.78 14.16 21.15
CA ASN F 160 22.29 13.41 20.02
C ASN F 160 23.60 14.04 19.59
N SER F 161 24.68 13.41 20.04
CA SER F 161 26.03 13.84 19.75
C SER F 161 26.68 13.01 18.65
N TRP F 162 25.97 12.07 18.04
CA TRP F 162 26.57 11.16 17.05
C TRP F 162 26.13 11.59 15.65
N ASP F 163 24.85 11.92 15.43
CA ASP F 163 24.44 12.46 14.14
C ASP F 163 24.81 13.92 13.96
N PHE F 164 24.88 14.65 15.09
CA PHE F 164 25.03 16.12 15.09
C PHE F 164 26.22 16.48 15.95
N THR F 165 27.25 16.90 15.25
CA THR F 165 28.53 17.07 15.92
C THR F 165 28.99 18.49 15.79
N GLY F 166 28.16 19.45 15.34
CA GLY F 166 28.66 20.81 15.12
C GLY F 166 28.15 21.74 16.21
N GLU F 167 28.15 23.06 15.92
CA GLU F 167 27.64 24.04 16.87
C GLU F 167 26.14 23.86 17.03
N LYS F 168 25.67 24.03 18.26
CA LYS F 168 24.29 23.77 18.64
C LYS F 168 23.74 24.97 19.37
N ASN F 169 22.46 25.27 19.19
CA ASN F 169 21.82 26.33 19.94
C ASN F 169 20.37 25.98 20.19
N TYR F 170 20.06 25.50 21.39
CA TYR F 170 18.72 25.07 21.79
C TYR F 170 17.63 26.11 21.43
N ASP F 171 17.96 27.41 21.42
CA ASP F 171 16.99 28.46 21.09
C ASP F 171 16.28 28.15 19.77
N ARG F 172 16.96 27.55 18.79
CA ARG F 172 16.34 27.30 17.49
C ARG F 172 15.34 26.16 17.57
N ALA F 173 15.68 25.06 18.28
CA ALA F 173 14.74 23.98 18.45
C ALA F 173 13.55 24.42 19.29
N PHE F 174 13.85 25.28 20.28
CA PHE F 174 12.82 25.80 21.15
C PHE F 174 11.76 26.49 20.31
N LYS F 175 12.24 27.32 19.41
CA LYS F 175 11.32 28.14 18.63
C LYS F 175 10.60 27.33 17.56
N HIS F 176 11.31 26.42 16.86
CA HIS F 176 10.83 25.78 15.64
C HIS F 176 10.14 24.46 15.89
N LYS F 177 10.43 23.77 17.02
CA LYS F 177 9.74 22.54 17.30
C LYS F 177 9.06 22.46 18.66
N ILE F 178 9.78 22.81 19.74
CA ILE F 178 9.27 22.61 21.10
C ILE F 178 7.98 23.43 21.30
N MET F 179 8.06 24.75 21.11
CA MET F 179 6.92 25.59 21.39
C MET F 179 5.77 25.27 20.40
N PRO F 180 5.99 25.14 19.09
CA PRO F 180 4.87 24.80 18.20
C PRO F 180 4.19 23.47 18.56
N GLN F 181 4.97 22.48 19.00
CA GLN F 181 4.36 21.20 19.35
C GLN F 181 3.59 21.30 20.67
N ILE F 182 4.14 22.03 21.67
CA ILE F 182 3.41 22.24 22.92
C ILE F 182 2.07 22.92 22.63
N GLU F 183 2.08 23.86 21.68
CA GLU F 183 0.82 24.44 21.22
C GLU F 183 -0.15 23.44 20.63
N GLU F 184 0.36 22.54 19.77
CA GLU F 184 -0.50 21.50 19.21
C GLU F 184 -1.16 20.65 20.32
N ILE F 185 -0.36 20.12 21.27
CA ILE F 185 -0.91 19.14 22.20
C ILE F 185 -1.82 19.83 23.20
N MET F 186 -1.57 21.12 23.50
CA MET F 186 -2.40 21.84 24.47
C MET F 186 -3.62 22.49 23.79
N SER F 187 -3.76 22.36 22.45
CA SER F 187 -4.87 22.87 21.68
C SER F 187 -5.83 21.79 21.17
N ASN F 188 -5.36 20.58 20.87
CA ASN F 188 -6.13 19.70 19.97
C ASN F 188 -6.73 18.47 20.66
N TYR F 189 -6.60 18.31 21.97
CA TYR F 189 -6.91 17.06 22.63
C TYR F 189 -7.83 17.28 23.82
N GLY F 190 -8.55 18.40 23.81
CA GLY F 190 -9.46 18.76 24.91
C GLY F 190 -8.76 19.22 26.16
N GLU F 191 -9.49 19.16 27.27
CA GLU F 191 -8.98 19.68 28.53
C GLU F 191 -7.81 18.84 29.06
N ILE F 192 -6.69 19.50 29.36
CA ILE F 192 -5.51 18.83 29.88
C ILE F 192 -5.36 19.18 31.37
N SER F 193 -5.30 18.17 32.25
CA SER F 193 -5.25 18.42 33.70
C SER F 193 -3.81 18.43 34.21
N VAL F 194 -2.91 17.73 33.52
CA VAL F 194 -1.53 17.63 33.97
C VAL F 194 -0.62 17.79 32.78
N ALA F 195 0.46 18.58 32.95
CA ALA F 195 1.55 18.68 31.98
C ALA F 195 2.83 18.17 32.65
N TRP F 196 3.42 17.12 32.07
CA TRP F 196 4.57 16.42 32.59
C TRP F 196 5.75 16.68 31.66
N PHE F 197 6.59 17.62 32.08
CA PHE F 197 7.83 17.96 31.40
C PHE F 197 8.96 17.17 32.07
N ASP F 198 10.18 17.26 31.53
CA ASP F 198 11.22 16.34 31.98
C ASP F 198 12.61 16.90 31.71
N VAL F 199 13.56 16.43 32.55
CA VAL F 199 15.00 16.69 32.43
C VAL F 199 15.30 18.05 31.79
N PRO F 200 15.10 19.15 32.57
CA PRO F 200 15.38 20.52 32.10
C PRO F 200 16.88 20.83 32.15
N MET F 201 17.63 20.20 31.23
N MET F 201 17.65 20.21 31.23
CA MET F 201 19.08 20.26 31.24
CA MET F 201 19.10 20.26 31.24
C MET F 201 19.58 21.54 30.58
C MET F 201 19.59 21.55 30.60
N THR F 202 18.77 22.20 29.76
CA THR F 202 19.31 23.25 28.86
C THR F 202 18.49 24.55 28.92
N LEU F 203 17.15 24.48 28.99
CA LEU F 203 16.33 25.65 28.76
C LEU F 203 16.51 26.69 29.87
N SER F 204 16.37 27.96 29.46
CA SER F 204 16.55 29.09 30.36
C SER F 204 15.31 29.30 31.21
N ASP F 205 15.45 30.15 32.21
CA ASP F 205 14.34 30.65 33.03
C ASP F 205 13.23 31.17 32.12
N GLU F 206 13.61 32.00 31.15
CA GLU F 206 12.68 32.64 30.24
C GLU F 206 11.99 31.58 29.39
N GLN F 207 12.74 30.57 28.92
CA GLN F 207 12.13 29.50 28.13
C GLN F 207 11.15 28.69 28.98
N SER F 208 11.52 28.34 30.23
CA SER F 208 10.60 27.66 31.11
C SER F 208 9.33 28.53 31.30
N GLN F 209 9.52 29.82 31.48
CA GLN F 209 8.39 30.74 31.68
C GLN F 209 7.50 30.78 30.42
N THR F 210 8.12 30.89 29.24
CA THR F 210 7.37 30.94 28.00
C THR F 210 6.48 29.69 27.86
N ILE F 211 7.06 28.51 28.16
CA ILE F 211 6.26 27.30 28.15
C ILE F 211 5.10 27.36 29.15
N TYR F 212 5.43 27.76 30.40
CA TYR F 212 4.45 27.81 31.47
C TYR F 212 3.27 28.68 31.02
N ASP F 213 3.58 29.87 30.51
CA ASP F 213 2.55 30.83 30.12
C ASP F 213 1.74 30.31 28.92
N THR F 214 2.38 29.61 27.98
CA THR F 214 1.62 29.06 26.85
C THR F 214 0.65 27.98 27.32
N VAL F 215 1.13 27.10 28.19
CA VAL F 215 0.25 26.06 28.72
C VAL F 215 -0.95 26.72 29.40
N LYS F 216 -0.71 27.76 30.22
CA LYS F 216 -1.82 28.37 30.95
C LYS F 216 -2.77 29.13 30.01
N ARG F 217 -2.25 29.78 28.98
CA ARG F 217 -3.08 30.45 28.01
C ARG F 217 -4.00 29.44 27.34
N LEU F 218 -3.50 28.25 26.95
CA LEU F 218 -4.30 27.27 26.24
C LEU F 218 -5.12 26.42 27.21
N GLN F 219 -4.62 26.18 28.44
CA GLN F 219 -5.20 25.22 29.37
C GLN F 219 -5.14 25.84 30.77
N PRO F 220 -5.98 26.83 31.09
CA PRO F 220 -5.88 27.58 32.32
C PRO F 220 -5.82 26.71 33.58
N ASP F 221 -6.41 25.53 33.58
CA ASP F 221 -6.47 24.71 34.77
C ASP F 221 -5.45 23.58 34.77
N CYS F 222 -4.55 23.53 33.78
CA CYS F 222 -3.57 22.47 33.73
C CYS F 222 -2.49 22.66 34.80
N LEU F 223 -2.20 21.60 35.56
CA LEU F 223 -1.16 21.62 36.57
C LEU F 223 0.18 21.21 35.97
N ILE F 224 1.23 22.02 36.14
CA ILE F 224 2.52 21.77 35.50
C ILE F 224 3.49 21.24 36.56
N ASN F 225 4.25 20.19 36.21
CA ASN F 225 5.18 19.60 37.16
C ASN F 225 6.52 20.35 37.20
N SER F 226 7.33 20.04 38.22
CA SER F 226 8.54 20.75 38.59
C SER F 226 9.66 20.57 37.56
N ARG F 227 9.58 19.54 36.72
CA ARG F 227 10.61 19.28 35.74
C ARG F 227 10.53 20.16 34.50
N LEU F 228 9.58 21.10 34.47
CA LEU F 228 9.65 22.17 33.46
C LEU F 228 10.91 22.99 33.70
N GLY F 229 11.37 22.95 34.98
CA GLY F 229 12.62 23.57 35.35
C GLY F 229 12.46 25.03 35.77
N ASN F 230 13.54 25.52 36.40
CA ASN F 230 13.73 26.92 36.74
C ASN F 230 12.63 27.43 37.68
N GLY F 231 12.00 26.51 38.44
CA GLY F 231 10.96 26.86 39.40
C GLY F 231 9.64 27.22 38.74
N ARG F 232 9.40 26.93 37.47
CA ARG F 232 8.15 27.28 36.78
C ARG F 232 7.18 26.10 36.82
N TYR F 233 6.40 25.97 37.91
CA TYR F 233 5.62 24.77 38.12
C TYR F 233 4.49 24.97 39.12
N ASP F 234 3.49 24.10 39.09
CA ASP F 234 2.41 24.15 40.08
C ASP F 234 2.51 22.99 41.06
N TYR F 235 3.16 21.87 40.71
CA TYR F 235 3.38 20.80 41.67
C TYR F 235 4.76 20.17 41.49
N VAL F 236 5.18 19.49 42.56
CA VAL F 236 6.52 18.90 42.65
C VAL F 236 6.47 17.43 42.21
N SER F 237 7.30 17.08 41.22
CA SER F 237 7.57 15.70 40.90
C SER F 237 8.78 15.30 41.70
N LEU F 238 8.69 14.22 42.46
CA LEU F 238 9.88 13.68 43.10
C LEU F 238 10.72 12.93 42.06
N GLY F 239 11.80 12.29 42.54
CA GLY F 239 12.67 11.50 41.66
C GLY F 239 11.95 10.27 41.08
N ASP F 240 12.46 9.71 39.99
CA ASP F 240 12.04 8.43 39.43
C ASP F 240 11.96 7.37 40.53
N ASN F 241 10.78 6.81 40.78
CA ASN F 241 10.59 5.78 41.80
C ASN F 241 10.99 6.24 43.19
N GLU F 242 11.01 7.55 43.46
CA GLU F 242 11.45 8.01 44.79
C GLU F 242 10.31 7.91 45.80
N ILE F 243 10.52 7.01 46.76
CA ILE F 243 9.58 6.81 47.85
C ILE F 243 10.28 7.35 49.10
N PRO F 244 9.99 8.58 49.56
CA PRO F 244 10.79 9.18 50.63
C PRO F 244 10.54 8.50 51.98
N GLU F 245 11.65 8.41 52.74
CA GLU F 245 11.66 8.15 54.17
C GLU F 245 10.54 8.93 54.88
N ASP F 246 10.07 8.40 56.02
CA ASP F 246 9.03 9.06 56.81
C ASP F 246 9.36 10.52 57.08
N SER F 247 10.55 10.85 57.58
CA SER F 247 10.75 12.21 58.06
C SER F 247 10.90 13.17 56.88
N ASP F 248 11.42 12.72 55.73
CA ASP F 248 11.42 13.60 54.55
C ASP F 248 9.99 13.84 54.04
N ALA F 249 9.18 12.76 53.99
CA ALA F 249 7.79 12.83 53.53
C ALA F 249 6.96 13.74 54.43
N SER F 250 7.30 13.73 55.74
CA SER F 250 6.67 14.57 56.75
C SER F 250 6.99 16.06 56.55
N ASP F 251 8.27 16.46 56.36
CA ASP F 251 8.56 17.91 56.29
C ASP F 251 8.68 18.51 54.86
N LYS F 252 9.28 17.86 53.85
CA LYS F 252 9.21 18.34 52.47
C LYS F 252 10.05 19.62 52.19
N VAL F 259 18.36 24.34 47.27
CA VAL F 259 17.37 23.75 46.30
C VAL F 259 17.82 23.94 44.85
N ASP F 260 17.97 22.87 44.09
CA ASP F 260 18.33 22.99 42.67
C ASP F 260 17.08 22.72 41.86
N TYR F 261 16.52 23.77 41.23
CA TYR F 261 15.23 23.71 40.54
C TYR F 261 15.28 22.81 39.30
N ASN F 262 16.51 22.55 38.81
CA ASN F 262 16.71 21.76 37.61
C ASN F 262 17.22 20.35 37.92
N SER F 263 17.40 19.97 39.20
CA SER F 263 17.59 18.55 39.49
C SER F 263 16.23 17.84 39.53
N ILE F 264 16.27 16.50 39.50
CA ILE F 264 15.04 15.72 39.39
C ILE F 264 14.74 14.98 40.71
N GLU F 265 15.68 14.99 41.67
CA GLU F 265 15.56 14.20 42.89
C GLU F 265 15.13 15.10 44.06
N GLY F 266 14.47 14.54 45.09
CA GLY F 266 14.17 15.25 46.31
C GLY F 266 12.91 16.14 46.21
N PHE F 267 12.53 16.63 47.39
CA PHE F 267 11.51 17.66 47.52
C PHE F 267 12.01 19.02 47.02
N LYS F 268 11.07 19.90 46.73
CA LYS F 268 11.26 21.28 46.35
C LYS F 268 10.05 21.96 46.95
N PRO F 269 10.02 23.30 47.09
CA PRO F 269 8.84 24.00 47.60
C PRO F 269 7.60 23.82 46.72
N SER F 270 6.44 23.76 47.36
CA SER F 270 5.18 23.64 46.66
C SER F 270 4.15 24.51 47.35
N LYS F 271 3.97 25.72 46.82
CA LYS F 271 3.02 26.71 47.32
C LYS F 271 1.65 26.09 47.54
N LEU F 272 1.19 25.22 46.64
CA LEU F 272 -0.17 24.71 46.72
C LEU F 272 -0.22 23.39 47.49
N GLY F 273 0.93 22.89 47.98
CA GLY F 273 0.97 21.62 48.69
C GLY F 273 0.73 20.40 47.80
N LEU F 274 1.18 20.45 46.55
CA LEU F 274 0.97 19.34 45.61
C LEU F 274 2.28 18.61 45.32
N TYR F 275 2.20 17.28 45.38
CA TYR F 275 3.33 16.40 45.15
C TYR F 275 2.89 15.12 44.44
N GLU F 276 3.83 14.50 43.72
CA GLU F 276 3.61 13.28 42.96
C GLU F 276 4.93 12.55 42.79
N THR F 277 4.91 11.26 43.10
CA THR F 277 5.98 10.36 42.69
C THR F 277 5.52 9.54 41.49
N ALA F 278 6.27 9.65 40.39
CA ALA F 278 6.10 8.75 39.29
C ALA F 278 7.03 7.55 39.52
N GLY F 279 6.44 6.36 39.30
CA GLY F 279 7.16 5.10 39.44
C GLY F 279 6.79 4.09 38.37
N THR F 280 7.48 2.94 38.41
CA THR F 280 7.31 1.87 37.46
C THR F 280 6.94 0.60 38.20
N ILE F 281 6.32 -0.34 37.47
CA ILE F 281 5.88 -1.59 38.02
C ILE F 281 7.06 -2.55 38.04
N ASN F 282 7.77 -2.68 36.93
CA ASN F 282 9.09 -3.25 36.97
C ASN F 282 10.07 -2.08 37.15
N ASP F 283 11.22 -2.09 36.46
CA ASP F 283 12.27 -1.10 36.63
C ASP F 283 12.47 -0.27 35.38
N SER F 284 11.58 -0.38 34.37
CA SER F 284 11.78 0.36 33.13
C SER F 284 10.51 1.18 32.91
N TRP F 285 10.73 2.26 32.17
CA TRP F 285 9.66 3.14 31.77
C TRP F 285 9.11 2.59 30.46
N GLY F 286 9.95 2.57 29.43
CA GLY F 286 9.58 1.90 28.19
C GLY F 286 9.60 0.37 28.38
N PHE F 287 8.76 -0.31 27.61
CA PHE F 287 8.76 -1.77 27.57
C PHE F 287 10.18 -2.32 27.34
N ALA F 288 10.58 -3.28 28.17
CA ALA F 288 11.84 -3.98 28.04
C ALA F 288 11.62 -5.49 28.18
N TYR F 289 11.98 -6.24 27.11
CA TYR F 289 11.73 -7.70 27.10
C TYR F 289 12.36 -8.35 28.37
N HIS F 290 13.62 -7.95 28.64
CA HIS F 290 14.46 -8.53 29.65
C HIS F 290 13.94 -8.27 31.07
N ASP F 291 13.13 -7.24 31.31
CA ASP F 291 12.83 -6.84 32.67
C ASP F 291 11.56 -7.53 33.16
N GLN F 292 11.77 -8.55 33.96
CA GLN F 292 10.71 -9.31 34.61
C GLN F 292 10.71 -9.07 36.11
N ASN F 293 11.35 -7.99 36.59
CA ASN F 293 11.34 -7.71 38.02
C ASN F 293 10.11 -6.87 38.43
N TRP F 294 8.91 -7.46 38.27
CA TRP F 294 7.64 -6.79 38.49
C TRP F 294 7.42 -6.74 40.00
N LYS F 295 7.10 -5.57 40.54
CA LYS F 295 6.74 -5.48 41.95
C LYS F 295 5.45 -6.25 42.18
N SER F 296 5.35 -6.82 43.37
CA SER F 296 4.19 -7.57 43.80
C SER F 296 2.99 -6.64 44.04
N PRO F 297 1.77 -7.19 44.06
CA PRO F 297 0.59 -6.43 44.50
C PRO F 297 0.81 -5.75 45.85
N GLN F 298 1.40 -6.48 46.80
CA GLN F 298 1.61 -5.95 48.13
C GLN F 298 2.53 -4.73 48.09
N THR F 299 3.64 -4.77 47.34
CA THR F 299 4.56 -3.64 47.27
C THR F 299 3.85 -2.43 46.68
N ILE F 300 3.11 -2.65 45.60
CA ILE F 300 2.41 -1.56 44.95
C ILE F 300 1.41 -0.94 45.93
N HIS F 301 0.65 -1.79 46.61
CA HIS F 301 -0.33 -1.31 47.59
C HIS F 301 0.35 -0.49 48.68
N ASP F 302 1.48 -0.97 49.18
CA ASP F 302 2.18 -0.34 50.29
C ASP F 302 2.82 0.97 49.85
N TYR F 303 3.39 1.01 48.64
CA TYR F 303 3.93 2.27 48.12
C TYR F 303 2.83 3.31 48.00
N LYS F 304 1.71 2.91 47.40
CA LYS F 304 0.59 3.84 47.28
C LYS F 304 0.11 4.36 48.65
N ALA F 305 -0.08 3.47 49.63
CA ALA F 305 -0.55 3.85 50.95
C ALA F 305 0.41 4.85 51.61
N HIS F 306 1.72 4.60 51.45
CA HIS F 306 2.75 5.41 52.08
C HIS F 306 2.77 6.81 51.48
N LEU F 307 2.88 6.86 50.15
CA LEU F 307 2.84 8.13 49.46
C LEU F 307 1.57 8.90 49.83
N ASN F 308 0.41 8.25 49.74
CA ASN F 308 -0.86 8.93 49.88
C ASN F 308 -1.03 9.46 51.31
N LYS F 309 -0.62 8.73 52.33
CA LYS F 309 -0.85 9.25 53.65
C LYS F 309 0.04 10.47 53.91
N TYR F 310 1.09 10.73 53.16
CA TYR F 310 1.79 12.00 53.29
C TYR F 310 1.35 13.02 52.22
N GLY F 311 0.21 12.83 51.56
CA GLY F 311 -0.32 13.75 50.55
C GLY F 311 0.48 13.79 49.25
N ILE F 312 1.09 12.66 48.87
CA ILE F 312 1.80 12.52 47.62
C ILE F 312 1.02 11.54 46.73
N ASN F 313 0.76 11.97 45.50
CA ASN F 313 0.14 11.13 44.49
C ASN F 313 1.11 10.09 43.95
N TYR F 314 0.56 8.95 43.53
CA TYR F 314 1.34 7.86 42.95
C TYR F 314 0.97 7.72 41.49
N LEU F 315 1.88 8.11 40.61
CA LEU F 315 1.66 8.02 39.18
C LEU F 315 2.43 6.80 38.68
N LEU F 316 1.71 5.70 38.40
CA LEU F 316 2.34 4.41 38.18
C LEU F 316 2.28 4.04 36.70
N ASN F 317 3.48 3.82 36.18
CA ASN F 317 3.70 3.73 34.75
C ASN F 317 3.50 2.30 34.23
N VAL F 318 2.89 2.23 33.05
CA VAL F 318 2.85 1.06 32.19
C VAL F 318 3.65 1.40 30.91
N GLY F 319 4.59 0.53 30.56
CA GLY F 319 5.21 0.60 29.25
C GLY F 319 4.57 -0.38 28.27
N LEU F 320 3.76 0.15 27.33
CA LEU F 320 3.09 -0.72 26.39
C LEU F 320 4.11 -1.43 25.47
N ASP F 321 3.78 -2.68 25.06
CA ASP F 321 4.65 -3.43 24.16
C ASP F 321 4.45 -2.96 22.71
N GLY F 322 5.21 -3.57 21.80
CA GLY F 322 5.25 -3.17 20.40
C GLY F 322 3.90 -3.45 19.69
N LEU F 323 3.02 -4.29 20.29
CA LEU F 323 1.69 -4.52 19.74
C LEU F 323 0.61 -3.65 20.37
N GLY F 324 1.02 -2.76 21.29
CA GLY F 324 0.15 -1.79 21.90
C GLY F 324 -0.48 -2.35 23.18
N ARG F 325 0.08 -3.39 23.78
CA ARG F 325 -0.55 -4.08 24.90
C ARG F 325 0.07 -3.70 26.22
N VAL F 326 -0.76 -3.75 27.25
CA VAL F 326 -0.33 -3.76 28.63
C VAL F 326 0.26 -5.14 28.88
N PRO F 327 1.54 -5.27 29.28
CA PRO F 327 2.06 -6.60 29.57
C PRO F 327 1.17 -7.26 30.60
N MET F 328 0.98 -8.57 30.44
CA MET F 328 0.13 -9.31 31.32
C MET F 328 0.61 -9.16 32.77
N ALA F 329 1.93 -9.26 33.03
CA ALA F 329 2.40 -9.18 34.41
C ALA F 329 2.12 -7.77 35.01
N ALA F 330 2.02 -6.74 34.17
CA ALA F 330 1.72 -5.41 34.68
C ALA F 330 0.26 -5.35 35.10
N GLU F 331 -0.60 -5.86 34.22
CA GLU F 331 -2.03 -5.86 34.47
C GLU F 331 -2.33 -6.67 35.74
N GLN F 332 -1.70 -7.84 35.85
CA GLN F 332 -1.91 -8.70 37.02
C GLN F 332 -1.43 -7.98 38.28
N ALA F 333 -0.27 -7.27 38.24
CA ALA F 333 0.20 -6.58 39.42
C ALA F 333 -0.79 -5.46 39.84
N LEU F 334 -1.28 -4.70 38.86
CA LEU F 334 -2.21 -3.60 39.17
C LEU F 334 -3.52 -4.16 39.74
N LEU F 335 -4.06 -5.24 39.14
CA LEU F 335 -5.35 -5.74 39.59
C LEU F 335 -5.20 -6.42 40.94
N GLY F 336 -4.00 -6.98 41.21
CA GLY F 336 -3.71 -7.57 42.51
C GLY F 336 -3.65 -6.52 43.61
N ALA F 337 -2.98 -5.38 43.33
CA ALA F 337 -2.94 -4.27 44.28
C ALA F 337 -4.34 -3.75 44.58
N ARG F 338 -5.16 -3.54 43.53
CA ARG F 338 -6.55 -3.17 43.69
C ARG F 338 -7.29 -4.12 44.65
N ALA F 339 -7.08 -5.43 44.48
CA ALA F 339 -7.78 -6.42 45.29
C ALA F 339 -7.40 -6.30 46.75
N LEU F 340 -6.24 -5.72 47.09
CA LEU F 340 -5.81 -5.59 48.47
C LEU F 340 -6.45 -4.37 49.14
N GLU F 341 -7.30 -3.59 48.47
CA GLU F 341 -7.80 -2.41 49.15
C GLU F 341 -9.09 -2.62 49.92
N ALA F 342 -9.52 -3.88 50.03
CA ALA F 342 -10.77 -4.28 50.67
C ALA F 342 -11.91 -3.91 49.69
C1 EDO G . -48.04 22.48 -7.18
O1 EDO G . -47.77 23.04 -5.95
C2 EDO G . -46.84 21.94 -7.84
O2 EDO G . -46.74 22.34 -9.19
C1 EDO H . -5.08 4.76 4.29
O1 EDO H . -5.17 6.19 4.47
C2 EDO H . -6.22 4.23 3.52
O2 EDO H . -5.69 3.41 2.48
C1 FUC I . -31.38 18.44 6.18
C2 FUC I . -30.53 17.25 6.34
C3 FUC I . -30.71 16.36 5.14
C4 FUC I . -30.22 17.01 3.82
C5 FUC I . -31.24 18.13 3.72
C6 FUC I . -31.21 19.16 2.59
O1 FUC I . -32.79 18.45 6.49
O2 FUC I . -30.81 16.82 7.69
O3 FUC I . -29.95 15.26 5.50
O4 FUC I . -28.81 17.56 3.73
O5 FUC I . -31.02 18.90 4.90
C TRS J . -0.68 11.85 4.65
C1 TRS J . -1.35 11.72 6.01
C2 TRS J . 0.74 12.40 4.78
C3 TRS J . -1.53 12.68 3.70
N TRS J . -0.55 10.49 4.07
O1 TRS J . -2.69 11.23 5.97
O2 TRS J . 1.56 11.61 5.60
O3 TRS J . -0.93 12.85 2.41
C1 EDO K . 28.74 -25.01 -24.08
O1 EDO K . 29.18 -23.76 -24.48
C2 EDO K . 30.01 -25.78 -23.83
O2 EDO K . 29.95 -27.16 -24.16
C1 FUC L . 23.91 -11.15 -26.24
C2 FUC L . 23.55 -10.45 -24.86
C3 FUC L . 23.21 -9.00 -24.98
C4 FUC L . 22.00 -8.83 -25.85
C5 FUC L . 22.45 -9.46 -27.18
C6 FUC L . 21.53 -9.39 -28.39
O1 FUC L . 25.09 -11.00 -27.14
O2 FUC L . 24.47 -10.76 -23.80
O3 FUC L . 22.81 -8.63 -23.68
O4 FUC L . 20.73 -9.37 -25.21
O5 FUC L . 22.71 -10.84 -26.95
C1 EDO M . -22.12 -42.39 -25.14
O1 EDO M . -22.92 -41.28 -24.91
C2 EDO M . -21.41 -42.35 -26.45
O2 EDO M . -20.15 -41.73 -26.37
C1 FUC N . -27.37 -18.03 -17.42
C2 FUC N . -26.51 -16.74 -17.32
C3 FUC N . -27.34 -15.90 -16.39
C4 FUC N . -27.15 -16.40 -14.93
C5 FUC N . -28.20 -17.50 -15.05
C6 FUC N . -28.42 -18.41 -13.86
O1 FUC N . -28.55 -18.28 -18.27
O2 FUC N . -26.22 -16.23 -18.66
O3 FUC N . -27.27 -14.52 -16.69
O4 FUC N . -25.92 -17.01 -14.33
O5 FUC N . -27.78 -18.40 -16.10
C TRS O . 0.63 -11.73 -4.70
C1 TRS O . 0.52 -11.56 -6.22
C2 TRS O . 1.97 -12.41 -4.35
C3 TRS O . -0.51 -12.52 -4.07
N TRS O . 0.63 -10.37 -4.08
O1 TRS O . -0.77 -11.09 -6.56
O2 TRS O . 3.12 -11.65 -4.71
O3 TRS O . -0.29 -12.72 -2.66
N1 IMD P . -4.58 -26.01 1.80
C2 IMD P . -4.89 -26.61 0.58
N3 IMD P . -6.22 -26.62 0.41
C4 IMD P . -6.80 -26.03 1.50
C5 IMD P . -5.78 -25.65 2.34
C1 FUC Q . 6.92 -30.61 19.69
C2 FUC Q . 6.15 -29.23 19.68
C3 FUC Q . 7.01 -28.33 20.57
C4 FUC Q . 8.32 -27.97 19.83
C5 FUC Q . 9.02 -29.33 20.10
C6 FUC Q . 10.49 -29.52 19.80
O1 FUC Q . 6.88 -31.60 20.81
O2 FUC Q . 4.77 -29.50 20.05
O3 FUC Q . 6.29 -27.31 21.27
O4 FUC Q . 8.37 -27.50 18.34
O5 FUC Q . 8.31 -30.33 19.35
C1 GOL R . -4.63 26.97 -1.77
O1 GOL R . -5.75 27.71 -2.21
C2 GOL R . -3.83 26.57 -2.97
O2 GOL R . -2.42 26.35 -2.81
C3 GOL R . -4.47 25.37 -3.59
O3 GOL R . -4.41 25.63 -4.97
C1 EDO S . 29.33 11.79 2.98
O1 EDO S . 28.83 12.57 4.05
C2 EDO S . 28.25 11.10 2.15
O2 EDO S . 28.66 10.67 0.86
C1 FUC T . 14.63 30.50 -15.66
C2 FUC T . 13.87 29.17 -15.82
C3 FUC T . 14.80 28.06 -16.26
C4 FUC T . 15.79 27.80 -15.10
C5 FUC T . 16.64 29.08 -15.22
C6 FUC T . 17.80 29.28 -14.26
O1 FUC T . 14.97 31.34 -16.77
O2 FUC T . 12.74 29.43 -16.65
O3 FUC T . 14.09 26.91 -16.66
O4 FUC T . 15.22 27.50 -13.75
O5 FUC T . 15.86 30.27 -15.01
N1 IMD U . 6.50 -6.23 18.51
C2 IMD U . 7.30 -7.13 17.91
N3 IMD U . 7.12 -7.01 16.60
C4 IMD U . 6.18 -6.04 16.32
C5 IMD U . 5.79 -5.59 17.54
C1 FUC V . 13.18 10.85 33.10
C2 FUC V . 13.31 10.15 31.69
C3 FUC V . 12.88 8.71 31.77
C4 FUC V . 11.40 8.63 32.03
C5 FUC V . 11.35 9.24 33.45
C6 FUC V . 10.03 9.26 34.18
O1 FUC V . 13.99 10.67 34.32
O2 FUC V . 14.61 10.35 31.11
O3 FUC V . 13.21 8.01 30.59
O4 FUC V . 10.47 9.19 30.97
O5 FUC V . 11.82 10.60 33.44
#